data_8GFT
#
_entry.id   8GFT
#
_cell.length_a   1.00
_cell.length_b   1.00
_cell.length_c   1.00
_cell.angle_alpha   90.00
_cell.angle_beta   90.00
_cell.angle_gamma   90.00
#
_symmetry.space_group_name_H-M   'P 1'
#
loop_
_entity.id
_entity.type
_entity.pdbx_description
1 polymer 'Heat shock protein HSP 90-beta'
2 polymer 'Hsp90 co-chaperone Cdc37, N-terminally processed'
3 polymer 'RAF proto-oncogene serine/threonine-protein kinase'
4 polymer 'Serine/threonine-protein phosphatase 5'
5 non-polymer "ADENOSINE-5'-DIPHOSPHATE"
6 non-polymer 'MAGNESIUM ION'
7 non-polymer 'POTASSIUM ION'
8 non-polymer "ADENOSINE-5'-TRIPHOSPHATE"
9 non-polymer 'MANGANESE (II) ION'
#
loop_
_entity_poly.entity_id
_entity_poly.type
_entity_poly.pdbx_seq_one_letter_code
_entity_poly.pdbx_strand_id
1 'polypeptide(L)'
;GPGMPEEVHHGEEEVETFAFQAEIAQLMSLIINTFYSNKEIFLRELISNASDALDKIRYESLTDPSKLDSGKELKIDIIP
NPQERTLTLVDTGIGMTKADLINNLGTIAKSGTKAFMEALQAGADISMIGQFGVGFYSAYLVAEKVVVITKHNDDEQYAW
ESSAGGSFTVRADHGEPIGRGTKVILHLKEDQTEYLEERRVKEVVKKHSQFIGYPITLYLEKEREKEISDDEAEEEKGEK
EEEDKDDEEKPKIEDVGSDEEDDSGKDKKKKTKKIKEKYIDQEELNKTKPIWTRNPDDITQEEYGEFYKSLTNDWEDHLA
VKHFSVEGQLEFRALLFIPRRAPFDLFENKKKKNNIKLYVRRVFIMDSCDELIPEYLNFIRGVVDSEDLPLNISREMLQQ
SKILKVIRKNIVKKCLELFSELAEDKENYKKFYEAFSKNLKLGIHEDSTNRRRLSELLRYHTSQSGDEMTSLSEYVSRMK
ETQKSIYYITGESKEQVANSAFVERVRKRGFEVVYMTEPIDEYCVQQLKEFDGKSLVSVTKEGLELPEDEEEKKKMEESK
AKFENLCKLMKEILDKKVEKVTISNRLVSSPCCIVTSTYGWTANMERIMKAQALRDNSTMGYMMAKKHLEINPDHPIVET
LRQKAEADKNDKAVKDLVVLLFETALLSSGFSLEDPQTHSNRIYRMIKLGLGIDEDEVAAEEPNAAVPDEIPPLEGDEDA
SRMEEVD
;
A,B
2 'polypeptide(L)'
;MVDYSVWDHIEV(SEP)DDEDETHPNIDTASLFRWRHQARVERMEQFQKEKEELDRGCRECKRKVAECQRKLKELEVAEG
GKAELERLQAEAQQLRKEERSWEQKLEEMRKKEKSMPWNVDTLSKDGFSKSMVNTKPEKTEEDSEEVREQKHKTFVEKYE
KQIKHFGMLRRWDDSQKYLSDNVHLVCEETANYLVIWCIDLEVEEKCALMEQVAHQTIVMQFILELAKSLKVDPRACFRQ
FFTKIKTADRQYMEGFNDELEAFKERVRGRAKLRIEKAMKEYEEEERKKRLGPGGLDPVEVYESLPEELQKCFDVKDVQM
LQDAISKMDPTDAKYHMQRCIDSGLWVPNSKASEAKEGEEAGPGDPLLEAVPKTGDEKDVSVLEVLFQ
;
C
3 'polypeptide(L)'
;GGRDSSYYWEIEASEVMLSTRIGSGSFGTVYKGKWHGDVAVKILKVVDPTPEQFQAFRNEVAVLRKTRHVNILLFMGYMT
KDNLAIVTQWCEGSSLYKHLHVQETKFQMFQLIDIARQTAQGMDYLHAKNIIHRDMKSNNIFLHEGLTVKIGDFGLATVK
SRWSGSQQVEQPTGSVLWMAPEVIRMQDNNPFSFQSDVYSYGIVLYELMTGELPYSHINNRDQIIFMVGRGYASPDLSKL
YKNCPKAMKRLVADCVKKVKEERPLFPQILSSIELLQHSLPKINRLPESGWSHPQFEKLEVLFQ
;
D
4 'polypeptide(L)'
;GPGSMAMAEGERTECAEPPRDEPPADGALKRAEELKTQANDYFKAKDYENAIKFYSQAIELNPSNAIYYGNRSLAYLRTE
CYGYALGDATRAIELDKKYIKGYYRRAASNMALGKFRAALRDYETVVKVKPHDKDAKMKYQECNKIVKQKAFERAIAGDE
HKRSVVDSLDIESMTIEDEYSGPKLEDGKVTISFMKELMQWYKDQKKLHRKCAYQILVQVKEVLSKLSTLVETTLKETEK
ITVCGDTHGQFYDLLNIFELNGLPSETNPYIFNGDFVDRGSFSVEVILTLFGFKLLYPDHFHLLRGNAETDNMNQIYGFE
GEVKAKYTAQMYELFSEVFEWLPLAQCINGKVLIMHGGLFSEDGVTLDDIRKIERNRQPPDSGPMCDLLWSDPQPQNGRS
ISKRGVSCQFGPDVTKAFLEENNLDYIIRSHEVKAEGYEVAHGGRCVTVFSAPNYCDQMGNKASYIHLQGSDLRPQFHQF
TAVPHPNVKPMAYANTLLQLGMM
;
E
#
loop_
_chem_comp.id
_chem_comp.type
_chem_comp.name
_chem_comp.formula
ADP non-polymer ADENOSINE-5'-DIPHOSPHATE 'C10 H15 N5 O10 P2'
ATP non-polymer ADENOSINE-5'-TRIPHOSPHATE 'C10 H16 N5 O13 P3'
K non-polymer 'POTASSIUM ION' 'K 1'
MG non-polymer 'MAGNESIUM ION' 'Mg 2'
MN non-polymer 'MANGANESE (II) ION' 'Mn 2'
#
# COMPACT_ATOMS: atom_id res chain seq x y z
N GLU A 13 70.23 24.63 10.72
CA GLU A 13 70.15 25.73 11.69
C GLU A 13 68.96 26.67 11.36
N GLU A 14 69.12 27.52 10.33
CA GLU A 14 68.13 28.49 9.86
C GLU A 14 66.94 27.81 9.22
N VAL A 15 65.73 28.30 9.45
CA VAL A 15 64.49 27.73 8.88
C VAL A 15 63.66 28.80 8.23
N GLU A 16 63.04 28.50 7.10
CA GLU A 16 62.31 29.50 6.32
C GLU A 16 60.81 29.34 6.51
N THR A 17 60.14 30.42 6.92
CA THR A 17 58.69 30.45 7.12
C THR A 17 58.01 31.17 5.97
N PHE A 18 56.96 30.59 5.42
CA PHE A 18 56.17 31.13 4.31
C PHE A 18 54.70 31.22 4.71
N ALA A 19 53.95 32.18 4.19
CA ALA A 19 52.49 32.15 4.29
C ALA A 19 51.92 31.19 3.24
N PHE A 20 50.83 30.48 3.55
CA PHE A 20 50.10 29.76 2.52
C PHE A 20 49.58 30.72 1.46
N GLN A 21 49.69 30.28 0.21
CA GLN A 21 49.24 30.93 -1.02
C GLN A 21 48.00 30.23 -1.58
N ALA A 22 47.40 30.77 -2.63
CA ALA A 22 46.33 30.12 -3.39
C ALA A 22 46.44 30.41 -4.89
N GLU A 23 46.13 29.44 -5.76
CA GLU A 23 46.02 29.65 -7.20
C GLU A 23 44.60 30.11 -7.58
N ILE A 24 44.35 31.41 -7.72
CA ILE A 24 43.02 31.97 -7.93
C ILE A 24 42.35 31.44 -9.20
N ALA A 25 43.10 31.33 -10.29
CA ALA A 25 42.56 30.89 -11.58
C ALA A 25 42.02 29.45 -11.55
N GLN A 26 42.54 28.57 -10.69
CA GLN A 26 42.01 27.22 -10.50
C GLN A 26 41.02 27.15 -9.33
N LEU A 27 41.24 27.90 -8.26
CA LEU A 27 40.33 27.94 -7.12
C LEU A 27 38.92 28.37 -7.55
N MET A 28 38.83 29.32 -8.47
CA MET A 28 37.56 29.77 -9.00
C MET A 28 36.89 28.65 -9.76
N SER A 29 37.68 27.87 -10.51
CA SER A 29 37.07 26.78 -11.25
C SER A 29 36.50 25.74 -10.32
N LEU A 30 37.16 25.45 -9.20
CA LEU A 30 36.61 24.46 -8.30
C LEU A 30 35.31 24.96 -7.71
N ILE A 31 35.24 26.23 -7.37
CA ILE A 31 34.00 26.69 -6.77
C ILE A 31 32.85 26.52 -7.70
N ILE A 32 33.05 26.90 -8.93
CA ILE A 32 31.96 26.81 -9.87
C ILE A 32 31.60 25.39 -10.28
N ASN A 33 32.57 24.52 -10.57
CA ASN A 33 32.21 23.18 -11.03
C ASN A 33 32.16 22.01 -10.04
N THR A 34 32.81 22.08 -8.89
CA THR A 34 32.81 20.92 -8.01
C THR A 34 32.10 21.10 -6.67
N PHE A 35 31.60 22.25 -6.25
CA PHE A 35 30.96 22.51 -4.97
C PHE A 35 29.47 22.17 -4.92
N TYR A 36 28.75 22.46 -6.00
CA TYR A 36 27.28 22.50 -5.99
C TYR A 36 26.67 21.44 -6.92
N SER A 37 25.77 20.60 -6.42
CA SER A 37 25.25 19.46 -7.19
C SER A 37 24.15 19.84 -8.19
N ASN A 38 23.34 20.85 -7.87
CA ASN A 38 22.12 21.20 -8.60
C ASN A 38 22.13 22.69 -8.95
N LYS A 39 21.99 23.04 -10.23
CA LYS A 39 22.12 24.45 -10.68
C LYS A 39 21.02 25.37 -10.18
N GLU A 40 19.87 24.86 -9.76
CA GLU A 40 18.78 25.67 -9.20
C GLU A 40 19.19 26.53 -8.00
N ILE A 41 20.26 26.14 -7.31
CA ILE A 41 20.75 26.75 -6.08
C ILE A 41 21.08 28.23 -6.22
N PHE A 42 21.39 28.76 -7.40
CA PHE A 42 21.79 30.16 -7.52
C PHE A 42 20.73 31.14 -6.99
N LEU A 43 19.44 30.85 -7.19
CA LEU A 43 18.35 31.67 -6.64
C LEU A 43 18.32 31.60 -5.13
N ARG A 44 18.60 30.45 -4.53
CA ARG A 44 18.75 30.36 -3.07
C ARG A 44 19.88 31.28 -2.60
N GLU A 45 21.05 31.25 -3.23
CA GLU A 45 22.18 32.06 -2.79
C GLU A 45 21.94 33.56 -2.98
N LEU A 46 21.38 33.99 -4.10
CA LEU A 46 21.14 35.41 -4.34
C LEU A 46 20.03 35.96 -3.42
N ILE A 47 18.90 35.26 -3.28
CA ILE A 47 17.82 35.68 -2.37
C ILE A 47 18.30 35.64 -0.91
N SER A 48 19.05 34.61 -0.52
CA SER A 48 19.67 34.55 0.80
C SER A 48 20.57 35.76 1.05
N ASN A 49 21.40 36.17 0.10
CA ASN A 49 22.23 37.35 0.29
C ASN A 49 21.37 38.61 0.37
N ALA A 50 20.31 38.73 -0.43
CA ALA A 50 19.40 39.86 -0.35
C ALA A 50 18.76 39.97 1.05
N SER A 51 18.36 38.85 1.65
CA SER A 51 17.81 38.85 3.00
C SER A 51 18.79 39.42 4.03
N ASP A 52 20.07 39.06 3.97
CA ASP A 52 21.09 39.71 4.80
C ASP A 52 21.11 41.21 4.56
N ALA A 53 21.13 41.67 3.32
CA ALA A 53 21.25 43.08 3.04
C ALA A 53 20.06 43.89 3.53
N LEU A 54 18.86 43.31 3.57
CA LEU A 54 17.68 43.89 4.18
C LEU A 54 17.79 43.90 5.71
N ASP A 55 18.19 42.83 6.37
CA ASP A 55 18.44 42.73 7.79
C ASP A 55 19.35 43.83 8.28
N LYS A 56 20.45 44.03 7.54
CA LYS A 56 21.47 44.99 7.98
C LYS A 56 20.92 46.40 8.04
N ILE A 57 20.18 46.87 7.05
CA ILE A 57 19.62 48.21 7.19
C ILE A 57 18.55 48.26 8.27
N ARG A 58 17.68 47.25 8.35
CA ARG A 58 16.63 47.20 9.36
C ARG A 58 17.19 47.35 10.77
N TYR A 59 18.30 46.68 11.04
CA TYR A 59 18.99 46.78 12.31
C TYR A 59 19.52 48.19 12.59
N GLU A 60 20.11 48.86 11.61
CA GLU A 60 20.61 50.22 11.82
C GLU A 60 19.48 51.25 11.94
N SER A 61 18.43 51.14 11.13
CA SER A 61 17.31 52.07 11.18
C SER A 61 16.60 52.04 12.53
N LEU A 62 16.71 50.92 13.26
CA LEU A 62 16.15 50.78 14.61
C LEU A 62 16.70 51.81 15.58
N THR A 63 17.91 52.31 15.38
CA THR A 63 18.55 53.32 16.24
C THR A 63 18.83 54.64 15.53
N ASP A 64 18.99 54.65 14.20
CA ASP A 64 19.13 55.85 13.37
C ASP A 64 18.01 55.92 12.30
N PRO A 65 16.81 56.43 12.62
CA PRO A 65 15.66 56.34 11.71
C PRO A 65 15.85 57.03 10.35
N SER A 66 16.71 58.05 10.31
CA SER A 66 17.08 58.76 9.08
C SER A 66 17.72 57.87 8.01
N LYS A 67 18.25 56.70 8.37
CA LYS A 67 18.79 55.71 7.43
C LYS A 67 17.79 55.31 6.35
N LEU A 68 16.49 55.32 6.65
CA LEU A 68 15.41 54.99 5.73
C LEU A 68 14.95 56.15 4.85
N ASP A 69 15.46 57.36 5.01
CA ASP A 69 15.00 58.54 4.25
C ASP A 69 15.23 58.42 2.73
N SER A 70 16.24 57.64 2.32
CA SER A 70 16.48 57.25 0.93
C SER A 70 15.49 56.18 0.45
N GLY A 71 14.77 55.55 1.40
CA GLY A 71 13.54 54.82 1.17
C GLY A 71 13.09 53.84 2.25
N LYS A 72 11.77 53.83 2.49
CA LYS A 72 11.10 53.14 3.59
C LYS A 72 10.88 51.64 3.36
N GLU A 73 10.55 51.23 2.14
CA GLU A 73 10.11 49.86 1.89
C GLU A 73 11.25 48.84 1.89
N LEU A 74 11.05 47.67 2.50
CA LEU A 74 11.99 46.55 2.46
C LEU A 74 11.39 45.41 1.61
N LYS A 75 11.96 45.12 0.44
CA LYS A 75 11.39 44.15 -0.53
C LYS A 75 12.44 43.50 -1.42
N ILE A 76 12.08 42.40 -2.08
CA ILE A 76 12.90 41.72 -3.08
C ILE A 76 12.07 41.57 -4.35
N ASP A 77 12.64 41.87 -5.51
CA ASP A 77 11.98 41.77 -6.82
C ASP A 77 12.74 40.86 -7.77
N ILE A 78 12.07 39.89 -8.40
CA ILE A 78 12.65 39.05 -9.46
C ILE A 78 12.06 39.43 -10.80
N ILE A 79 12.90 39.75 -11.78
CA ILE A 79 12.46 40.29 -13.07
C ILE A 79 13.17 39.56 -14.23
N PRO A 80 12.58 38.52 -14.80
CA PRO A 80 13.07 37.95 -16.04
C PRO A 80 12.85 38.93 -17.19
N ASN A 81 13.72 38.88 -18.19
CA ASN A 81 13.56 39.61 -19.44
C ASN A 81 13.99 38.69 -20.61
N PRO A 82 13.03 37.97 -21.20
CA PRO A 82 13.29 37.05 -22.31
C PRO A 82 13.92 37.69 -23.55
N GLN A 83 13.80 38.93 -23.81
CA GLN A 83 14.29 39.72 -24.88
C GLN A 83 15.80 39.91 -24.78
N GLU A 84 16.32 40.17 -23.57
CA GLU A 84 17.74 40.39 -23.29
C GLU A 84 18.44 39.09 -22.92
N ARG A 85 17.66 38.05 -22.64
CA ARG A 85 18.12 36.83 -21.98
C ARG A 85 18.76 37.14 -20.61
N THR A 86 18.18 38.08 -19.87
CA THR A 86 18.66 38.48 -18.55
C THR A 86 17.65 38.18 -17.45
N LEU A 87 18.17 37.90 -16.26
CA LEU A 87 17.39 37.79 -15.05
C LEU A 87 17.93 38.79 -14.05
N THR A 88 17.05 39.61 -13.49
CA THR A 88 17.39 40.64 -12.51
C THR A 88 16.85 40.29 -11.15
N LEU A 89 17.66 40.41 -10.10
CA LEU A 89 17.21 40.44 -8.71
C LEU A 89 17.44 41.84 -8.16
N VAL A 90 16.42 42.49 -7.62
CA VAL A 90 16.51 43.86 -7.10
C VAL A 90 16.10 43.81 -5.66
N ASP A 91 16.76 44.59 -4.82
CA ASP A 91 16.36 44.72 -3.45
C ASP A 91 16.68 46.13 -2.96
N THR A 92 15.79 46.70 -2.16
CA THR A 92 16.22 47.71 -1.20
C THR A 92 17.11 47.01 -0.16
N GLY A 93 17.70 47.71 0.78
CA GLY A 93 18.70 47.10 1.67
C GLY A 93 19.82 48.08 1.94
N ILE A 94 20.94 47.60 2.47
CA ILE A 94 22.03 48.48 2.84
C ILE A 94 22.87 48.98 1.64
N GLY A 95 23.08 48.17 0.60
CA GLY A 95 23.99 48.52 -0.51
C GLY A 95 25.48 48.44 -0.11
N MET A 96 26.40 48.88 -0.98
CA MET A 96 27.85 48.74 -0.75
C MET A 96 28.63 50.01 -1.13
N THR A 97 29.64 50.41 -0.35
CA THR A 97 30.58 51.45 -0.81
C THR A 97 31.44 50.94 -1.97
N LYS A 98 32.20 51.82 -2.61
CA LYS A 98 33.26 51.41 -3.55
C LYS A 98 34.23 50.43 -2.88
N ALA A 99 34.75 50.75 -1.70
CA ALA A 99 35.69 49.87 -1.02
C ALA A 99 35.08 48.51 -0.63
N ASP A 100 33.81 48.45 -0.26
CA ASP A 100 33.06 47.27 0.06
C ASP A 100 32.95 46.34 -1.13
N LEU A 101 32.64 46.88 -2.31
CA LEU A 101 32.68 46.09 -3.55
C LEU A 101 34.06 45.46 -3.77
N ILE A 102 35.14 46.23 -3.70
CA ILE A 102 36.49 45.68 -3.93
C ILE A 102 36.79 44.55 -2.93
N ASN A 103 36.53 44.74 -1.64
CA ASN A 103 36.86 43.73 -0.64
C ASN A 103 35.94 42.50 -0.69
N ASN A 104 34.62 42.65 -0.76
CA ASN A 104 33.74 41.51 -0.49
C ASN A 104 33.31 40.73 -1.72
N LEU A 105 33.12 41.37 -2.88
CA LEU A 105 32.89 40.64 -4.13
C LEU A 105 34.21 40.25 -4.80
N GLY A 106 35.27 41.03 -4.59
CA GLY A 106 36.60 40.74 -5.16
C GLY A 106 37.43 39.68 -4.44
N THR A 107 37.09 39.26 -3.23
CA THR A 107 37.90 38.32 -2.45
C THR A 107 37.14 37.02 -2.18
N ILE A 108 37.67 35.92 -2.68
CA ILE A 108 37.18 34.56 -2.40
C ILE A 108 37.34 34.23 -0.91
N ALA A 109 36.30 33.67 -0.28
CA ALA A 109 36.26 33.29 1.13
C ALA A 109 36.38 34.46 2.09
N LYS A 110 35.90 35.65 1.71
CA LYS A 110 35.70 36.79 2.62
C LYS A 110 34.23 37.17 2.65
N SER A 111 33.67 37.32 3.83
CA SER A 111 32.26 37.62 4.03
C SER A 111 32.08 38.95 4.74
N GLY A 112 31.37 39.90 4.13
CA GLY A 112 31.00 41.14 4.81
C GLY A 112 30.06 40.89 5.99
N THR A 113 29.21 39.86 5.89
CA THR A 113 28.25 39.51 6.90
C THR A 113 28.94 39.07 8.15
N LYS A 114 29.95 38.25 8.00
CA LYS A 114 30.62 37.78 9.19
C LYS A 114 31.18 38.94 9.96
N ALA A 115 31.83 39.86 9.27
CA ALA A 115 32.42 40.97 9.98
C ALA A 115 31.40 41.83 10.69
N PHE A 116 30.27 42.03 10.04
CA PHE A 116 29.21 42.82 10.60
C PHE A 116 28.73 42.23 11.89
N MET A 117 28.49 40.94 11.87
CA MET A 117 28.00 40.30 13.07
C MET A 117 28.99 40.32 14.19
N GLU A 118 30.28 40.29 13.86
CA GLU A 118 31.26 40.34 14.93
C GLU A 118 31.28 41.72 15.53
N ALA A 119 31.12 42.73 14.70
CA ALA A 119 31.10 44.08 15.21
C ALA A 119 29.93 44.28 16.17
N LEU A 120 28.72 43.84 15.86
CA LEU A 120 27.55 44.17 16.71
C LEU A 120 27.52 43.37 18.02
N GLN A 121 26.91 43.96 19.07
CA GLN A 121 27.19 43.63 20.48
C GLN A 121 25.95 43.15 21.25
N ALA A 122 26.16 42.27 22.23
CA ALA A 122 25.13 41.70 23.11
C ALA A 122 24.00 40.94 22.38
N GLY A 123 24.40 40.24 21.31
CA GLY A 123 23.71 39.06 20.76
C GLY A 123 22.25 39.33 20.48
N ALA A 124 22.01 40.29 19.61
CA ALA A 124 20.75 41.02 19.57
C ALA A 124 19.50 40.31 19.09
N ASP A 125 19.58 39.01 18.79
CA ASP A 125 18.60 38.27 17.98
C ASP A 125 18.48 38.78 16.53
N ILE A 126 19.34 39.69 16.07
CA ILE A 126 19.66 39.71 14.65
C ILE A 126 20.45 38.43 14.35
N SER A 127 19.94 37.69 13.40
CA SER A 127 20.46 36.41 12.94
C SER A 127 20.51 36.37 11.42
N MET A 128 21.72 36.36 10.88
CA MET A 128 21.99 36.49 9.45
C MET A 128 22.45 35.16 8.87
N ILE A 129 22.26 34.97 7.56
CA ILE A 129 22.52 33.66 6.98
C ILE A 129 23.82 33.55 6.22
N GLY A 130 24.75 32.79 6.57
CA GLY A 130 25.96 32.45 6.19
C GLY A 130 27.17 33.30 6.41
N GLN A 131 28.35 32.78 6.38
CA GLN A 131 29.65 33.25 6.68
C GLN A 131 30.84 32.81 5.79
N PHE A 132 30.63 32.04 4.73
CA PHE A 132 31.71 31.41 3.95
C PHE A 132 32.33 32.34 2.92
N GLY A 133 31.58 33.27 2.33
CA GLY A 133 32.13 34.08 1.26
C GLY A 133 32.26 33.35 -0.08
N VAL A 134 31.46 32.31 -0.33
CA VAL A 134 31.56 31.54 -1.54
C VAL A 134 30.36 31.63 -2.46
N GLY A 135 29.13 31.53 -1.94
CA GLY A 135 27.97 31.19 -2.72
C GLY A 135 27.44 32.12 -3.80
N PHE A 136 27.85 33.39 -3.75
CA PHE A 136 27.54 34.37 -4.78
C PHE A 136 28.05 33.93 -6.15
N TYR A 137 29.23 33.34 -6.20
CA TYR A 137 29.81 32.81 -7.42
C TYR A 137 29.00 31.67 -8.02
N SER A 138 28.06 31.08 -7.27
CA SER A 138 27.01 30.24 -7.81
C SER A 138 26.26 30.85 -8.97
N ALA A 139 26.20 32.18 -9.05
CA ALA A 139 25.61 32.85 -10.20
C ALA A 139 26.24 32.38 -11.51
N TYR A 140 27.55 32.13 -11.54
CA TYR A 140 28.24 31.66 -12.73
C TYR A 140 27.93 30.21 -13.11
N LEU A 141 27.16 29.47 -12.31
CA LEU A 141 26.58 28.21 -12.77
C LEU A 141 25.73 28.44 -14.03
N VAL A 142 24.91 29.49 -14.03
CA VAL A 142 23.90 29.81 -15.03
C VAL A 142 24.18 31.06 -15.84
N ALA A 143 24.96 32.00 -15.33
CA ALA A 143 25.28 33.27 -15.96
C ALA A 143 26.62 33.24 -16.71
N GLU A 144 26.68 33.82 -17.91
CA GLU A 144 27.95 34.03 -18.62
C GLU A 144 28.67 35.31 -18.17
N LYS A 145 27.89 36.32 -17.77
CA LYS A 145 28.37 37.59 -17.20
C LYS A 145 27.43 38.05 -16.11
N VAL A 146 27.95 38.60 -15.03
CA VAL A 146 27.16 39.14 -13.92
C VAL A 146 27.50 40.59 -13.69
N VAL A 147 26.50 41.44 -13.59
CA VAL A 147 26.63 42.87 -13.30
C VAL A 147 25.93 43.17 -11.98
N VAL A 148 26.56 43.89 -11.07
CA VAL A 148 25.96 44.34 -9.82
C VAL A 148 25.97 45.85 -9.77
N ILE A 149 24.80 46.48 -9.70
CA ILE A 149 24.63 47.93 -9.53
C ILE A 149 24.26 48.22 -8.09
N THR A 150 24.90 49.15 -7.40
CA THR A 150 24.66 49.34 -5.97
C THR A 150 24.82 50.79 -5.53
N LYS A 151 24.16 51.14 -4.42
CA LYS A 151 24.12 52.48 -3.82
C LYS A 151 23.99 52.34 -2.31
N HIS A 152 25.01 52.75 -1.55
CA HIS A 152 24.98 52.82 -0.07
C HIS A 152 24.50 54.22 0.38
N ASN A 153 23.99 54.37 1.60
CA ASN A 153 23.85 55.71 2.17
C ASN A 153 25.26 56.31 2.38
N ASP A 154 25.45 57.58 2.06
CA ASP A 154 26.75 58.26 2.08
C ASP A 154 27.86 57.55 1.27
N ASP A 155 27.51 57.09 0.07
CA ASP A 155 28.43 56.88 -1.06
C ASP A 155 27.68 57.06 -2.40
N GLU A 156 28.38 57.20 -3.51
CA GLU A 156 27.76 57.31 -4.84
C GLU A 156 27.21 55.97 -5.36
N GLN A 157 26.45 55.99 -6.46
CA GLN A 157 26.06 54.76 -7.15
C GLN A 157 27.24 54.21 -7.98
N TYR A 158 27.48 52.89 -7.90
CA TYR A 158 28.55 52.20 -8.61
C TYR A 158 28.02 50.97 -9.35
N ALA A 159 28.77 50.52 -10.35
CA ALA A 159 28.54 49.29 -11.07
C ALA A 159 29.79 48.39 -10.99
N TRP A 160 29.59 47.09 -10.83
CA TRP A 160 30.62 46.05 -10.78
C TRP A 160 30.28 45.00 -11.82
N GLU A 161 31.25 44.41 -12.49
CA GLU A 161 31.00 43.56 -13.65
C GLU A 161 32.08 42.52 -13.84
N SER A 162 31.71 41.24 -14.05
CA SER A 162 32.68 40.20 -14.39
C SER A 162 32.08 38.95 -15.03
N SER A 163 32.90 38.26 -15.80
CA SER A 163 32.73 36.92 -16.37
C SER A 163 33.65 35.87 -15.71
N ALA A 164 34.17 36.10 -14.50
CA ALA A 164 34.96 35.14 -13.72
C ALA A 164 36.17 34.68 -14.50
N GLY A 165 36.82 35.62 -15.19
CA GLY A 165 38.01 35.40 -15.98
C GLY A 165 39.30 35.76 -15.26
N GLY A 166 39.22 36.00 -13.97
CA GLY A 166 40.40 36.40 -13.20
C GLY A 166 40.44 37.87 -12.83
N SER A 167 39.70 38.70 -13.56
CA SER A 167 39.68 40.14 -13.42
C SER A 167 38.24 40.65 -13.51
N PHE A 168 37.91 41.65 -12.69
CA PHE A 168 36.59 42.26 -12.62
C PHE A 168 36.71 43.78 -12.70
N THR A 169 35.61 44.43 -13.06
CA THR A 169 35.63 45.81 -13.51
C THR A 169 34.60 46.64 -12.75
N VAL A 170 34.97 47.85 -12.36
CA VAL A 170 34.16 48.76 -11.55
C VAL A 170 34.06 50.12 -12.22
N ARG A 171 32.89 50.75 -12.13
CA ARG A 171 32.64 52.11 -12.65
C ARG A 171 31.79 52.90 -11.67
N ALA A 172 32.01 54.21 -11.56
CA ALA A 172 30.97 55.09 -11.08
C ALA A 172 29.81 55.10 -12.09
N ASP A 173 28.57 55.05 -11.61
CA ASP A 173 27.40 54.78 -12.44
C ASP A 173 26.44 55.97 -12.55
N HIS A 174 26.11 56.35 -13.77
CA HIS A 174 25.23 57.47 -14.11
C HIS A 174 23.92 57.03 -14.78
N GLY A 175 23.64 55.72 -14.82
CA GLY A 175 22.33 55.18 -15.19
C GLY A 175 21.23 55.56 -14.18
N GLU A 176 19.98 55.18 -14.48
CA GLU A 176 18.80 55.61 -13.72
C GLU A 176 18.93 55.30 -12.22
N PRO A 177 18.71 56.26 -11.31
CA PRO A 177 19.15 56.08 -9.92
C PRO A 177 18.22 55.16 -9.14
N ILE A 178 18.78 54.16 -8.46
CA ILE A 178 18.08 53.43 -7.39
C ILE A 178 18.18 54.25 -6.11
N GLY A 179 17.15 54.27 -5.27
CA GLY A 179 17.17 55.11 -4.07
C GLY A 179 18.24 54.65 -3.07
N ARG A 180 18.33 53.34 -2.88
CA ARG A 180 19.31 52.65 -2.05
C ARG A 180 19.30 51.17 -2.42
N GLY A 181 20.32 50.42 -2.02
CA GLY A 181 20.35 48.97 -2.08
C GLY A 181 21.13 48.48 -3.28
N THR A 182 20.67 47.39 -3.91
CA THR A 182 21.45 46.67 -4.91
C THR A 182 20.56 46.05 -5.96
N LYS A 183 21.09 45.90 -7.17
CA LYS A 183 20.46 45.22 -8.30
C LYS A 183 21.48 44.27 -8.93
N VAL A 184 21.19 42.98 -8.98
CA VAL A 184 22.07 41.95 -9.56
C VAL A 184 21.49 41.50 -10.89
N ILE A 185 22.24 41.62 -11.99
CA ILE A 185 21.77 41.25 -13.32
C ILE A 185 22.60 40.09 -13.85
N LEU A 186 21.96 38.99 -14.17
CA LEU A 186 22.58 37.85 -14.80
C LEU A 186 22.32 37.95 -16.29
N HIS A 187 23.35 37.87 -17.12
CA HIS A 187 23.21 37.52 -18.51
C HIS A 187 23.33 36.00 -18.61
N LEU A 188 22.28 35.31 -19.01
CA LEU A 188 22.26 33.85 -18.94
C LEU A 188 23.04 33.20 -20.07
N LYS A 189 23.57 32.01 -19.81
CA LYS A 189 24.00 31.08 -20.85
C LYS A 189 22.80 30.70 -21.71
N GLU A 190 22.97 30.64 -23.02
CA GLU A 190 21.89 30.46 -23.99
C GLU A 190 21.16 29.12 -23.89
N ASP A 191 21.75 28.15 -23.18
CA ASP A 191 21.22 26.81 -22.90
C ASP A 191 20.49 26.68 -21.55
N GLN A 192 20.37 27.77 -20.78
CA GLN A 192 19.77 27.80 -19.45
C GLN A 192 18.72 28.91 -19.29
N THR A 193 17.99 29.17 -20.37
CA THR A 193 16.93 30.19 -20.45
C THR A 193 15.62 29.81 -19.76
N GLU A 194 15.42 28.57 -19.31
CA GLU A 194 14.21 28.18 -18.61
C GLU A 194 14.05 28.89 -17.27
N TYR A 195 15.13 29.40 -16.67
CA TYR A 195 15.02 30.24 -15.48
C TYR A 195 14.35 31.60 -15.75
N LEU A 196 14.04 31.94 -17.00
CA LEU A 196 13.14 33.05 -17.32
C LEU A 196 11.66 32.63 -17.39
N GLU A 197 11.36 31.35 -17.41
CA GLU A 197 9.98 30.87 -17.32
C GLU A 197 9.45 31.07 -15.91
N GLU A 198 8.26 31.63 -15.78
CA GLU A 198 7.61 31.86 -14.49
C GLU A 198 7.40 30.59 -13.70
N ARG A 199 7.06 29.48 -14.34
CA ARG A 199 6.89 28.20 -13.64
C ARG A 199 8.18 27.77 -12.96
N ARG A 200 9.32 27.81 -13.66
CA ARG A 200 10.62 27.46 -13.08
C ARG A 200 10.98 28.37 -11.93
N VAL A 201 10.77 29.68 -12.09
CA VAL A 201 11.01 30.62 -11.00
C VAL A 201 10.15 30.25 -9.80
N LYS A 202 8.85 30.01 -10.00
CA LYS A 202 8.02 29.71 -8.86
C LYS A 202 8.42 28.44 -8.19
N GLU A 203 8.73 27.39 -8.93
CA GLU A 203 9.17 26.11 -8.35
C GLU A 203 10.40 26.30 -7.46
N VAL A 204 11.44 26.96 -7.98
CA VAL A 204 12.71 27.09 -7.27
C VAL A 204 12.57 27.95 -6.02
N VAL A 205 11.90 29.10 -6.13
CA VAL A 205 11.68 29.97 -4.96
C VAL A 205 10.84 29.26 -3.92
N LYS A 206 9.74 28.59 -4.32
CA LYS A 206 8.92 27.88 -3.38
C LYS A 206 9.68 26.80 -2.64
N LYS A 207 10.49 26.04 -3.35
CA LYS A 207 11.18 24.98 -2.65
C LYS A 207 12.25 25.42 -1.69
N HIS A 208 13.10 26.42 -2.02
CA HIS A 208 14.26 26.75 -1.23
C HIS A 208 14.11 27.88 -0.20
N SER A 209 13.34 28.92 -0.56
CA SER A 209 13.38 30.21 0.12
C SER A 209 11.99 30.82 0.36
N GLN A 210 11.01 29.93 0.62
CA GLN A 210 9.61 30.25 0.86
C GLN A 210 9.35 30.99 2.17
N PHE A 211 10.26 30.90 3.14
CA PHE A 211 10.10 31.48 4.46
C PHE A 211 10.99 32.68 4.73
N ILE A 212 11.61 33.25 3.70
CA ILE A 212 12.36 34.49 3.88
C ILE A 212 11.40 35.58 4.37
N GLY A 213 11.78 36.28 5.42
CA GLY A 213 10.95 37.30 6.05
C GLY A 213 10.45 38.43 5.17
N TYR A 214 11.19 38.80 4.17
CA TYR A 214 10.78 39.90 3.35
C TYR A 214 10.03 39.36 2.17
N PRO A 215 9.03 40.05 1.65
CA PRO A 215 8.25 39.64 0.52
C PRO A 215 9.09 39.56 -0.71
N ILE A 216 8.80 38.58 -1.55
CA ILE A 216 9.49 38.39 -2.80
C ILE A 216 8.46 38.51 -3.89
N THR A 217 8.69 39.36 -4.87
CA THR A 217 7.70 39.52 -5.94
C THR A 217 8.24 39.20 -7.32
N LEU A 218 7.51 38.39 -8.09
CA LEU A 218 7.90 38.06 -9.46
C LEU A 218 7.18 38.99 -10.43
N TYR A 219 7.90 39.68 -11.32
CA TYR A 219 7.32 40.62 -12.28
C TYR A 219 7.29 40.01 -13.68
N LEU A 220 6.12 40.02 -14.32
CA LEU A 220 5.93 39.44 -15.66
C LEU A 220 5.12 40.37 -16.56
N GLU A 221 5.32 40.20 -17.87
CA GLU A 221 4.49 40.82 -18.91
C GLU A 221 3.36 39.90 -19.41
N LYS A 222 2.31 39.72 -18.60
CA LYS A 222 1.08 39.03 -19.04
C LYS A 222 0.19 39.93 -19.90
N GLU A 223 -0.85 39.36 -20.47
CA GLU A 223 -1.73 40.03 -21.41
C GLU A 223 -3.21 39.84 -21.06
N ARG A 224 -4.04 40.73 -21.60
CA ARG A 224 -5.49 40.73 -21.49
C ARG A 224 -6.13 41.39 -22.72
N GLU A 225 -7.40 41.12 -22.99
CA GLU A 225 -8.09 41.78 -24.10
C GLU A 225 -8.43 43.24 -23.77
N LYS A 226 -8.20 44.17 -24.71
CA LYS A 226 -8.61 45.59 -24.56
C LYS A 226 -9.81 45.99 -25.41
N GLU A 227 -9.93 45.41 -26.60
CA GLU A 227 -10.97 45.70 -27.56
C GLU A 227 -11.97 44.54 -27.53
N ILE A 228 -12.77 44.46 -26.46
CA ILE A 228 -13.67 43.34 -26.14
C ILE A 228 -14.64 43.01 -27.30
N SER A 229 -15.01 44.01 -28.11
CA SER A 229 -15.98 43.89 -29.21
C SER A 229 -15.41 44.45 -30.53
N LYS A 273 -6.49 42.90 -31.12
CA LYS A 273 -7.46 43.30 -30.06
C LYS A 273 -6.95 43.21 -28.60
N LYS A 274 -5.68 42.82 -28.32
CA LYS A 274 -5.15 42.52 -26.97
C LYS A 274 -4.01 43.48 -26.52
N ILE A 275 -3.83 43.60 -25.21
CA ILE A 275 -2.87 44.50 -24.55
C ILE A 275 -1.99 43.73 -23.55
N LYS A 276 -0.73 44.15 -23.41
CA LYS A 276 0.20 43.67 -22.37
C LYS A 276 0.99 44.86 -21.83
N GLU A 277 1.28 44.85 -20.52
CA GLU A 277 1.59 46.08 -19.79
C GLU A 277 2.56 45.89 -18.61
N LYS A 278 3.20 44.71 -18.49
CA LYS A 278 3.89 44.26 -17.26
C LYS A 278 3.02 44.47 -16.02
N TYR A 279 1.72 44.26 -16.21
CA TYR A 279 0.69 44.66 -15.27
C TYR A 279 0.72 43.83 -13.99
N ILE A 280 1.39 42.67 -14.01
CA ILE A 280 1.34 41.72 -12.91
C ILE A 280 2.65 41.71 -12.13
N ASP A 281 2.56 42.21 -10.91
CA ASP A 281 3.55 42.07 -9.86
C ASP A 281 3.05 40.84 -9.08
N GLN A 282 3.36 39.63 -9.55
CA GLN A 282 2.72 38.41 -9.07
C GLN A 282 2.82 38.31 -7.56
N GLU A 283 1.64 38.24 -6.93
CA GLU A 283 1.45 38.48 -5.49
C GLU A 283 2.47 37.64 -4.71
N GLU A 284 3.16 38.26 -3.75
CA GLU A 284 4.48 37.79 -3.35
C GLU A 284 4.53 36.28 -3.12
N LEU A 285 5.47 35.61 -3.78
CA LEU A 285 5.61 34.14 -3.78
C LEU A 285 5.67 33.56 -2.35
N ASN A 286 6.12 34.40 -1.40
CA ASN A 286 6.09 34.20 0.05
C ASN A 286 4.84 34.83 0.70
N LYS A 287 3.68 34.18 0.59
CA LYS A 287 2.52 34.45 1.44
C LYS A 287 2.64 33.91 2.86
N THR A 288 3.23 32.74 3.08
CA THR A 288 3.00 32.05 4.37
C THR A 288 4.05 32.44 5.40
N LYS A 289 3.69 32.93 6.59
CA LYS A 289 4.68 33.27 7.63
C LYS A 289 5.29 32.00 8.27
N PRO A 290 6.55 32.03 8.72
CA PRO A 290 7.12 30.96 9.54
C PRO A 290 6.58 31.03 10.97
N ILE A 291 5.36 30.50 11.19
CA ILE A 291 4.58 30.59 12.44
C ILE A 291 5.29 30.01 13.66
N TRP A 292 6.13 28.99 13.47
CA TRP A 292 6.92 28.29 14.49
C TRP A 292 7.88 29.20 15.24
N THR A 293 8.11 30.43 14.74
CA THR A 293 8.95 31.43 15.40
C THR A 293 8.24 32.13 16.56
N ARG A 294 6.91 32.33 16.49
CA ARG A 294 6.10 32.99 17.52
C ARG A 294 6.01 32.17 18.81
N ASN A 295 5.63 32.80 19.92
CA ASN A 295 5.34 32.08 21.16
C ASN A 295 4.07 31.23 20.98
N PRO A 296 4.04 29.93 21.35
CA PRO A 296 2.85 29.09 21.21
C PRO A 296 1.59 29.68 21.86
N ASP A 297 1.74 30.44 22.96
CA ASP A 297 0.61 31.04 23.67
C ASP A 297 -0.14 32.10 22.86
N ASP A 298 0.48 32.71 21.85
CA ASP A 298 -0.12 33.75 21.09
C ASP A 298 -0.70 33.25 19.80
N ILE A 299 -0.68 31.93 19.58
CA ILE A 299 -1.18 31.46 18.31
C ILE A 299 -2.51 30.80 18.49
N THR A 300 -3.48 31.25 17.71
CA THR A 300 -4.81 30.70 17.84
C THR A 300 -4.93 29.44 17.04
N GLN A 301 -6.00 28.72 17.25
CA GLN A 301 -6.19 27.52 16.50
C GLN A 301 -6.39 27.77 15.05
N GLU A 302 -7.03 28.88 14.73
CA GLU A 302 -7.26 29.16 13.35
C GLU A 302 -5.95 29.39 12.67
N GLU A 303 -5.04 30.13 13.32
CA GLU A 303 -3.72 30.39 12.77
C GLU A 303 -2.96 29.10 12.56
N TYR A 304 -3.05 28.12 13.48
CA TYR A 304 -2.32 26.89 13.22
C TYR A 304 -2.91 26.20 12.03
N GLY A 305 -4.24 26.16 11.94
CA GLY A 305 -4.95 25.51 10.86
C GLY A 305 -4.62 26.11 9.50
N GLU A 306 -4.44 27.44 9.38
CA GLU A 306 -4.10 27.96 8.07
C GLU A 306 -2.69 27.62 7.70
N PHE A 307 -1.78 27.69 8.67
CA PHE A 307 -0.40 27.36 8.39
C PHE A 307 -0.32 25.96 7.88
N TYR A 308 -0.99 25.01 8.54
CA TYR A 308 -1.02 23.60 8.20
C TYR A 308 -1.58 23.34 6.81
N LYS A 309 -2.71 23.96 6.45
CA LYS A 309 -3.28 23.80 5.11
C LYS A 309 -2.30 24.28 4.05
N SER A 310 -1.59 25.39 4.28
CA SER A 310 -0.55 25.85 3.36
C SER A 310 0.61 24.85 3.26
N LEU A 311 1.11 24.35 4.39
CA LEU A 311 2.26 23.47 4.45
C LEU A 311 2.02 22.13 3.80
N THR A 312 0.83 21.58 3.97
CA THR A 312 0.47 20.25 3.46
C THR A 312 -0.27 20.24 2.12
N ASN A 313 -0.90 21.35 1.74
CA ASN A 313 -1.95 21.40 0.73
C ASN A 313 -3.18 20.50 1.03
N ASP A 314 -3.40 20.15 2.29
CA ASP A 314 -4.65 19.52 2.73
C ASP A 314 -5.84 20.48 2.59
N TRP A 315 -7.04 19.95 2.36
CA TRP A 315 -8.28 20.70 2.29
C TRP A 315 -9.05 20.72 3.63
N GLU A 316 -8.71 19.81 4.55
CA GLU A 316 -9.21 19.78 5.93
C GLU A 316 -8.22 20.39 6.92
N ASP A 317 -8.70 20.72 8.13
CA ASP A 317 -7.85 21.16 9.24
C ASP A 317 -6.99 19.99 9.82
N HIS A 318 -6.06 20.29 10.71
CA HIS A 318 -5.30 19.31 11.50
C HIS A 318 -6.15 18.67 12.63
N LEU A 319 -5.67 17.57 13.21
CA LEU A 319 -6.28 16.90 14.37
C LEU A 319 -5.68 17.37 15.71
N ALA A 320 -4.35 17.45 15.79
CA ALA A 320 -3.63 18.01 16.93
C ALA A 320 -2.24 18.52 16.51
N VAL A 321 -1.62 19.38 17.32
CA VAL A 321 -0.29 19.94 17.07
C VAL A 321 0.52 20.02 18.35
N LYS A 322 1.78 19.64 18.29
CA LYS A 322 2.76 19.88 19.35
C LYS A 322 3.75 20.93 18.86
N HIS A 323 3.88 22.01 19.61
CA HIS A 323 4.78 23.12 19.33
C HIS A 323 5.71 23.31 20.51
N PHE A 324 7.03 23.27 20.30
CA PHE A 324 7.99 23.45 21.38
C PHE A 324 9.34 23.97 20.90
N SER A 325 10.11 24.50 21.84
CA SER A 325 11.52 24.83 21.67
C SER A 325 12.37 23.89 22.51
N VAL A 326 13.48 23.43 21.97
CA VAL A 326 14.55 22.86 22.79
C VAL A 326 15.62 23.93 22.97
N GLU A 327 15.83 24.33 24.22
CA GLU A 327 16.98 25.15 24.64
C GLU A 327 18.15 24.23 25.00
N GLY A 328 19.39 24.72 24.93
CA GLY A 328 20.55 23.89 25.20
C GLY A 328 21.59 24.27 24.19
N GLN A 329 22.58 23.42 24.00
CA GLN A 329 23.62 23.74 23.04
C GLN A 329 23.05 23.58 21.64
N LEU A 330 21.95 22.84 21.48
CA LEU A 330 21.16 22.74 20.25
C LEU A 330 19.93 23.62 20.47
N GLU A 331 19.73 24.60 19.60
CA GLU A 331 18.53 25.42 19.59
C GLU A 331 17.69 25.03 18.39
N PHE A 332 16.49 24.51 18.61
CA PHE A 332 15.52 24.35 17.54
C PHE A 332 14.09 24.56 18.02
N ARG A 333 13.30 25.15 17.15
CA ARG A 333 11.84 25.11 17.21
C ARG A 333 11.35 23.89 16.43
N ALA A 334 10.16 23.39 16.75
CA ALA A 334 9.50 22.43 15.89
C ALA A 334 7.99 22.56 15.96
N LEU A 335 7.31 22.32 14.84
CA LEU A 335 5.88 22.02 14.78
C LEU A 335 5.68 20.61 14.27
N LEU A 336 4.89 19.83 14.98
CA LEU A 336 4.49 18.48 14.60
C LEU A 336 2.98 18.39 14.56
N PHE A 337 2.39 18.10 13.40
CA PHE A 337 0.96 17.97 13.25
C PHE A 337 0.49 16.56 12.98
N ILE A 338 -0.64 16.23 13.58
CA ILE A 338 -1.30 14.98 13.29
C ILE A 338 -2.45 15.30 12.37
N PRO A 339 -2.52 14.72 11.17
CA PRO A 339 -3.55 14.92 10.19
C PRO A 339 -4.80 14.18 10.63
N ARG A 340 -5.97 14.56 10.10
CA ARG A 340 -7.28 13.95 10.44
C ARG A 340 -7.57 12.59 9.82
N ARG A 341 -7.03 12.31 8.62
CA ARG A 341 -7.12 11.02 7.92
C ARG A 341 -5.73 10.54 7.53
N ALA A 342 -5.47 9.24 7.58
CA ALA A 342 -4.24 8.70 7.11
C ALA A 342 -4.25 8.89 5.61
N PRO A 343 -3.14 9.16 4.96
CA PRO A 343 -3.04 9.22 3.54
C PRO A 343 -3.13 7.84 2.99
N PHE A 344 -3.56 7.72 1.74
CA PHE A 344 -3.71 6.42 1.09
C PHE A 344 -2.42 5.66 1.03
N ASP A 345 -1.35 6.38 0.80
CA ASP A 345 -0.06 5.81 0.61
C ASP A 345 0.78 5.93 1.86
N LEU A 346 0.18 6.00 3.04
CA LEU A 346 1.02 6.15 4.23
C LEU A 346 2.16 5.16 4.33
N PHE A 347 1.97 3.90 3.94
CA PHE A 347 3.03 2.87 3.99
C PHE A 347 3.80 2.68 2.66
N GLU A 348 3.17 3.05 1.55
CA GLU A 348 3.39 2.45 0.25
C GLU A 348 4.50 3.04 -0.63
N ASN A 349 4.68 4.28 -0.73
CA ASN A 349 5.68 4.97 -1.46
C ASN A 349 7.02 4.91 -0.71
N LYS A 350 7.84 3.88 -0.91
CA LYS A 350 8.95 3.49 -0.02
C LYS A 350 10.01 4.59 0.20
N LYS A 351 10.24 5.44 -0.80
CA LYS A 351 11.45 6.27 -0.92
C LYS A 351 11.46 7.56 -0.08
N LYS A 352 12.22 7.54 1.03
CA LYS A 352 12.90 8.69 1.66
C LYS A 352 12.10 9.98 1.97
N LYS A 353 10.87 9.89 2.49
CA LYS A 353 10.21 11.04 3.14
C LYS A 353 9.18 10.64 4.22
N ASN A 354 9.48 11.03 5.46
CA ASN A 354 8.56 10.97 6.60
C ASN A 354 7.96 12.37 6.89
N ASN A 355 8.07 13.29 5.92
CA ASN A 355 7.43 14.59 5.89
C ASN A 355 7.88 15.60 6.97
N ILE A 356 9.07 15.50 7.57
CA ILE A 356 9.49 16.52 8.49
C ILE A 356 10.59 17.26 7.80
N LYS A 357 10.40 18.53 7.54
CA LYS A 357 11.46 19.24 6.83
C LYS A 357 12.42 19.89 7.77
N LEU A 358 13.70 19.89 7.42
CA LEU A 358 14.68 20.57 8.25
C LEU A 358 15.18 21.83 7.62
N TYR A 359 15.04 22.91 8.37
CA TYR A 359 15.47 24.23 7.97
C TYR A 359 16.57 24.71 8.88
N VAL A 360 17.47 25.52 8.33
CA VAL A 360 18.48 26.16 9.15
C VAL A 360 18.43 27.64 8.94
N ARG A 361 18.29 28.37 10.03
CA ARG A 361 18.11 29.83 10.02
C ARG A 361 17.07 30.19 8.95
N ARG A 362 15.97 29.42 8.89
CA ARG A 362 14.83 29.56 7.97
C ARG A 362 15.07 29.25 6.49
N VAL A 363 16.22 28.67 6.14
CA VAL A 363 16.48 28.23 4.77
C VAL A 363 16.34 26.74 4.66
N PHE A 364 15.65 26.25 3.65
CA PHE A 364 15.51 24.81 3.63
C PHE A 364 16.80 24.07 3.37
N ILE A 365 17.10 23.06 4.18
CA ILE A 365 18.30 22.29 3.92
C ILE A 365 17.99 20.96 3.34
N MET A 366 17.15 20.21 4.02
CA MET A 366 16.89 18.88 3.50
C MET A 366 15.60 18.34 4.01
N ASP A 367 14.95 17.51 3.22
CA ASP A 367 13.74 16.86 3.66
C ASP A 367 14.00 15.43 4.08
N SER A 368 15.26 15.09 4.21
CA SER A 368 15.60 13.76 4.63
C SER A 368 15.01 13.57 5.99
N CYS A 369 14.44 12.39 6.23
CA CYS A 369 13.69 12.14 7.44
C CYS A 369 14.19 10.95 8.26
N ASP A 370 15.02 10.06 7.70
CA ASP A 370 15.28 8.81 8.40
C ASP A 370 15.92 9.02 9.74
N GLU A 371 16.77 10.02 9.81
CA GLU A 371 17.45 10.35 11.01
C GLU A 371 16.64 11.24 11.94
N LEU A 372 15.52 11.80 11.49
CA LEU A 372 14.76 12.72 12.32
C LEU A 372 13.62 12.05 13.05
N ILE A 373 12.98 11.10 12.41
CA ILE A 373 11.82 10.51 13.04
C ILE A 373 11.79 9.01 12.70
N PRO A 374 11.42 8.08 13.61
CA PRO A 374 11.28 6.68 13.33
C PRO A 374 10.20 6.45 12.32
N GLU A 375 10.33 5.39 11.56
CA GLU A 375 9.36 5.08 10.53
C GLU A 375 7.94 4.95 11.01
N TYR A 376 7.73 4.40 12.18
CA TYR A 376 6.36 4.19 12.61
C TYR A 376 5.62 5.50 12.87
N LEU A 377 6.33 6.63 12.99
CA LEU A 377 5.78 7.96 13.16
C LEU A 377 5.74 8.75 11.84
N ASN A 378 5.84 8.08 10.69
CA ASN A 378 5.87 8.70 9.38
C ASN A 378 4.63 9.50 8.95
N PHE A 379 3.53 9.41 9.69
CA PHE A 379 2.31 10.18 9.41
C PHE A 379 2.37 11.62 9.93
N ILE A 380 3.27 11.96 10.86
CA ILE A 380 3.33 13.30 11.40
C ILE A 380 3.90 14.24 10.38
N ARG A 381 3.23 15.37 10.13
CA ARG A 381 3.68 16.42 9.19
C ARG A 381 4.42 17.47 9.97
N GLY A 382 5.51 18.06 9.48
CA GLY A 382 6.04 19.15 10.29
C GLY A 382 7.30 19.83 9.85
N VAL A 383 7.77 20.74 10.68
CA VAL A 383 8.91 21.61 10.41
C VAL A 383 9.80 21.61 11.63
N VAL A 384 11.10 21.47 11.42
CA VAL A 384 12.13 21.62 12.45
C VAL A 384 13.05 22.71 11.96
N ASP A 385 13.29 23.74 12.75
CA ASP A 385 14.11 24.87 12.33
C ASP A 385 15.17 25.15 13.39
N SER A 386 16.42 24.86 13.04
CA SER A 386 17.55 25.07 13.94
C SER A 386 18.31 26.32 13.61
N GLU A 387 18.83 27.03 14.62
CA GLU A 387 19.67 28.22 14.42
C GLU A 387 21.14 27.86 14.16
N ASP A 388 21.60 26.67 14.52
CA ASP A 388 23.02 26.34 14.57
C ASP A 388 23.25 24.85 14.35
N LEU A 389 23.58 24.47 13.11
CA LEU A 389 24.03 23.14 12.72
C LEU A 389 25.29 23.30 11.84
N PRO A 390 26.29 22.39 11.93
CA PRO A 390 27.38 22.42 11.02
C PRO A 390 26.88 21.88 9.69
N LEU A 391 27.21 22.55 8.61
CA LEU A 391 26.77 22.15 7.29
C LEU A 391 27.91 21.94 6.34
N ASN A 392 27.71 21.11 5.32
CA ASN A 392 28.73 21.02 4.30
C ASN A 392 28.68 22.28 3.48
N ILE A 393 29.77 22.59 2.78
CA ILE A 393 29.83 23.83 2.03
C ILE A 393 28.73 24.01 1.01
N SER A 394 28.20 22.95 0.43
CA SER A 394 27.09 23.01 -0.53
C SER A 394 25.78 23.47 0.09
N ARG A 395 25.68 23.40 1.42
CA ARG A 395 24.49 23.62 2.26
C ARG A 395 23.31 22.73 1.88
N GLU A 396 23.58 21.59 1.25
CA GLU A 396 22.56 20.59 0.87
C GLU A 396 22.41 19.44 1.87
N MET A 397 23.29 19.34 2.90
CA MET A 397 23.24 18.27 3.92
C MET A 397 24.04 18.64 5.18
N LEU A 398 23.82 17.93 6.28
CA LEU A 398 24.45 18.24 7.54
C LEU A 398 25.71 17.46 7.79
N GLN A 399 26.65 18.05 8.53
CA GLN A 399 27.76 17.32 9.15
C GLN A 399 27.35 16.79 10.53
N GLN A 400 28.25 16.05 11.20
CA GLN A 400 28.09 15.61 12.59
C GLN A 400 26.76 14.89 12.83
N SER A 401 26.53 13.79 12.10
CA SER A 401 25.24 13.08 12.08
C SER A 401 24.74 12.63 13.46
N LYS A 402 25.60 12.57 14.48
CA LYS A 402 25.21 12.46 15.89
C LYS A 402 24.20 13.51 16.37
N ILE A 403 24.12 14.69 15.74
CA ILE A 403 23.18 15.70 16.14
C ILE A 403 21.79 15.24 15.82
N LEU A 404 21.61 14.62 14.68
CA LEU A 404 20.32 14.16 14.27
C LEU A 404 19.84 13.12 15.24
N LYS A 405 20.74 12.29 15.72
CA LYS A 405 20.30 11.29 16.68
C LYS A 405 19.70 11.97 17.88
N VAL A 406 20.31 13.07 18.32
CA VAL A 406 19.77 13.78 19.45
C VAL A 406 18.42 14.39 19.12
N ILE A 407 18.30 14.95 17.93
CA ILE A 407 17.02 15.53 17.59
C ILE A 407 15.94 14.48 17.61
N ARG A 408 16.21 13.32 17.02
CA ARG A 408 15.20 12.30 16.97
C ARG A 408 14.78 11.88 18.35
N LYS A 409 15.71 11.79 19.28
CA LYS A 409 15.32 11.42 20.61
C LYS A 409 14.28 12.37 21.17
N ASN A 410 14.50 13.67 20.98
CA ASN A 410 13.56 14.61 21.53
C ASN A 410 12.22 14.62 20.79
N ILE A 411 12.26 14.43 19.49
CA ILE A 411 11.01 14.41 18.76
C ILE A 411 10.16 13.27 19.19
N VAL A 412 10.75 12.11 19.34
CA VAL A 412 9.91 11.00 19.70
C VAL A 412 9.33 11.11 21.06
N LYS A 413 10.12 11.48 22.06
CA LYS A 413 9.46 11.47 23.35
C LYS A 413 8.32 12.47 23.42
N LYS A 414 8.43 13.57 22.66
CA LYS A 414 7.35 14.52 22.69
C LYS A 414 6.17 14.10 21.83
N CYS A 415 6.40 13.37 20.73
CA CYS A 415 5.29 12.81 19.93
C CYS A 415 4.43 11.93 20.82
N LEU A 416 5.08 11.17 21.71
CA LEU A 416 4.35 10.29 22.59
C LEU A 416 3.56 11.09 23.59
N GLU A 417 4.09 12.22 24.06
CA GLU A 417 3.29 13.02 24.98
C GLU A 417 2.06 13.51 24.26
N LEU A 418 2.22 13.92 23.00
CA LEU A 418 1.03 14.43 22.33
C LEU A 418 -0.04 13.37 22.29
N PHE A 419 0.35 12.12 22.04
CA PHE A 419 -0.65 11.09 22.00
C PHE A 419 -1.31 10.88 23.35
N SER A 420 -0.52 10.92 24.44
CA SER A 420 -1.17 10.64 25.72
C SER A 420 -2.10 11.77 26.13
N GLU A 421 -1.80 12.97 25.68
CA GLU A 421 -2.70 14.07 26.00
C GLU A 421 -3.95 13.96 25.16
N LEU A 422 -3.78 13.54 23.92
CA LEU A 422 -4.90 13.43 23.02
C LEU A 422 -5.89 12.44 23.59
N ALA A 423 -5.36 11.40 24.21
CA ALA A 423 -6.11 10.31 24.79
C ALA A 423 -7.13 10.71 25.83
N GLU A 424 -6.97 11.86 26.46
CA GLU A 424 -7.95 12.23 27.46
C GLU A 424 -9.30 12.62 26.85
N ASP A 425 -9.28 13.02 25.59
CA ASP A 425 -10.46 13.42 24.86
C ASP A 425 -11.01 12.20 24.19
N LYS A 426 -12.10 11.63 24.71
CA LYS A 426 -12.59 10.31 24.25
C LYS A 426 -12.90 10.27 22.75
N GLU A 427 -13.55 11.30 22.22
CA GLU A 427 -13.93 11.33 20.80
C GLU A 427 -12.76 11.69 19.89
N ASN A 428 -11.93 12.68 20.25
CA ASN A 428 -10.75 12.91 19.43
C ASN A 428 -9.84 11.69 19.47
N TYR A 429 -9.80 10.92 20.57
CA TYR A 429 -8.88 9.82 20.56
C TYR A 429 -9.45 8.79 19.66
N LYS A 430 -10.76 8.56 19.75
CA LYS A 430 -11.32 7.58 18.86
C LYS A 430 -10.95 7.87 17.43
N LYS A 431 -11.12 9.12 17.00
CA LYS A 431 -10.84 9.36 15.59
C LYS A 431 -9.40 9.06 15.24
N PHE A 432 -8.52 9.48 16.13
CA PHE A 432 -7.11 9.25 15.91
C PHE A 432 -6.77 7.81 15.78
N TYR A 433 -7.25 7.05 16.73
CA TYR A 433 -6.94 5.66 16.81
C TYR A 433 -7.44 4.96 15.59
N GLU A 434 -8.65 5.26 15.17
CA GLU A 434 -9.10 4.53 14.01
C GLU A 434 -8.19 4.79 12.84
N ALA A 435 -7.75 6.03 12.66
CA ALA A 435 -6.87 6.28 11.55
C ALA A 435 -5.46 5.68 11.68
N PHE A 436 -4.87 5.76 12.88
CA PHE A 436 -3.48 5.35 13.03
C PHE A 436 -3.15 4.21 13.97
N SER A 437 -4.10 3.35 14.30
CA SER A 437 -3.76 2.25 15.19
C SER A 437 -2.69 1.34 14.65
N LYS A 438 -2.57 1.25 13.33
CA LYS A 438 -1.55 0.41 12.76
C LYS A 438 -0.19 0.92 13.07
N ASN A 439 -0.05 2.23 13.18
CA ASN A 439 1.25 2.76 13.39
C ASN A 439 1.65 2.54 14.82
N LEU A 440 0.69 2.60 15.72
CA LEU A 440 1.05 2.39 17.10
C LEU A 440 1.49 0.95 17.29
N LYS A 441 0.75 0.01 16.69
CA LYS A 441 1.04 -1.42 16.77
C LYS A 441 2.38 -1.73 16.12
N LEU A 442 2.75 -1.00 15.06
CA LEU A 442 4.02 -1.22 14.46
C LEU A 442 5.08 -0.73 15.41
N GLY A 443 4.81 0.39 16.07
CA GLY A 443 5.76 0.91 17.02
C GLY A 443 6.03 -0.08 18.15
N ILE A 444 5.00 -0.81 18.61
CA ILE A 444 5.29 -1.78 19.66
C ILE A 444 6.27 -2.78 19.15
N HIS A 445 6.04 -3.22 17.95
CA HIS A 445 6.93 -4.20 17.39
C HIS A 445 8.36 -3.73 17.26
N GLU A 446 8.58 -2.56 16.69
CA GLU A 446 9.95 -2.15 16.42
C GLU A 446 10.68 -1.33 17.50
N ASP A 447 9.97 -0.54 18.26
CA ASP A 447 10.60 0.35 19.22
C ASP A 447 10.76 -0.31 20.57
N SER A 448 11.97 -0.73 20.88
CA SER A 448 12.23 -1.49 22.08
C SER A 448 12.24 -0.68 23.36
N THR A 449 12.21 0.64 23.26
CA THR A 449 12.29 1.44 24.47
C THR A 449 10.98 2.03 24.86
N ASN A 450 10.17 2.36 23.89
CA ASN A 450 8.94 3.03 24.22
C ASN A 450 7.75 2.13 24.31
N ARG A 451 7.93 0.80 24.21
CA ARG A 451 6.84 -0.17 24.38
C ARG A 451 6.06 0.11 25.63
N ARG A 452 6.76 0.53 26.71
CA ARG A 452 6.13 0.76 27.96
C ARG A 452 5.04 1.81 27.86
N ARG A 453 5.25 2.83 27.03
CA ARG A 453 4.24 3.87 26.97
C ARG A 453 3.26 3.59 25.89
N LEU A 454 3.74 2.99 24.81
CA LEU A 454 2.89 2.76 23.68
C LEU A 454 1.80 1.80 23.99
N SER A 455 2.06 0.85 24.86
CA SER A 455 1.06 -0.13 25.16
C SER A 455 -0.18 0.48 25.80
N GLU A 456 -0.06 1.64 26.41
CA GLU A 456 -1.22 2.18 27.06
C GLU A 456 -2.11 2.91 26.10
N LEU A 457 -1.66 3.05 24.88
CA LEU A 457 -2.41 3.73 23.86
C LEU A 457 -3.23 2.75 23.05
N LEU A 458 -3.09 1.45 23.35
CA LEU A 458 -3.81 0.48 22.54
C LEU A 458 -5.22 0.34 23.01
N ARG A 459 -6.11 0.07 22.09
CA ARG A 459 -7.50 -0.15 22.45
C ARG A 459 -8.04 -1.39 21.74
N TYR A 460 -8.75 -2.22 22.51
CA TYR A 460 -9.30 -3.46 21.96
C TYR A 460 -10.74 -3.72 22.32
N HIS A 461 -11.44 -4.45 21.47
CA HIS A 461 -12.78 -4.92 21.82
C HIS A 461 -12.58 -6.15 22.69
N THR A 462 -13.45 -6.36 23.68
CA THR A 462 -13.35 -7.57 24.47
C THR A 462 -14.71 -8.15 24.65
N SER A 463 -14.76 -9.35 25.19
CA SER A 463 -15.99 -10.05 25.45
C SER A 463 -16.88 -9.40 26.47
N GLN A 464 -16.35 -8.45 27.24
CA GLN A 464 -17.16 -7.81 28.26
C GLN A 464 -17.22 -6.32 28.07
N SER A 465 -16.87 -5.81 26.88
CA SER A 465 -17.07 -4.42 26.48
C SER A 465 -18.01 -4.27 25.29
N GLY A 466 -18.41 -5.37 24.67
CA GLY A 466 -19.46 -5.40 23.67
C GLY A 466 -18.98 -4.75 22.38
N ASP A 467 -19.66 -3.70 21.95
CA ASP A 467 -19.28 -2.85 20.82
C ASP A 467 -18.34 -1.70 21.22
N GLU A 468 -18.00 -1.53 22.49
CA GLU A 468 -16.98 -0.55 22.92
C GLU A 468 -15.61 -1.21 23.02
N MET A 469 -14.56 -0.40 23.05
CA MET A 469 -13.18 -0.87 23.27
C MET A 469 -12.63 -0.47 24.64
N THR A 470 -11.63 -1.21 25.11
CA THR A 470 -11.01 -1.09 26.43
C THR A 470 -9.55 -0.74 26.31
N SER A 471 -9.01 0.04 27.24
CA SER A 471 -7.59 -0.03 27.47
C SER A 471 -7.23 -1.28 28.19
N LEU A 472 -5.99 -1.67 28.04
CA LEU A 472 -5.49 -2.82 28.74
C LEU A 472 -5.51 -2.56 30.22
N SER A 473 -5.43 -1.30 30.62
CA SER A 473 -5.47 -0.99 32.02
C SER A 473 -6.85 -1.19 32.61
N GLU A 474 -7.89 -1.17 31.77
CA GLU A 474 -9.21 -1.35 32.31
C GLU A 474 -9.42 -2.82 32.46
N TYR A 475 -8.85 -3.57 31.52
CA TYR A 475 -8.96 -5.00 31.60
C TYR A 475 -8.44 -5.36 32.95
N VAL A 476 -7.29 -4.80 33.28
CA VAL A 476 -6.70 -5.11 34.54
C VAL A 476 -7.53 -4.68 35.72
N SER A 477 -8.10 -3.48 35.71
CA SER A 477 -8.85 -3.10 36.90
C SER A 477 -10.08 -3.98 37.10
N ARG A 478 -10.56 -4.60 36.04
CA ARG A 478 -11.69 -5.48 36.18
C ARG A 478 -11.33 -6.92 36.45
N MET A 479 -10.05 -7.22 36.60
CA MET A 479 -9.68 -8.61 36.81
C MET A 479 -10.15 -9.15 38.13
N LYS A 480 -10.48 -10.43 38.11
CA LYS A 480 -10.84 -11.13 39.32
C LYS A 480 -9.58 -11.39 40.07
N GLU A 481 -9.68 -11.54 41.37
CA GLU A 481 -8.51 -11.78 42.20
C GLU A 481 -7.82 -13.09 41.91
N THR A 482 -8.51 -13.97 41.23
CA THR A 482 -7.98 -15.26 40.87
C THR A 482 -7.32 -15.25 39.50
N GLN A 483 -7.44 -14.17 38.76
CA GLN A 483 -6.82 -14.16 37.46
C GLN A 483 -5.42 -13.74 37.62
N LYS A 484 -4.53 -14.48 37.03
CA LYS A 484 -3.15 -14.11 37.17
C LYS A 484 -2.55 -13.77 35.83
N SER A 485 -3.42 -13.70 34.83
CA SER A 485 -3.03 -13.44 33.44
C SER A 485 -4.15 -12.80 32.65
N ILE A 486 -3.82 -12.29 31.46
CA ILE A 486 -4.75 -11.63 30.53
C ILE A 486 -5.01 -12.57 29.34
N TYR A 487 -6.26 -12.99 29.13
CA TYR A 487 -6.62 -13.89 28.05
C TYR A 487 -6.85 -13.14 26.73
N TYR A 488 -6.34 -13.67 25.63
CA TYR A 488 -6.63 -13.14 24.30
C TYR A 488 -6.83 -14.23 23.27
N ILE A 489 -7.48 -13.89 22.16
CA ILE A 489 -7.70 -14.75 20.99
C ILE A 489 -7.51 -13.96 19.72
N THR A 490 -7.16 -14.63 18.63
CA THR A 490 -7.01 -13.96 17.33
C THR A 490 -7.56 -14.76 16.16
N GLY A 491 -7.98 -14.05 15.13
CA GLY A 491 -8.85 -14.57 14.07
C GLY A 491 -9.03 -13.64 12.87
N GLU A 492 -9.87 -14.04 11.92
CA GLU A 492 -10.13 -13.31 10.67
C GLU A 492 -11.10 -12.13 10.82
N SER A 493 -12.02 -12.19 11.78
CA SER A 493 -13.04 -11.16 12.02
C SER A 493 -13.62 -11.27 13.43
N LYS A 494 -14.35 -10.25 13.89
CA LYS A 494 -14.98 -10.26 15.21
C LYS A 494 -15.97 -11.41 15.38
N GLU A 495 -16.80 -11.69 14.39
CA GLU A 495 -17.70 -12.85 14.43
C GLU A 495 -16.94 -14.18 14.47
N GLN A 496 -15.89 -14.33 13.68
CA GLN A 496 -15.13 -15.57 13.62
C GLN A 496 -14.39 -15.88 14.93
N VAL A 497 -14.01 -14.88 15.75
CA VAL A 497 -13.49 -15.12 17.11
C VAL A 497 -14.57 -15.20 18.17
N ALA A 498 -15.61 -14.37 18.13
CA ALA A 498 -16.55 -14.25 19.24
C ALA A 498 -17.30 -15.56 19.53
N ASN A 499 -17.59 -16.32 18.49
CA ASN A 499 -18.32 -17.58 18.58
C ASN A 499 -17.41 -18.77 18.64
N SER A 500 -16.14 -18.54 18.76
CA SER A 500 -15.17 -19.59 18.74
C SER A 500 -15.26 -20.59 19.85
N ALA A 501 -15.00 -21.84 19.50
CA ALA A 501 -15.00 -22.94 20.43
C ALA A 501 -13.97 -22.76 21.51
N PHE A 502 -12.85 -22.15 21.14
CA PHE A 502 -11.71 -21.95 22.02
C PHE A 502 -12.11 -21.24 23.30
N VAL A 503 -13.14 -20.37 23.30
CA VAL A 503 -13.39 -19.58 24.46
C VAL A 503 -14.60 -20.03 25.22
N GLU A 504 -15.15 -21.18 24.91
CA GLU A 504 -16.37 -21.49 25.63
C GLU A 504 -16.24 -21.58 27.14
N ARG A 505 -15.21 -22.24 27.65
CA ARG A 505 -15.16 -22.34 29.09
C ARG A 505 -14.76 -21.06 29.76
N VAL A 506 -13.84 -20.35 29.15
CA VAL A 506 -13.33 -19.17 29.79
C VAL A 506 -14.43 -18.13 29.87
N ARG A 507 -15.30 -18.08 28.87
CA ARG A 507 -16.39 -17.14 28.96
C ARG A 507 -17.42 -17.64 29.94
N LYS A 508 -17.64 -18.94 29.98
CA LYS A 508 -18.61 -19.50 30.91
C LYS A 508 -18.31 -19.13 32.33
N ARG A 509 -17.03 -19.18 32.69
CA ARG A 509 -16.54 -18.82 34.02
C ARG A 509 -16.47 -17.32 34.26
N GLY A 510 -16.85 -16.47 33.31
CA GLY A 510 -16.86 -15.03 33.46
C GLY A 510 -15.55 -14.30 33.29
N PHE A 511 -14.57 -14.88 32.64
CA PHE A 511 -13.33 -14.14 32.50
C PHE A 511 -13.44 -13.30 31.24
N GLU A 512 -12.86 -12.12 31.26
CA GLU A 512 -12.89 -11.28 30.09
C GLU A 512 -11.86 -11.71 29.05
N VAL A 513 -12.25 -11.73 27.78
CA VAL A 513 -11.29 -12.10 26.74
C VAL A 513 -11.13 -11.00 25.70
N VAL A 514 -9.88 -10.68 25.40
CA VAL A 514 -9.56 -9.65 24.41
C VAL A 514 -9.59 -10.21 23.01
N TYR A 515 -10.25 -9.52 22.09
CA TYR A 515 -10.34 -9.98 20.72
C TYR A 515 -9.41 -9.23 19.79
N MET A 516 -8.40 -9.90 19.24
CA MET A 516 -7.42 -9.28 18.35
C MET A 516 -7.69 -9.73 16.93
N THR A 517 -8.17 -8.87 16.03
CA THR A 517 -8.52 -9.30 14.69
C THR A 517 -7.73 -8.69 13.53
N GLU A 518 -6.73 -7.84 13.71
CA GLU A 518 -6.03 -7.31 12.52
C GLU A 518 -4.86 -8.21 12.11
N PRO A 519 -4.54 -8.34 10.81
CA PRO A 519 -3.37 -9.10 10.38
C PRO A 519 -2.04 -8.48 10.85
N ILE A 520 -2.02 -7.28 11.44
CA ILE A 520 -0.85 -6.75 12.14
C ILE A 520 -0.70 -7.33 13.55
N ASP A 521 -1.74 -7.87 14.18
CA ASP A 521 -1.70 -8.17 15.62
C ASP A 521 -0.63 -9.19 16.01
N GLU A 522 -0.43 -10.30 15.30
CA GLU A 522 0.63 -11.21 15.72
C GLU A 522 2.04 -10.60 15.74
N TYR A 523 2.28 -9.53 14.98
CA TYR A 523 3.56 -8.85 15.03
C TYR A 523 3.77 -8.08 16.32
N CYS A 524 2.76 -7.46 16.92
CA CYS A 524 2.91 -6.80 18.20
C CYS A 524 2.74 -7.77 19.39
N VAL A 525 1.90 -8.78 19.24
CA VAL A 525 1.56 -9.74 20.29
C VAL A 525 2.73 -10.65 20.67
N GLN A 526 3.61 -10.96 19.72
CA GLN A 526 4.89 -11.63 19.97
C GLN A 526 5.83 -10.82 20.89
N GLN A 527 5.70 -9.49 20.92
CA GLN A 527 6.62 -8.58 21.59
C GLN A 527 6.08 -8.07 22.93
N LEU A 528 4.81 -7.67 22.99
CA LEU A 528 4.13 -7.27 24.21
C LEU A 528 3.79 -8.51 25.05
N LYS A 529 4.74 -9.00 25.83
CA LYS A 529 4.57 -10.23 26.65
C LYS A 529 3.85 -9.98 27.97
N GLU A 530 3.86 -8.75 28.50
CA GLU A 530 3.38 -8.47 29.82
C GLU A 530 2.88 -7.06 29.95
N PHE A 531 1.75 -6.90 30.60
CA PHE A 531 1.19 -5.60 30.84
C PHE A 531 0.89 -5.44 32.31
N ASP A 532 1.47 -4.45 32.97
CA ASP A 532 1.27 -4.24 34.40
C ASP A 532 1.55 -5.48 35.23
N GLY A 533 2.57 -6.22 34.85
CA GLY A 533 2.95 -7.41 35.59
C GLY A 533 2.16 -8.67 35.23
N LYS A 534 1.20 -8.56 34.34
CA LYS A 534 0.40 -9.71 33.98
C LYS A 534 0.76 -10.20 32.62
N SER A 535 1.10 -11.46 32.51
CA SER A 535 1.48 -11.97 31.23
C SER A 535 0.26 -12.16 30.37
N LEU A 536 0.46 -12.23 29.06
CA LEU A 536 -0.68 -12.53 28.22
C LEU A 536 -0.70 -14.01 27.97
N VAL A 537 -1.88 -14.57 27.89
CA VAL A 537 -2.02 -15.97 27.54
C VAL A 537 -2.98 -16.18 26.40
N SER A 538 -2.55 -16.91 25.37
CA SER A 538 -3.40 -17.18 24.23
C SER A 538 -4.33 -18.34 24.53
N VAL A 539 -5.65 -18.13 24.42
CA VAL A 539 -6.63 -19.21 24.59
C VAL A 539 -6.58 -20.24 23.46
N THR A 540 -5.76 -20.07 22.43
CA THR A 540 -5.59 -21.06 21.35
C THR A 540 -4.38 -21.96 21.54
N LYS A 541 -3.70 -21.95 22.69
CA LYS A 541 -2.55 -22.80 22.93
C LYS A 541 -2.79 -23.82 24.02
N GLU A 542 -2.03 -24.92 23.93
CA GLU A 542 -1.95 -25.93 24.99
C GLU A 542 -1.57 -25.27 26.32
N GLY A 543 -2.04 -25.81 27.44
CA GLY A 543 -1.64 -25.25 28.74
C GLY A 543 -2.49 -24.10 29.23
N LEU A 544 -3.74 -24.04 28.82
CA LEU A 544 -4.55 -22.93 29.29
C LEU A 544 -5.08 -23.22 30.67
N GLU A 545 -4.22 -22.99 31.64
CA GLU A 545 -4.50 -23.38 33.00
C GLU A 545 -5.34 -22.40 33.77
N LEU A 546 -6.63 -22.52 33.60
CA LEU A 546 -7.52 -21.65 34.33
C LEU A 546 -7.43 -22.20 35.73
N PRO A 547 -7.62 -21.39 36.78
CA PRO A 547 -7.62 -21.87 38.14
C PRO A 547 -8.80 -22.82 38.35
N GLU A 548 -8.63 -23.90 39.11
CA GLU A 548 -9.73 -24.84 39.31
C GLU A 548 -9.72 -25.58 40.64
N ASP A 549 -10.90 -26.08 41.01
CA ASP A 549 -11.18 -26.87 42.20
C ASP A 549 -10.67 -28.31 42.14
N GLU A 550 -10.50 -28.89 43.32
CA GLU A 550 -10.07 -30.27 43.48
C GLU A 550 -11.01 -31.26 42.84
N GLU A 551 -12.29 -30.94 42.88
CA GLU A 551 -13.26 -31.85 42.31
C GLU A 551 -13.05 -31.94 40.84
N GLU A 552 -12.68 -30.84 40.24
CA GLU A 552 -12.52 -30.89 38.82
C GLU A 552 -11.29 -31.66 38.50
N LYS A 553 -10.28 -31.49 39.33
CA LYS A 553 -9.02 -32.16 39.06
C LYS A 553 -9.18 -33.66 39.13
N LYS A 554 -9.93 -34.13 40.12
CA LYS A 554 -10.02 -35.58 40.20
C LYS A 554 -10.84 -36.11 39.05
N LYS A 555 -11.86 -35.34 38.63
CA LYS A 555 -12.66 -35.83 37.53
C LYS A 555 -11.81 -35.97 36.30
N MET A 556 -10.89 -35.03 36.08
CA MET A 556 -9.96 -35.07 34.96
C MET A 556 -9.23 -36.41 34.98
N GLU A 557 -8.84 -36.91 36.16
CA GLU A 557 -8.07 -38.13 36.18
C GLU A 557 -8.94 -39.31 35.85
N GLU A 558 -10.18 -39.23 36.29
CA GLU A 558 -11.08 -40.32 36.02
C GLU A 558 -11.30 -40.44 34.54
N SER A 559 -11.44 -39.27 33.91
CA SER A 559 -11.67 -39.25 32.49
C SER A 559 -10.45 -39.74 31.75
N LYS A 560 -9.26 -39.41 32.22
CA LYS A 560 -8.11 -39.88 31.50
C LYS A 560 -8.17 -41.36 31.37
N ALA A 561 -8.48 -42.05 32.47
CA ALA A 561 -8.53 -43.48 32.37
C ALA A 561 -9.59 -43.98 31.41
N LYS A 562 -10.82 -43.42 31.53
CA LYS A 562 -11.96 -43.77 30.67
C LYS A 562 -11.63 -43.68 29.18
N PHE A 563 -10.82 -42.69 28.80
CA PHE A 563 -10.52 -42.36 27.42
C PHE A 563 -9.16 -42.92 26.96
N GLU A 564 -8.45 -43.73 27.73
CA GLU A 564 -7.10 -44.13 27.35
C GLU A 564 -7.09 -44.91 26.00
N ASN A 565 -8.07 -45.79 25.76
CA ASN A 565 -8.05 -46.57 24.55
C ASN A 565 -8.48 -45.76 23.38
N LEU A 566 -9.37 -44.82 23.61
CA LEU A 566 -9.83 -44.04 22.51
C LEU A 566 -8.74 -43.15 22.03
N CYS A 567 -8.01 -42.57 22.95
CA CYS A 567 -6.98 -41.67 22.53
C CYS A 567 -5.96 -42.41 21.70
N LYS A 568 -5.52 -43.58 22.11
CA LYS A 568 -4.58 -44.44 21.44
C LYS A 568 -5.12 -44.79 20.05
N LEU A 569 -6.42 -45.08 19.93
CA LEU A 569 -6.98 -45.44 18.65
C LEU A 569 -6.97 -44.27 17.72
N MET A 570 -7.39 -43.09 18.16
CA MET A 570 -7.46 -41.90 17.30
C MET A 570 -6.07 -41.49 16.83
N LYS A 571 -5.08 -41.60 17.72
CA LYS A 571 -3.68 -41.38 17.37
C LYS A 571 -3.20 -42.34 16.27
N GLU A 572 -3.59 -43.60 16.27
CA GLU A 572 -3.23 -44.53 15.18
C GLU A 572 -3.90 -44.15 13.86
N ILE A 573 -5.19 -43.77 13.90
CA ILE A 573 -5.92 -43.38 12.68
C ILE A 573 -5.34 -42.12 12.03
N LEU A 574 -4.97 -41.10 12.83
CA LEU A 574 -4.51 -39.78 12.37
C LEU A 574 -2.98 -39.61 12.37
N ASP A 575 -2.21 -40.70 12.43
CA ASP A 575 -0.86 -40.70 13.00
C ASP A 575 0.10 -39.62 12.49
N LYS A 576 0.26 -39.49 11.16
CA LYS A 576 1.22 -38.54 10.58
C LYS A 576 0.74 -37.08 10.52
N LYS A 577 -0.50 -36.81 10.95
CA LYS A 577 -1.13 -35.47 10.92
C LYS A 577 -1.09 -34.74 12.26
N VAL A 578 -1.14 -35.46 13.38
CA VAL A 578 -1.24 -34.89 14.74
C VAL A 578 -0.27 -35.56 15.71
N GLU A 579 0.33 -34.81 16.65
CA GLU A 579 1.34 -35.36 17.57
C GLU A 579 0.78 -36.00 18.84
N LYS A 580 -0.41 -35.61 19.29
CA LYS A 580 -1.10 -36.23 20.43
C LYS A 580 -2.60 -36.03 20.35
N VAL A 581 -3.35 -36.88 21.05
CA VAL A 581 -4.79 -36.74 21.30
C VAL A 581 -5.01 -36.75 22.82
N THR A 582 -5.70 -35.74 23.35
CA THR A 582 -5.80 -35.49 24.81
C THR A 582 -7.19 -34.99 25.20
N ILE A 583 -7.56 -35.06 26.47
CA ILE A 583 -8.88 -34.61 26.91
C ILE A 583 -8.86 -33.10 27.11
N SER A 584 -9.84 -32.39 26.57
CA SER A 584 -9.90 -30.94 26.68
C SER A 584 -10.39 -30.47 28.05
N ASN A 585 -9.93 -29.30 28.48
CA ASN A 585 -10.40 -28.60 29.64
C ASN A 585 -10.80 -27.19 29.29
N ARG A 586 -10.99 -26.92 28.00
CA ARG A 586 -11.32 -25.55 27.59
C ARG A 586 -12.68 -25.48 26.91
N LEU A 587 -13.19 -26.64 26.48
CA LEU A 587 -14.40 -26.71 25.70
C LEU A 587 -15.60 -27.05 26.52
N VAL A 588 -16.76 -26.61 26.02
CA VAL A 588 -18.03 -26.94 26.63
C VAL A 588 -18.96 -27.70 25.68
N SER A 589 -19.19 -27.16 24.48
CA SER A 589 -20.26 -27.57 23.57
C SER A 589 -19.78 -28.25 22.28
N SER A 590 -18.55 -28.01 21.82
CA SER A 590 -18.09 -28.64 20.58
C SER A 590 -17.52 -29.99 20.95
N PRO A 591 -17.51 -30.95 20.01
CA PRO A 591 -16.96 -32.28 20.24
C PRO A 591 -15.45 -32.29 20.33
N CYS A 592 -14.75 -31.33 19.71
CA CYS A 592 -13.30 -31.37 19.67
C CYS A 592 -12.70 -30.05 19.24
N CYS A 593 -11.41 -29.87 19.46
CA CYS A 593 -10.68 -28.69 18.99
C CYS A 593 -9.23 -29.01 18.61
N ILE A 594 -8.69 -28.36 17.58
CA ILE A 594 -7.26 -28.50 17.22
C ILE A 594 -6.49 -27.28 17.71
N VAL A 595 -5.37 -27.53 18.38
CA VAL A 595 -4.55 -26.59 19.16
C VAL A 595 -3.07 -26.75 18.77
N THR A 596 -2.30 -25.67 18.69
CA THR A 596 -0.88 -25.73 18.33
C THR A 596 0.04 -25.96 19.51
N SER A 597 1.20 -26.56 19.26
CA SER A 597 2.30 -26.63 20.21
C SER A 597 2.71 -25.26 20.74
N THR A 598 3.31 -25.22 21.92
CA THR A 598 3.69 -23.97 22.62
C THR A 598 4.62 -23.09 21.77
N TYR A 599 5.45 -23.67 20.94
CA TYR A 599 6.28 -22.98 19.96
C TYR A 599 5.95 -23.47 18.52
N GLY A 600 6.29 -22.62 17.55
CA GLY A 600 5.70 -22.68 16.21
C GLY A 600 4.55 -21.68 16.05
N TRP A 601 4.23 -21.32 14.81
CA TRP A 601 3.18 -20.34 14.53
C TRP A 601 1.80 -20.83 14.92
N THR A 602 0.99 -19.95 15.52
CA THR A 602 -0.43 -20.22 15.76
C THR A 602 -1.18 -20.41 14.44
N ALA A 603 -2.39 -20.98 14.50
CA ALA A 603 -3.18 -21.29 13.32
C ALA A 603 -3.37 -20.07 12.40
N ASN A 604 -3.65 -18.90 12.98
CA ASN A 604 -3.81 -17.68 12.22
C ASN A 604 -2.47 -17.12 11.70
N MET A 605 -1.39 -17.14 12.49
CA MET A 605 -0.12 -16.63 11.98
C MET A 605 0.40 -17.46 10.82
N GLU A 606 0.20 -18.77 10.82
CA GLU A 606 0.60 -19.60 9.68
C GLU A 606 -0.09 -19.17 8.38
N ARG A 607 -1.39 -18.85 8.39
CA ARG A 607 -2.06 -18.38 7.17
C ARG A 607 -1.63 -16.98 6.75
N ILE A 608 -1.20 -16.11 7.67
CA ILE A 608 -0.51 -14.87 7.28
C ILE A 608 0.82 -15.18 6.60
N MET A 609 1.66 -16.01 7.19
CA MET A 609 3.00 -16.31 6.68
C MET A 609 2.96 -16.99 5.31
N LYS A 610 2.06 -17.94 5.09
CA LYS A 610 1.87 -18.58 3.77
C LYS A 610 1.43 -17.61 2.67
N ALA A 611 0.86 -16.46 3.01
CA ALA A 611 0.30 -15.51 2.05
C ALA A 611 1.27 -14.41 1.59
N GLN A 612 2.45 -14.25 2.17
CA GLN A 612 3.35 -13.15 1.81
C GLN A 612 3.96 -13.31 0.41
N ALA A 613 4.06 -12.22 -0.35
CA ALA A 613 4.56 -12.22 -1.71
C ALA A 613 6.02 -12.66 -1.81
N LEU A 614 6.89 -12.05 -1.01
CA LEU A 614 8.34 -12.33 -0.97
C LEU A 614 8.62 -13.46 0.02
N ARG A 615 8.16 -14.66 -0.34
CA ARG A 615 7.90 -15.78 0.56
C ARG A 615 9.13 -16.46 1.19
N ASP A 616 10.30 -16.36 0.59
CA ASP A 616 11.55 -16.97 1.10
C ASP A 616 11.37 -18.45 1.47
N ASN A 617 10.67 -19.24 0.64
CA ASN A 617 10.06 -20.49 1.07
C ASN A 617 11.04 -21.57 1.57
N SER A 618 12.32 -21.48 1.17
CA SER A 618 13.40 -22.29 1.75
C SER A 618 13.40 -22.26 3.28
N THR A 619 13.13 -21.10 3.87
CA THR A 619 13.04 -20.85 5.32
C THR A 619 11.72 -21.31 5.94
N MET A 620 10.70 -21.63 5.12
CA MET A 620 9.33 -21.78 5.57
C MET A 620 9.10 -23.03 6.42
N GLY A 621 9.65 -24.18 6.04
CA GLY A 621 9.25 -25.47 6.65
C GLY A 621 9.35 -25.54 8.18
N TYR A 622 10.22 -24.74 8.78
CA TYR A 622 10.70 -24.94 10.16
C TYR A 622 9.81 -24.32 11.23
N MET A 623 8.78 -23.57 10.82
CA MET A 623 7.90 -22.82 11.73
C MET A 623 6.45 -23.30 11.77
N MET A 624 6.10 -24.29 10.96
CA MET A 624 4.88 -25.06 11.10
C MET A 624 4.76 -25.57 12.54
N ALA A 625 3.71 -25.20 13.28
CA ALA A 625 3.51 -25.80 14.59
C ALA A 625 2.94 -27.21 14.46
N LYS A 626 3.21 -28.05 15.46
CA LYS A 626 2.61 -29.37 15.62
C LYS A 626 1.15 -29.22 16.02
N LYS A 627 0.24 -29.92 15.34
CA LYS A 627 -1.19 -29.95 15.67
C LYS A 627 -1.44 -30.95 16.80
N HIS A 628 -2.21 -30.58 17.80
CA HIS A 628 -2.71 -31.43 18.87
C HIS A 628 -4.23 -31.42 18.81
N LEU A 629 -4.88 -32.55 19.05
CA LEU A 629 -6.34 -32.67 18.99
C LEU A 629 -6.91 -32.90 20.39
N GLU A 630 -7.87 -32.10 20.80
CA GLU A 630 -8.50 -32.17 22.11
C GLU A 630 -9.92 -32.76 22.01
N ILE A 631 -10.23 -33.77 22.82
CA ILE A 631 -11.55 -34.40 22.89
C ILE A 631 -12.41 -33.65 23.90
N ASN A 632 -13.67 -33.33 23.60
CA ASN A 632 -14.64 -33.01 24.65
C ASN A 632 -15.24 -34.32 25.20
N PRO A 633 -14.88 -34.75 26.42
CA PRO A 633 -15.32 -36.03 26.97
C PRO A 633 -16.83 -36.06 27.28
N ASP A 634 -17.47 -34.90 27.41
CA ASP A 634 -18.91 -34.79 27.65
C ASP A 634 -19.74 -34.89 26.37
N HIS A 635 -19.13 -34.76 25.19
CA HIS A 635 -19.89 -34.64 23.94
C HIS A 635 -20.51 -35.99 23.52
N PRO A 636 -21.80 -36.04 23.14
CA PRO A 636 -22.49 -37.29 22.89
C PRO A 636 -21.94 -38.06 21.68
N ILE A 637 -21.46 -37.38 20.62
CA ILE A 637 -20.75 -38.06 19.51
C ILE A 637 -19.53 -38.81 20.05
N VAL A 638 -18.76 -38.19 20.95
CA VAL A 638 -17.51 -38.84 21.37
C VAL A 638 -17.69 -39.88 22.44
N GLU A 639 -18.69 -39.80 23.32
CA GLU A 639 -19.01 -40.99 24.12
C GLU A 639 -19.51 -42.13 23.23
N THR A 640 -20.36 -41.89 22.23
CA THR A 640 -20.76 -42.94 21.27
C THR A 640 -19.54 -43.54 20.59
N LEU A 641 -18.61 -42.69 20.16
CA LEU A 641 -17.31 -43.12 19.71
C LEU A 641 -16.54 -43.92 20.78
N ARG A 642 -16.48 -43.48 22.05
CA ARG A 642 -15.81 -44.23 23.13
C ARG A 642 -16.37 -45.66 23.24
N GLN A 643 -17.67 -45.83 23.06
CA GLN A 643 -18.34 -47.12 23.09
C GLN A 643 -18.04 -47.96 21.83
N LYS A 644 -18.19 -47.41 20.63
CA LYS A 644 -17.83 -48.14 19.39
C LYS A 644 -16.37 -48.53 19.34
N ALA A 645 -15.48 -47.72 19.90
CA ALA A 645 -14.08 -48.06 20.02
C ALA A 645 -13.82 -49.24 20.95
N GLU A 646 -14.60 -49.44 22.02
CA GLU A 646 -14.40 -50.61 22.86
C GLU A 646 -15.01 -51.83 22.23
N ALA A 647 -16.21 -51.67 21.64
CA ALA A 647 -17.04 -52.74 21.10
C ALA A 647 -16.49 -53.37 19.80
N ASP A 648 -15.85 -52.62 18.92
CA ASP A 648 -15.09 -53.17 17.79
C ASP A 648 -13.92 -52.27 17.39
N LYS A 649 -12.70 -52.74 17.62
CA LYS A 649 -11.48 -51.99 17.29
C LYS A 649 -11.12 -51.96 15.82
N ASN A 650 -11.48 -53.00 15.06
CA ASN A 650 -11.19 -53.08 13.62
C ASN A 650 -12.22 -52.30 12.79
N ASP A 651 -13.13 -51.55 13.44
CA ASP A 651 -14.31 -50.99 12.79
C ASP A 651 -13.96 -49.83 11.87
N LYS A 652 -14.07 -50.02 10.56
CA LYS A 652 -13.87 -48.94 9.60
C LYS A 652 -14.85 -47.78 9.78
N ALA A 653 -15.98 -47.96 10.49
CA ALA A 653 -16.88 -46.83 10.65
C ALA A 653 -16.23 -45.79 11.51
N VAL A 654 -15.45 -46.25 12.48
CA VAL A 654 -14.78 -45.35 13.37
C VAL A 654 -13.73 -44.64 12.61
N LYS A 655 -13.01 -45.39 11.80
CA LYS A 655 -11.94 -44.75 11.06
C LYS A 655 -12.49 -43.56 10.26
N ASP A 656 -13.61 -43.73 9.56
CA ASP A 656 -14.22 -42.63 8.79
C ASP A 656 -14.73 -41.49 9.68
N LEU A 657 -15.36 -41.80 10.81
CA LEU A 657 -15.80 -40.80 11.78
C LEU A 657 -14.62 -39.95 12.29
N VAL A 658 -13.52 -40.60 12.72
CA VAL A 658 -12.42 -39.89 13.31
C VAL A 658 -11.83 -38.95 12.31
N VAL A 659 -11.69 -39.35 11.04
CA VAL A 659 -11.14 -38.48 10.00
C VAL A 659 -12.09 -37.32 9.64
N LEU A 660 -13.39 -37.58 9.50
CA LEU A 660 -14.35 -36.50 9.23
C LEU A 660 -14.41 -35.48 10.38
N LEU A 661 -14.37 -35.94 11.63
CA LEU A 661 -14.23 -35.04 12.78
C LEU A 661 -12.96 -34.21 12.68
N PHE A 662 -11.82 -34.84 12.39
CA PHE A 662 -10.54 -34.14 12.25
C PHE A 662 -10.58 -33.05 11.16
N GLU A 663 -11.04 -33.36 9.95
CA GLU A 663 -11.17 -32.35 8.90
C GLU A 663 -12.09 -31.21 9.31
N THR A 664 -13.20 -31.51 9.99
CA THR A 664 -14.11 -30.46 10.47
C THR A 664 -13.46 -29.63 11.59
N ALA A 665 -12.67 -30.25 12.46
CA ALA A 665 -11.97 -29.57 13.54
C ALA A 665 -10.90 -28.62 13.01
N LEU A 666 -10.19 -28.98 11.94
CA LEU A 666 -9.24 -28.08 11.28
C LEU A 666 -9.94 -26.79 10.89
N LEU A 667 -11.15 -26.88 10.33
CA LEU A 667 -11.79 -25.67 9.82
C LEU A 667 -12.14 -24.76 10.97
N SER A 668 -12.61 -25.35 12.05
CA SER A 668 -13.03 -24.60 13.21
C SER A 668 -11.89 -23.80 13.80
N SER A 669 -10.72 -24.41 13.81
CA SER A 669 -9.54 -23.81 14.38
C SER A 669 -8.77 -22.89 13.46
N GLY A 670 -9.23 -22.70 12.24
CA GLY A 670 -8.51 -21.79 11.37
C GLY A 670 -7.41 -22.38 10.50
N PHE A 671 -7.29 -23.70 10.42
CA PHE A 671 -6.33 -24.31 9.51
C PHE A 671 -6.99 -24.47 8.15
N SER A 672 -6.22 -24.40 7.08
CA SER A 672 -6.74 -24.82 5.80
C SER A 672 -6.64 -26.31 5.68
N LEU A 673 -7.34 -26.89 4.71
CA LEU A 673 -7.22 -28.31 4.34
C LEU A 673 -6.12 -28.54 3.30
N GLU A 674 -5.43 -29.65 3.46
CA GLU A 674 -4.34 -30.00 2.53
C GLU A 674 -4.91 -30.25 1.13
N ASP A 675 -6.08 -30.88 0.99
CA ASP A 675 -6.82 -30.89 -0.28
C ASP A 675 -8.35 -30.79 -0.04
N PRO A 676 -8.99 -29.66 -0.31
CA PRO A 676 -10.40 -29.43 0.02
C PRO A 676 -11.44 -30.35 -0.66
N GLN A 677 -11.03 -31.08 -1.69
CA GLN A 677 -11.84 -31.99 -2.48
C GLN A 677 -12.13 -33.24 -1.71
N THR A 678 -11.22 -33.71 -0.84
CA THR A 678 -11.51 -34.98 -0.24
C THR A 678 -12.56 -34.70 0.77
N HIS A 679 -12.47 -33.55 1.44
CA HIS A 679 -13.42 -33.14 2.43
C HIS A 679 -14.77 -32.96 1.79
N SER A 680 -14.87 -32.28 0.64
CA SER A 680 -16.19 -32.10 0.08
C SER A 680 -16.77 -33.41 -0.37
N ASN A 681 -15.94 -34.35 -0.77
CA ASN A 681 -16.51 -35.60 -1.20
C ASN A 681 -17.16 -36.33 -0.04
N ARG A 682 -16.62 -36.18 1.15
CA ARG A 682 -17.24 -36.86 2.27
C ARG A 682 -18.62 -36.28 2.49
N ILE A 683 -18.77 -34.96 2.29
CA ILE A 683 -20.06 -34.29 2.36
C ILE A 683 -21.00 -34.75 1.25
N TYR A 684 -20.57 -34.78 -0.01
CA TYR A 684 -21.47 -35.20 -1.08
C TYR A 684 -21.91 -36.65 -0.92
N ARG A 685 -21.11 -37.53 -0.33
CA ARG A 685 -21.60 -38.85 0.07
C ARG A 685 -22.67 -38.78 1.15
N MET A 686 -22.49 -38.02 2.24
CA MET A 686 -23.54 -38.00 3.25
C MET A 686 -24.82 -37.47 2.68
N ILE A 687 -24.74 -36.45 1.82
CA ILE A 687 -25.90 -35.84 1.15
C ILE A 687 -26.61 -36.86 0.27
N LYS A 688 -25.87 -37.64 -0.52
CA LYS A 688 -26.49 -38.69 -1.34
C LYS A 688 -27.18 -39.74 -0.48
N LEU A 689 -26.65 -40.11 0.70
CA LEU A 689 -27.31 -41.10 1.50
C LEU A 689 -28.54 -40.53 2.13
N GLY A 690 -28.45 -39.29 2.58
CA GLY A 690 -29.57 -38.62 3.23
C GLY A 690 -30.75 -38.48 2.31
N LEU A 691 -30.48 -38.11 1.05
CA LEU A 691 -31.51 -38.00 0.02
C LEU A 691 -31.95 -39.37 -0.50
N GLY A 692 -31.12 -40.42 -0.40
CA GLY A 692 -31.49 -41.72 -0.93
C GLY A 692 -31.20 -41.81 -2.41
N ILE A 693 -30.17 -41.12 -2.91
CA ILE A 693 -29.85 -41.09 -4.33
C ILE A 693 -29.26 -42.42 -4.82
N ASP A 694 -28.33 -43.01 -4.08
CA ASP A 694 -27.64 -44.26 -4.51
C ASP A 694 -28.28 -45.50 -3.87
N GLU B 13 40.59 56.97 -16.72
CA GLU B 13 39.20 56.72 -17.18
C GLU B 13 38.32 56.38 -15.96
N GLU B 14 37.01 56.36 -16.16
CA GLU B 14 36.00 56.15 -15.11
C GLU B 14 35.90 54.67 -14.69
N VAL B 15 36.51 53.79 -15.48
CA VAL B 15 36.46 52.34 -15.34
C VAL B 15 37.78 51.81 -14.80
N GLU B 16 37.73 50.99 -13.76
CA GLU B 16 38.90 50.43 -13.09
C GLU B 16 38.80 48.91 -13.02
N THR B 17 39.94 48.23 -13.11
CA THR B 17 40.03 46.77 -13.23
C THR B 17 40.99 46.17 -12.21
N PHE B 18 40.60 45.07 -11.61
CA PHE B 18 41.30 44.44 -10.49
C PHE B 18 41.38 42.93 -10.74
N ALA B 19 42.35 42.24 -10.15
CA ALA B 19 42.40 40.79 -10.11
C ALA B 19 41.58 40.24 -8.93
N PHE B 20 41.01 39.05 -9.04
CA PHE B 20 40.40 38.37 -7.87
C PHE B 20 41.47 38.00 -6.84
N GLN B 21 41.15 38.11 -5.56
CA GLN B 21 42.00 37.72 -4.44
C GLN B 21 41.40 36.51 -3.71
N ALA B 22 42.10 35.94 -2.75
CA ALA B 22 41.54 34.97 -1.82
C ALA B 22 42.02 35.22 -0.40
N GLU B 23 41.16 35.04 0.58
CA GLU B 23 41.54 35.13 1.97
C GLU B 23 41.97 33.82 2.49
N ILE B 24 43.23 33.72 2.80
CA ILE B 24 43.82 32.49 3.21
C ILE B 24 43.30 31.96 4.51
N ALA B 25 43.11 32.81 5.51
CA ALA B 25 42.69 32.23 6.77
C ALA B 25 41.36 31.52 6.65
N GLN B 26 40.47 32.10 5.89
CA GLN B 26 39.18 31.53 5.77
C GLN B 26 39.18 30.42 4.79
N LEU B 27 40.03 30.50 3.81
CA LEU B 27 40.07 29.46 2.83
C LEU B 27 40.56 28.21 3.50
N MET B 28 41.56 28.34 4.37
CA MET B 28 42.07 27.15 5.03
C MET B 28 41.00 26.56 5.92
N SER B 29 40.22 27.42 6.57
CA SER B 29 39.15 26.91 7.39
C SER B 29 38.15 26.15 6.57
N LEU B 30 37.77 26.65 5.41
CA LEU B 30 36.81 25.91 4.62
C LEU B 30 37.37 24.59 4.19
N ILE B 31 38.64 24.56 3.81
CA ILE B 31 39.20 23.32 3.36
C ILE B 31 39.14 22.24 4.39
N ILE B 32 39.47 22.58 5.60
CA ILE B 32 39.46 21.60 6.66
C ILE B 32 38.06 21.29 7.18
N ASN B 33 37.22 22.31 7.38
CA ASN B 33 35.93 22.08 8.01
C ASN B 33 34.67 21.87 7.18
N THR B 34 34.59 22.28 5.92
CA THR B 34 33.30 22.26 5.21
C THR B 34 33.27 21.35 3.99
N PHE B 35 34.33 20.62 3.67
CA PHE B 35 34.37 19.72 2.52
C PHE B 35 34.09 18.25 2.83
N TYR B 36 34.56 17.73 3.96
CA TYR B 36 34.60 16.30 4.22
C TYR B 36 33.57 15.88 5.28
N SER B 37 32.76 14.88 4.96
CA SER B 37 31.69 14.38 5.81
C SER B 37 32.16 13.53 6.96
N ASN B 38 33.35 13.02 6.87
CA ASN B 38 33.84 12.16 7.92
C ASN B 38 35.32 12.24 7.96
N LYS B 39 35.91 11.57 8.96
CA LYS B 39 37.34 11.56 9.20
C LYS B 39 38.09 10.49 8.42
N GLU B 40 37.47 9.42 7.91
CA GLU B 40 38.24 8.27 7.39
C GLU B 40 39.06 8.69 6.20
N ILE B 41 38.58 9.73 5.62
CA ILE B 41 39.08 10.33 4.45
C ILE B 41 40.50 10.71 4.57
N PHE B 42 40.96 11.17 5.72
CA PHE B 42 42.34 11.58 5.66
C PHE B 42 43.23 10.42 5.29
N LEU B 43 42.91 9.15 5.58
CA LEU B 43 43.81 8.05 5.21
C LEU B 43 43.68 7.69 3.72
N ARG B 44 42.50 7.83 3.11
CA ARG B 44 42.34 7.69 1.66
C ARG B 44 43.16 8.72 0.91
N GLU B 45 43.10 9.99 1.31
CA GLU B 45 43.85 11.04 0.61
C GLU B 45 45.34 10.89 0.76
N LEU B 46 45.85 10.57 1.95
CA LEU B 46 47.30 10.41 2.05
C LEU B 46 47.79 9.19 1.29
N ILE B 47 47.07 8.05 1.35
CA ILE B 47 47.44 6.83 0.63
C ILE B 47 47.36 7.04 -0.87
N SER B 48 46.31 7.65 -1.41
CA SER B 48 46.22 7.81 -2.86
C SER B 48 47.29 8.75 -3.37
N ASN B 49 47.78 9.73 -2.62
CA ASN B 49 48.93 10.46 -3.12
C ASN B 49 50.14 9.55 -3.19
N ALA B 50 50.37 8.67 -2.21
CA ALA B 50 51.50 7.79 -2.37
C ALA B 50 51.45 7.02 -3.70
N SER B 51 50.26 6.65 -4.19
CA SER B 51 50.12 5.99 -5.49
C SER B 51 50.54 6.88 -6.66
N ASP B 52 50.15 8.15 -6.66
CA ASP B 52 50.63 9.12 -7.63
C ASP B 52 52.13 9.41 -7.49
N ALA B 53 52.71 9.39 -6.29
CA ALA B 53 54.14 9.54 -6.16
C ALA B 53 54.88 8.34 -6.77
N LEU B 54 54.36 7.13 -6.59
CA LEU B 54 54.98 5.91 -7.09
C LEU B 54 54.96 5.84 -8.61
N ASP B 55 53.78 6.08 -9.20
CA ASP B 55 53.54 6.02 -10.65
C ASP B 55 54.51 6.89 -11.44
N LYS B 56 54.73 8.10 -10.95
CA LYS B 56 55.59 9.09 -11.59
C LYS B 56 56.98 8.54 -11.85
N ILE B 57 57.66 8.06 -10.82
CA ILE B 57 59.02 7.53 -11.05
C ILE B 57 58.99 6.24 -11.86
N ARG B 58 57.97 5.40 -11.67
CA ARG B 58 57.78 4.19 -12.48
C ARG B 58 57.66 4.52 -13.97
N TYR B 59 57.12 5.67 -14.33
CA TYR B 59 57.12 6.14 -15.72
C TYR B 59 58.49 6.63 -16.17
N GLU B 60 59.17 7.48 -15.42
CA GLU B 60 60.48 7.99 -15.84
C GLU B 60 61.55 6.89 -15.98
N SER B 61 61.52 5.88 -15.09
CA SER B 61 62.47 4.78 -15.14
C SER B 61 62.29 3.88 -16.35
N LEU B 62 61.18 3.96 -17.12
CA LEU B 62 61.06 3.24 -18.39
C LEU B 62 62.08 3.70 -19.42
N THR B 63 62.50 4.97 -19.36
CA THR B 63 63.38 5.58 -20.37
C THR B 63 64.72 6.04 -19.80
N ASP B 64 64.83 6.28 -18.49
CA ASP B 64 66.10 6.45 -17.75
C ASP B 64 66.23 5.42 -16.62
N PRO B 65 66.60 4.17 -16.91
CA PRO B 65 66.59 3.10 -15.91
C PRO B 65 67.50 3.32 -14.69
N SER B 66 68.46 4.25 -14.73
CA SER B 66 69.23 4.60 -13.53
C SER B 66 68.43 5.34 -12.46
N LYS B 67 67.24 5.87 -12.77
CA LYS B 67 66.38 6.62 -11.81
C LYS B 67 66.12 5.84 -10.52
N LEU B 68 65.97 4.52 -10.61
CA LEU B 68 65.66 3.67 -9.46
C LEU B 68 66.89 3.28 -8.62
N ASP B 69 68.10 3.70 -8.96
CA ASP B 69 69.31 3.30 -8.23
C ASP B 69 69.41 3.87 -6.80
N SER B 70 68.58 4.87 -6.47
CA SER B 70 68.34 5.34 -5.09
C SER B 70 67.40 4.44 -4.28
N GLY B 71 66.83 3.39 -4.87
CA GLY B 71 66.03 2.36 -4.22
C GLY B 71 65.09 1.66 -5.21
N LYS B 72 65.23 0.35 -5.39
CA LYS B 72 64.62 -0.40 -6.53
C LYS B 72 63.13 -0.70 -6.38
N GLU B 73 62.66 -0.84 -5.14
CA GLU B 73 61.30 -1.31 -4.81
C GLU B 73 60.25 -0.19 -4.78
N LEU B 74 59.03 -0.48 -5.27
CA LEU B 74 57.89 0.44 -5.27
C LEU B 74 56.82 -0.08 -4.30
N LYS B 75 56.62 0.62 -3.17
CA LYS B 75 55.80 0.17 -2.03
C LYS B 75 55.26 1.30 -1.16
N ILE B 76 54.30 0.98 -0.30
CA ILE B 76 53.70 1.89 0.68
C ILE B 76 53.75 1.22 2.05
N ASP B 77 54.19 1.93 3.10
CA ASP B 77 54.22 1.45 4.48
C ASP B 77 53.38 2.36 5.40
N ILE B 78 52.54 1.78 6.25
CA ILE B 78 51.77 2.50 7.27
C ILE B 78 52.30 2.09 8.64
N ILE B 79 52.66 3.05 9.49
CA ILE B 79 53.39 2.80 10.73
C ILE B 79 52.79 3.61 11.88
N PRO B 80 51.73 3.13 12.57
CA PRO B 80 51.21 3.79 13.75
C PRO B 80 52.20 3.74 14.90
N ASN B 81 52.06 4.63 15.88
CA ASN B 81 52.91 4.67 17.06
C ASN B 81 52.10 5.06 18.31
N PRO B 82 51.51 4.09 19.03
CA PRO B 82 50.65 4.37 20.19
C PRO B 82 51.40 5.09 21.30
N GLN B 83 52.69 4.79 21.43
CA GLN B 83 53.58 5.34 22.46
C GLN B 83 53.80 6.86 22.31
N GLU B 84 53.83 7.37 21.07
CA GLU B 84 54.17 8.75 20.73
C GLU B 84 52.99 9.54 20.11
N ARG B 85 51.83 8.89 19.99
CA ARG B 85 50.59 9.42 19.42
C ARG B 85 50.76 9.97 18.00
N THR B 86 51.48 9.36 17.09
CA THR B 86 51.70 9.57 15.72
C THR B 86 51.21 8.47 14.81
N LEU B 87 50.75 8.81 13.62
CA LEU B 87 50.58 7.88 12.50
C LEU B 87 51.50 8.32 11.37
N THR B 88 52.37 7.44 10.89
CA THR B 88 53.29 7.72 9.78
C THR B 88 52.89 6.95 8.55
N LEU B 89 52.98 7.55 7.37
CA LEU B 89 52.85 6.90 6.06
C LEU B 89 54.13 7.12 5.26
N VAL B 90 54.70 6.09 4.65
CA VAL B 90 55.96 6.16 3.91
C VAL B 90 55.76 5.61 2.51
N ASP B 91 56.40 6.19 1.51
CA ASP B 91 56.46 5.62 0.17
C ASP B 91 57.84 5.80 -0.45
N THR B 92 58.16 4.97 -1.44
CA THR B 92 59.39 5.03 -2.23
C THR B 92 59.17 5.68 -3.60
N GLY B 93 58.18 6.56 -3.73
CA GLY B 93 57.86 7.27 -4.96
C GLY B 93 58.84 8.39 -5.30
N ILE B 94 58.46 9.28 -6.22
CA ILE B 94 59.34 10.30 -6.77
C ILE B 94 59.93 11.26 -5.72
N GLY B 95 59.21 11.66 -4.66
CA GLY B 95 59.72 12.67 -3.70
C GLY B 95 59.63 14.10 -4.25
N MET B 96 60.06 15.11 -3.48
CA MET B 96 59.96 16.51 -3.87
C MET B 96 61.28 17.28 -3.70
N THR B 97 61.60 18.18 -4.63
CA THR B 97 62.69 19.17 -4.46
C THR B 97 62.26 20.27 -3.50
N LYS B 98 63.18 21.16 -3.12
CA LYS B 98 62.85 22.34 -2.30
C LYS B 98 61.84 23.24 -2.99
N ALA B 99 62.02 23.53 -4.28
CA ALA B 99 61.04 24.29 -5.06
C ALA B 99 59.66 23.62 -5.08
N ASP B 100 59.58 22.30 -5.15
CA ASP B 100 58.30 21.58 -5.13
C ASP B 100 57.62 21.61 -3.76
N LEU B 101 58.33 21.57 -2.63
CA LEU B 101 57.70 21.76 -1.32
C LEU B 101 57.04 23.13 -1.19
N ILE B 102 57.72 24.21 -1.60
CA ILE B 102 57.18 25.56 -1.54
C ILE B 102 55.94 25.69 -2.44
N ASN B 103 56.03 25.24 -3.68
CA ASN B 103 54.95 25.42 -4.64
C ASN B 103 53.75 24.48 -4.38
N ASN B 104 53.99 23.18 -4.17
CA ASN B 104 52.90 22.21 -4.15
C ASN B 104 52.26 22.03 -2.77
N LEU B 105 52.98 22.12 -1.63
CA LEU B 105 52.29 22.04 -0.33
C LEU B 105 51.87 23.43 0.17
N GLY B 106 52.55 24.48 -0.29
CA GLY B 106 52.27 25.86 0.07
C GLY B 106 51.14 26.54 -0.71
N THR B 107 50.66 25.98 -1.82
CA THR B 107 49.67 26.68 -2.65
C THR B 107 48.38 25.88 -2.69
N ILE B 108 47.32 26.46 -2.15
CA ILE B 108 45.96 25.91 -2.20
C ILE B 108 45.47 25.89 -3.66
N ALA B 109 44.83 24.81 -4.08
CA ALA B 109 44.31 24.60 -5.44
C ALA B 109 45.36 24.50 -6.56
N LYS B 110 46.64 24.25 -6.27
CA LYS B 110 47.68 23.87 -7.25
C LYS B 110 48.02 22.38 -7.15
N SER B 111 48.10 21.70 -8.27
CA SER B 111 48.42 20.29 -8.31
C SER B 111 49.68 20.03 -9.11
N GLY B 112 50.68 19.42 -8.49
CA GLY B 112 51.86 18.95 -9.19
C GLY B 112 51.50 17.81 -10.12
N THR B 113 50.53 17.03 -9.71
CA THR B 113 50.09 15.92 -10.50
C THR B 113 49.60 16.31 -11.85
N LYS B 114 48.78 17.37 -11.96
CA LYS B 114 48.35 17.58 -13.30
C LYS B 114 49.46 18.18 -14.11
N ALA B 115 50.35 18.94 -13.48
CA ALA B 115 51.41 19.51 -14.29
C ALA B 115 52.25 18.41 -14.91
N PHE B 116 52.48 17.39 -14.11
CA PHE B 116 53.23 16.26 -14.55
C PHE B 116 52.57 15.63 -15.72
N MET B 117 51.26 15.36 -15.61
CA MET B 117 50.48 14.74 -16.67
C MET B 117 50.48 15.57 -17.95
N GLU B 118 50.56 16.89 -17.85
CA GLU B 118 50.56 17.72 -19.06
C GLU B 118 51.87 17.52 -19.81
N ALA B 119 52.99 17.40 -19.10
CA ALA B 119 54.30 17.22 -19.71
C ALA B 119 54.43 15.89 -20.50
N LEU B 120 53.58 14.89 -20.21
CA LEU B 120 53.51 13.65 -20.99
C LEU B 120 52.88 13.89 -22.37
N GLN B 121 53.35 13.17 -23.39
CA GLN B 121 52.94 13.33 -24.79
C GLN B 121 52.36 12.04 -25.38
N ALA B 122 51.45 12.21 -26.33
CA ALA B 122 50.98 11.16 -27.23
C ALA B 122 50.41 9.89 -26.54
N GLY B 123 49.68 10.08 -25.44
CA GLY B 123 48.96 9.02 -24.73
C GLY B 123 49.87 8.03 -24.01
N ALA B 124 50.61 8.52 -23.01
CA ALA B 124 51.42 7.71 -22.12
C ALA B 124 50.54 6.76 -21.30
N ASP B 125 51.07 5.60 -20.93
CA ASP B 125 50.34 4.59 -20.13
C ASP B 125 50.35 4.91 -18.61
N ILE B 126 49.85 6.10 -18.26
CA ILE B 126 49.73 6.60 -16.90
C ILE B 126 48.34 7.23 -16.71
N SER B 127 47.65 6.87 -15.61
CA SER B 127 46.35 7.42 -15.24
C SER B 127 46.31 7.68 -13.74
N MET B 128 46.59 8.91 -13.35
CA MET B 128 46.80 9.32 -11.97
C MET B 128 45.52 9.83 -11.32
N ILE B 129 45.45 9.85 -9.99
CA ILE B 129 44.20 10.18 -9.27
C ILE B 129 44.05 11.68 -8.94
N GLY B 130 45.10 12.36 -8.48
CA GLY B 130 44.97 13.60 -7.70
C GLY B 130 44.80 14.95 -8.43
N GLN B 131 43.77 15.11 -9.25
CA GLN B 131 43.54 16.30 -10.11
C GLN B 131 43.35 17.67 -9.41
N PHE B 132 42.59 17.80 -8.32
CA PHE B 132 42.08 19.10 -7.81
C PHE B 132 43.10 19.99 -7.07
N GLY B 133 44.03 19.41 -6.30
CA GLY B 133 45.00 20.20 -5.53
C GLY B 133 44.53 20.71 -4.17
N VAL B 134 43.54 20.06 -3.56
CA VAL B 134 42.99 20.39 -2.23
C VAL B 134 43.05 19.23 -1.23
N GLY B 135 43.28 17.99 -1.62
CA GLY B 135 43.20 16.87 -0.68
C GLY B 135 44.27 16.79 0.39
N PHE B 136 45.51 17.22 0.18
CA PHE B 136 46.54 17.08 1.21
C PHE B 136 46.07 17.66 2.54
N TYR B 137 45.34 18.74 2.51
CA TYR B 137 44.93 19.41 3.74
C TYR B 137 43.87 18.65 4.57
N SER B 138 43.27 17.59 4.05
CA SER B 138 42.47 16.67 4.86
C SER B 138 43.26 16.01 6.00
N ALA B 139 44.59 16.08 6.02
CA ALA B 139 45.39 15.59 7.11
C ALA B 139 45.00 16.27 8.42
N TYR B 140 44.66 17.55 8.33
CA TYR B 140 44.27 18.38 9.47
C TYR B 140 42.86 18.07 9.98
N LEU B 141 42.19 17.05 9.44
CA LEU B 141 40.92 16.63 9.96
C LEU B 141 41.20 15.90 11.26
N VAL B 142 42.35 15.21 11.34
CA VAL B 142 42.66 14.46 12.55
C VAL B 142 43.92 14.91 13.24
N ALA B 143 44.78 15.65 12.53
CA ALA B 143 46.06 16.01 13.11
C ALA B 143 46.10 17.40 13.68
N GLU B 144 46.91 17.55 14.71
CA GLU B 144 47.21 18.84 15.29
C GLU B 144 48.33 19.45 14.51
N LYS B 145 49.30 18.64 14.06
CA LYS B 145 50.48 19.08 13.31
C LYS B 145 50.87 18.03 12.28
N VAL B 146 51.32 18.47 11.12
CA VAL B 146 51.78 17.60 10.02
C VAL B 146 53.22 17.92 9.70
N VAL B 147 54.05 16.90 9.56
CA VAL B 147 55.42 17.01 9.07
C VAL B 147 55.55 16.16 7.82
N VAL B 148 56.10 16.69 6.75
CA VAL B 148 56.46 15.93 5.55
C VAL B 148 57.96 15.95 5.45
N ILE B 149 58.62 14.80 5.51
CA ILE B 149 60.05 14.65 5.19
C ILE B 149 60.16 14.07 3.79
N THR B 150 61.00 14.60 2.92
CA THR B 150 61.09 14.12 1.53
C THR B 150 62.48 14.27 0.93
N LYS B 151 62.80 13.44 -0.07
CA LYS B 151 64.01 13.54 -0.90
C LYS B 151 63.72 13.12 -2.33
N HIS B 152 63.97 14.01 -3.29
CA HIS B 152 64.00 13.71 -4.73
C HIS B 152 65.36 13.13 -5.12
N ASN B 153 65.53 12.61 -6.33
CA ASN B 153 66.87 12.25 -6.83
C ASN B 153 67.79 13.47 -7.02
N ASP B 154 67.24 14.61 -7.43
CA ASP B 154 68.01 15.81 -7.81
C ASP B 154 68.14 16.85 -6.68
N ASP B 155 68.04 16.48 -5.40
CA ASP B 155 68.01 17.43 -4.28
C ASP B 155 68.40 16.81 -2.92
N GLU B 156 68.62 17.65 -1.90
CA GLU B 156 68.81 17.23 -0.51
C GLU B 156 67.52 16.70 0.14
N GLN B 157 67.63 16.15 1.35
CA GLN B 157 66.46 15.80 2.16
C GLN B 157 65.95 17.02 2.94
N TYR B 158 64.65 17.30 2.89
CA TYR B 158 64.03 18.44 3.58
C TYR B 158 62.86 18.02 4.45
N ALA B 159 62.56 18.82 5.46
CA ALA B 159 61.34 18.75 6.24
C ALA B 159 60.46 19.96 5.94
N TRP B 160 59.22 19.88 5.72
CA TRP B 160 58.12 20.70 5.71
C TRP B 160 57.32 20.51 6.98
N GLU B 161 56.93 21.57 7.68
CA GLU B 161 56.12 21.46 8.90
C GLU B 161 55.05 22.54 8.96
N SER B 162 53.82 22.21 9.35
CA SER B 162 52.79 23.19 9.69
C SER B 162 51.68 22.61 10.56
N SER B 163 51.05 23.46 11.39
CA SER B 163 49.81 23.20 12.12
C SER B 163 48.60 23.93 11.51
N ALA B 164 48.68 24.30 10.22
CA ALA B 164 47.67 25.00 9.43
C ALA B 164 47.30 26.42 9.93
N GLY B 165 48.11 27.01 10.80
CA GLY B 165 47.97 28.38 11.31
C GLY B 165 48.47 29.46 10.35
N GLY B 166 48.00 29.47 9.11
CA GLY B 166 48.31 30.49 8.10
C GLY B 166 49.73 30.46 7.51
N SER B 167 50.66 29.74 8.12
CA SER B 167 52.06 29.62 7.67
C SER B 167 52.62 28.20 7.74
N PHE B 168 53.68 27.95 7.00
CA PHE B 168 54.44 26.71 7.02
C PHE B 168 55.94 26.97 7.05
N THR B 169 56.72 26.00 7.50
CA THR B 169 58.18 26.08 7.61
C THR B 169 58.85 25.07 6.68
N VAL B 170 59.96 25.41 6.04
CA VAL B 170 60.82 24.45 5.32
C VAL B 170 62.24 24.51 5.88
N ARG B 171 62.85 23.34 6.06
CA ARG B 171 64.14 23.14 6.73
C ARG B 171 64.90 22.02 6.04
N ALA B 172 66.22 22.12 5.92
CA ALA B 172 67.03 20.97 5.49
C ALA B 172 67.13 19.93 6.63
N ASP B 173 66.78 18.68 6.36
CA ASP B 173 66.72 17.65 7.40
C ASP B 173 68.10 17.03 7.66
N HIS B 174 68.37 16.56 8.89
CA HIS B 174 69.57 15.85 9.18
C HIS B 174 69.34 14.55 9.94
N GLY B 175 68.20 13.89 9.73
CA GLY B 175 67.96 12.66 10.46
C GLY B 175 68.39 11.48 9.62
N GLU B 176 67.83 10.33 9.93
CA GLU B 176 68.19 9.15 9.20
C GLU B 176 67.82 9.45 7.79
N PRO B 177 68.58 9.03 6.81
CA PRO B 177 68.30 9.25 5.45
C PRO B 177 67.16 8.40 5.02
N ILE B 178 66.46 8.92 4.04
CA ILE B 178 65.45 8.19 3.34
C ILE B 178 66.15 7.98 2.03
N GLY B 179 66.14 6.78 1.44
CA GLY B 179 66.83 6.54 0.16
C GLY B 179 66.27 7.39 -0.99
N ARG B 180 64.95 7.41 -1.13
CA ARG B 180 64.17 8.30 -2.01
C ARG B 180 62.75 8.35 -1.49
N GLY B 181 62.02 9.40 -1.83
CA GLY B 181 60.56 9.45 -1.67
C GLY B 181 60.13 10.33 -0.53
N THR B 182 59.10 9.93 0.20
CA THR B 182 58.43 10.80 1.16
C THR B 182 57.93 10.05 2.37
N LYS B 183 57.94 10.71 3.52
CA LYS B 183 57.41 10.26 4.80
C LYS B 183 56.47 11.33 5.32
N VAL B 184 55.22 11.00 5.56
CA VAL B 184 54.20 11.92 6.13
C VAL B 184 53.97 11.52 7.58
N ILE B 185 54.06 12.44 8.53
CA ILE B 185 53.92 12.15 9.96
C ILE B 185 52.78 12.98 10.54
N LEU B 186 51.75 12.35 11.08
CA LEU B 186 50.59 13.04 11.66
C LEU B 186 50.70 13.01 13.17
N HIS B 187 50.63 14.15 13.84
CA HIS B 187 50.58 14.19 15.29
C HIS B 187 49.11 14.32 15.56
N LEU B 188 48.49 13.27 16.08
CA LEU B 188 47.04 13.17 16.20
C LEU B 188 46.49 13.91 17.42
N LYS B 189 45.27 14.40 17.28
CA LYS B 189 44.45 15.02 18.31
C LYS B 189 44.09 13.94 19.32
N GLU B 190 43.95 14.33 20.59
CA GLU B 190 43.79 13.33 21.66
C GLU B 190 42.45 12.59 21.56
N ASP B 191 41.44 13.22 20.96
CA ASP B 191 40.12 12.63 20.70
C ASP B 191 40.00 12.03 19.29
N GLN B 192 41.11 11.75 18.62
CA GLN B 192 41.20 11.03 17.34
C GLN B 192 42.18 9.83 17.41
N THR B 193 42.50 9.33 18.60
CA THR B 193 43.45 8.22 18.80
C THR B 193 42.97 6.88 18.21
N GLU B 194 41.71 6.80 17.77
CA GLU B 194 41.12 5.66 17.11
C GLU B 194 42.00 5.10 15.98
N TYR B 195 42.60 5.99 15.20
CA TYR B 195 43.40 5.63 14.02
C TYR B 195 44.79 5.08 14.37
N LEU B 196 45.16 4.98 15.66
CA LEU B 196 46.36 4.24 16.06
C LEU B 196 46.07 2.75 16.26
N GLU B 197 44.80 2.38 16.41
CA GLU B 197 44.34 1.03 16.68
C GLU B 197 44.38 0.17 15.42
N GLU B 198 44.87 -1.04 15.56
CA GLU B 198 44.99 -2.06 14.52
C GLU B 198 43.68 -2.25 13.74
N ARG B 199 42.55 -2.31 14.43
CA ARG B 199 41.26 -2.54 13.78
C ARG B 199 40.82 -1.39 12.89
N ARG B 200 40.95 -0.09 13.26
CA ARG B 200 40.42 0.90 12.36
C ARG B 200 41.29 1.04 11.17
N VAL B 201 42.60 0.93 11.29
CA VAL B 201 43.45 1.06 10.11
C VAL B 201 43.09 -0.03 9.11
N LYS B 202 42.80 -1.26 9.57
CA LYS B 202 42.45 -2.27 8.61
C LYS B 202 41.11 -1.99 7.96
N GLU B 203 40.14 -1.52 8.74
CA GLU B 203 38.86 -1.26 8.13
C GLU B 203 38.91 -0.16 7.11
N VAL B 204 39.63 0.91 7.42
CA VAL B 204 39.65 2.02 6.52
C VAL B 204 40.36 1.68 5.25
N VAL B 205 41.51 1.01 5.32
CA VAL B 205 42.27 0.69 4.11
C VAL B 205 41.47 -0.29 3.25
N LYS B 206 40.83 -1.29 3.85
CA LYS B 206 40.05 -2.25 3.05
C LYS B 206 38.79 -1.60 2.48
N LYS B 207 38.18 -0.62 3.17
CA LYS B 207 37.02 0.02 2.62
C LYS B 207 37.29 0.93 1.46
N HIS B 208 38.33 1.76 1.55
CA HIS B 208 38.53 2.73 0.48
C HIS B 208 39.62 2.46 -0.55
N SER B 209 40.67 1.71 -0.22
CA SER B 209 41.90 1.67 -1.02
C SER B 209 42.36 0.27 -1.46
N GLN B 210 41.55 -0.78 -1.33
CA GLN B 210 42.02 -2.14 -1.56
C GLN B 210 42.43 -2.48 -3.01
N PHE B 211 42.15 -1.63 -3.99
CA PHE B 211 42.52 -1.84 -5.40
C PHE B 211 43.60 -0.87 -5.92
N ILE B 212 44.32 -0.14 -5.07
CA ILE B 212 45.26 0.92 -5.52
C ILE B 212 46.48 0.45 -6.32
N GLY B 213 46.95 -0.79 -6.20
CA GLY B 213 47.95 -1.32 -7.15
C GLY B 213 49.43 -1.13 -6.81
N TYR B 214 49.71 -0.78 -5.57
CA TYR B 214 50.95 -1.02 -4.89
C TYR B 214 50.82 -1.74 -3.53
N PRO B 215 51.78 -2.54 -3.11
CA PRO B 215 51.62 -3.23 -1.83
C PRO B 215 51.60 -2.23 -0.67
N ILE B 216 50.52 -2.25 0.13
CA ILE B 216 50.35 -1.44 1.33
C ILE B 216 50.66 -2.31 2.55
N THR B 217 51.73 -2.04 3.28
CA THR B 217 52.16 -2.86 4.42
C THR B 217 51.90 -2.14 5.73
N LEU B 218 51.29 -2.80 6.72
CA LEU B 218 51.05 -2.26 8.05
C LEU B 218 51.99 -2.89 9.08
N TYR B 219 52.64 -2.06 9.90
CA TYR B 219 53.63 -2.46 10.90
C TYR B 219 53.11 -2.28 12.32
N LEU B 220 53.21 -3.31 13.16
CA LEU B 220 52.76 -3.27 14.57
C LEU B 220 53.76 -3.97 15.50
N GLU B 221 53.97 -3.40 16.69
CA GLU B 221 55.05 -3.75 17.61
C GLU B 221 54.87 -5.08 18.36
N LYS B 222 53.71 -5.74 18.19
CA LYS B 222 53.43 -7.07 18.76
C LYS B 222 52.58 -7.92 17.83
N GLU B 223 52.90 -9.21 17.79
CA GLU B 223 52.12 -10.32 17.19
C GLU B 223 52.39 -11.63 17.94
N LYS B 276 55.58 -15.54 17.78
CA LYS B 276 55.55 -14.13 18.25
C LYS B 276 56.49 -13.26 17.42
N GLU B 277 56.13 -12.01 17.12
CA GLU B 277 57.03 -11.03 16.46
C GLU B 277 56.95 -9.64 17.09
N LYS B 278 58.11 -8.94 17.13
CA LYS B 278 58.24 -7.56 17.62
C LYS B 278 57.96 -6.50 16.54
N TYR B 279 57.88 -6.88 15.28
CA TYR B 279 57.30 -6.07 14.21
C TYR B 279 56.59 -7.00 13.21
N ILE B 280 55.27 -7.18 13.32
CA ILE B 280 54.56 -7.80 12.20
C ILE B 280 54.53 -6.79 11.06
N ASP B 281 54.81 -7.20 9.84
CA ASP B 281 54.71 -6.38 8.65
C ASP B 281 53.70 -6.98 7.66
N GLN B 282 52.44 -6.78 7.90
CA GLN B 282 51.33 -7.37 7.16
C GLN B 282 51.05 -6.64 5.83
N GLU B 283 51.40 -7.21 4.68
CA GLU B 283 51.02 -6.65 3.37
C GLU B 283 49.55 -6.90 3.01
N GLU B 284 48.84 -7.71 3.79
CA GLU B 284 47.54 -8.27 3.41
C GLU B 284 46.41 -7.24 3.29
N LEU B 285 46.66 -5.99 3.69
CA LEU B 285 45.77 -4.86 3.47
C LEU B 285 45.46 -4.68 1.98
N ASN B 286 46.34 -5.11 1.07
CA ASN B 286 46.18 -4.96 -0.38
C ASN B 286 46.37 -6.31 -1.11
N LYS B 287 45.99 -7.43 -0.49
CA LYS B 287 46.31 -8.75 -1.03
C LYS B 287 45.62 -9.06 -2.37
N THR B 288 44.36 -8.68 -2.53
CA THR B 288 43.61 -9.01 -3.75
C THR B 288 43.91 -8.09 -4.91
N LYS B 289 44.15 -8.66 -6.08
CA LYS B 289 44.40 -7.89 -7.27
C LYS B 289 43.06 -7.50 -7.84
N PRO B 290 42.95 -6.36 -8.54
CA PRO B 290 41.74 -5.96 -9.25
C PRO B 290 41.61 -6.71 -10.57
N ILE B 291 41.03 -7.90 -10.56
CA ILE B 291 41.02 -8.81 -11.73
C ILE B 291 40.37 -8.20 -12.98
N TRP B 292 39.44 -7.27 -12.86
CA TRP B 292 38.69 -6.73 -14.01
C TRP B 292 39.53 -5.93 -15.01
N THR B 293 40.76 -5.54 -14.66
CA THR B 293 41.66 -4.74 -15.45
C THR B 293 42.40 -5.57 -16.49
N ARG B 294 42.44 -6.89 -16.30
CA ARG B 294 43.10 -7.85 -17.20
C ARG B 294 42.21 -8.14 -18.40
N ASN B 295 42.81 -8.60 -19.49
CA ASN B 295 42.06 -9.10 -20.63
C ASN B 295 41.39 -10.44 -20.22
N PRO B 296 40.07 -10.58 -20.36
CA PRO B 296 39.29 -11.70 -19.89
C PRO B 296 39.70 -13.02 -20.49
N ASP B 297 40.29 -13.04 -21.70
CA ASP B 297 40.81 -14.26 -22.31
C ASP B 297 41.95 -14.88 -21.50
N ASP B 298 42.65 -14.08 -20.71
CA ASP B 298 43.71 -14.53 -19.82
C ASP B 298 43.19 -15.14 -18.51
N ILE B 299 41.89 -15.00 -18.21
CA ILE B 299 41.33 -15.26 -16.87
C ILE B 299 40.55 -16.57 -16.85
N THR B 300 40.91 -17.47 -15.93
CA THR B 300 40.25 -18.77 -15.72
C THR B 300 39.25 -18.71 -14.58
N GLN B 301 38.39 -19.71 -14.47
CA GLN B 301 37.37 -19.75 -13.42
C GLN B 301 37.94 -19.79 -12.00
N GLU B 302 39.14 -20.32 -11.80
CA GLU B 302 39.80 -20.23 -10.50
C GLU B 302 40.03 -18.77 -10.07
N GLU B 303 40.41 -17.92 -11.03
CA GLU B 303 40.73 -16.52 -10.75
C GLU B 303 39.49 -15.71 -10.48
N TYR B 304 38.46 -15.83 -11.34
CA TYR B 304 37.16 -15.26 -10.99
C TYR B 304 36.66 -15.77 -9.63
N GLY B 305 36.83 -17.06 -9.33
CA GLY B 305 36.38 -17.64 -8.08
C GLY B 305 37.04 -17.00 -6.85
N GLU B 306 38.37 -16.92 -6.84
CA GLU B 306 39.09 -16.32 -5.72
C GLU B 306 38.73 -14.85 -5.54
N PHE B 307 38.55 -14.12 -6.64
CA PHE B 307 38.19 -12.72 -6.56
C PHE B 307 36.86 -12.58 -5.91
N TYR B 308 35.86 -13.33 -6.39
CA TYR B 308 34.47 -13.24 -5.97
C TYR B 308 34.32 -13.57 -4.49
N LYS B 309 35.01 -14.61 -4.00
CA LYS B 309 35.09 -14.88 -2.57
C LYS B 309 35.64 -13.64 -1.84
N SER B 310 36.68 -13.02 -2.39
CA SER B 310 37.29 -11.83 -1.80
C SER B 310 36.43 -10.57 -1.86
N LEU B 311 35.66 -10.37 -2.92
CA LEU B 311 34.69 -9.29 -3.11
C LEU B 311 33.51 -9.40 -2.14
N THR B 312 33.00 -10.60 -1.91
CA THR B 312 31.69 -10.82 -1.28
C THR B 312 31.74 -11.52 0.08
N ASN B 313 32.89 -12.08 0.47
CA ASN B 313 33.04 -12.96 1.64
C ASN B 313 32.19 -14.25 1.60
N ASP B 314 31.68 -14.62 0.43
CA ASP B 314 31.06 -15.93 0.20
C ASP B 314 32.09 -17.07 0.38
N TRP B 315 31.65 -18.22 0.90
CA TRP B 315 32.48 -19.42 1.04
C TRP B 315 32.37 -20.37 -0.17
N GLU B 316 31.47 -20.08 -1.10
CA GLU B 316 31.21 -20.88 -2.31
C GLU B 316 31.39 -20.03 -3.58
N ASP B 317 31.67 -20.67 -4.72
CA ASP B 317 31.85 -19.98 -5.99
C ASP B 317 30.58 -19.27 -6.48
N HIS B 318 30.73 -18.36 -7.45
CA HIS B 318 29.63 -17.83 -8.26
C HIS B 318 29.02 -18.91 -9.17
N LEU B 319 27.75 -18.74 -9.55
CA LEU B 319 27.09 -19.61 -10.53
C LEU B 319 27.50 -19.28 -11.95
N ALA B 320 27.47 -18.00 -12.26
CA ALA B 320 27.92 -17.44 -13.50
C ALA B 320 28.48 -16.06 -13.27
N VAL B 321 29.41 -15.68 -14.13
CA VAL B 321 30.04 -14.36 -14.17
C VAL B 321 30.09 -13.76 -15.56
N LYS B 322 29.83 -12.47 -15.61
CA LYS B 322 29.95 -11.74 -16.86
C LYS B 322 30.92 -10.59 -16.74
N HIS B 323 31.94 -10.44 -17.48
CA HIS B 323 32.93 -9.51 -17.72
C HIS B 323 32.67 -8.71 -18.98
N PHE B 324 32.54 -7.37 -18.92
CA PHE B 324 32.32 -6.60 -20.13
C PHE B 324 32.88 -5.23 -20.04
N SER B 325 32.95 -4.56 -21.19
CA SER B 325 33.40 -3.17 -21.15
C SER B 325 32.68 -2.33 -22.15
N VAL B 326 32.74 -1.00 -22.01
CA VAL B 326 32.02 -0.02 -22.85
C VAL B 326 32.92 1.19 -23.11
N GLU B 327 32.81 1.82 -24.28
CA GLU B 327 33.73 2.87 -24.76
C GLU B 327 32.98 4.04 -25.41
N GLY B 328 33.61 5.21 -25.53
CA GLY B 328 33.00 6.42 -26.09
C GLY B 328 33.21 7.63 -25.18
N GLN B 329 32.19 8.48 -25.00
CA GLN B 329 32.23 9.55 -23.98
C GLN B 329 32.24 8.98 -22.55
N LEU B 330 31.40 7.98 -22.29
CA LEU B 330 31.34 7.24 -21.03
C LEU B 330 32.10 5.91 -21.18
N GLU B 331 33.19 5.76 -20.45
CA GLU B 331 34.08 4.60 -20.50
C GLU B 331 34.08 3.86 -19.17
N PHE B 332 33.88 2.54 -19.19
CA PHE B 332 33.99 1.73 -17.97
C PHE B 332 34.19 0.26 -18.23
N ARG B 333 34.61 -0.45 -17.20
CA ARG B 333 34.72 -1.91 -17.23
C ARG B 333 33.90 -2.45 -16.08
N ALA B 334 33.37 -3.68 -16.20
CA ALA B 334 32.63 -4.19 -15.06
C ALA B 334 32.60 -5.71 -14.94
N LEU B 335 32.38 -6.15 -13.69
CA LEU B 335 32.15 -7.56 -13.32
C LEU B 335 30.86 -7.76 -12.60
N LEU B 336 30.04 -8.66 -13.13
CA LEU B 336 28.78 -8.98 -12.49
C LEU B 336 28.72 -10.46 -12.15
N PHE B 337 28.36 -10.82 -10.93
CA PHE B 337 28.29 -12.20 -10.48
C PHE B 337 26.88 -12.57 -10.04
N ILE B 338 26.37 -13.70 -10.52
CA ILE B 338 25.19 -14.35 -9.98
C ILE B 338 25.65 -15.33 -8.90
N PRO B 339 25.27 -15.17 -7.63
CA PRO B 339 25.63 -16.12 -6.58
C PRO B 339 24.89 -17.47 -6.75
N ARG B 340 25.45 -18.60 -6.28
CA ARG B 340 24.79 -19.93 -6.33
C ARG B 340 23.58 -20.09 -5.42
N ARG B 341 23.41 -19.21 -4.44
CA ARG B 341 22.34 -19.25 -3.42
C ARG B 341 21.76 -17.86 -3.26
N ALA B 342 20.46 -17.75 -3.03
CA ALA B 342 19.91 -16.49 -2.56
C ALA B 342 20.50 -16.17 -1.19
N PRO B 343 20.98 -14.94 -0.93
CA PRO B 343 21.38 -14.54 0.41
C PRO B 343 20.26 -14.77 1.42
N PHE B 344 20.59 -15.26 2.62
CA PHE B 344 19.59 -15.64 3.63
C PHE B 344 18.57 -14.54 3.92
N ASP B 345 18.99 -13.29 3.77
CA ASP B 345 18.22 -12.08 4.05
C ASP B 345 18.16 -11.13 2.83
N LEU B 346 18.23 -11.66 1.60
CA LEU B 346 18.20 -10.92 0.34
C LEU B 346 17.11 -9.87 0.22
N PHE B 347 15.90 -10.20 0.68
CA PHE B 347 14.75 -9.32 0.53
C PHE B 347 14.49 -8.44 1.75
N GLU B 348 15.36 -8.42 2.77
CA GLU B 348 14.98 -7.63 3.93
C GLU B 348 15.03 -6.14 3.65
N ASN B 349 13.96 -5.46 4.05
CA ASN B 349 13.78 -4.04 3.79
C ASN B 349 14.34 -3.14 4.86
N LYS B 350 15.06 -3.73 5.79
CA LYS B 350 15.72 -2.99 6.84
C LYS B 350 17.21 -2.92 6.57
N LYS B 351 17.70 -3.64 5.54
CA LYS B 351 19.14 -3.64 5.33
C LYS B 351 19.55 -2.90 4.07
N LYS B 352 20.49 -1.98 4.25
CA LYS B 352 21.15 -1.19 3.19
C LYS B 352 21.99 -2.14 2.34
N LYS B 353 21.87 -2.12 1.02
CA LYS B 353 22.62 -3.07 0.15
C LYS B 353 24.00 -2.54 -0.24
N ASN B 354 25.02 -3.40 -0.16
CA ASN B 354 26.41 -3.13 -0.61
C ASN B 354 26.71 -3.72 -2.00
N ASN B 355 25.72 -4.16 -2.76
CA ASN B 355 25.90 -5.18 -3.78
C ASN B 355 26.80 -4.80 -4.97
N ILE B 356 26.66 -3.59 -5.52
CA ILE B 356 27.48 -3.01 -6.59
C ILE B 356 28.33 -1.91 -5.97
N LYS B 357 29.64 -1.91 -6.21
CA LYS B 357 30.48 -0.81 -5.81
C LYS B 357 30.99 -0.09 -7.03
N LEU B 358 31.03 1.24 -6.99
CA LEU B 358 31.51 2.08 -8.10
C LEU B 358 32.87 2.68 -7.71
N TYR B 359 33.87 2.43 -8.55
CA TYR B 359 35.21 2.90 -8.41
C TYR B 359 35.58 3.83 -9.53
N VAL B 360 36.40 4.82 -9.27
CA VAL B 360 36.96 5.67 -10.34
C VAL B 360 38.45 5.60 -10.25
N ARG B 361 39.08 5.26 -11.37
CA ARG B 361 40.52 5.07 -11.48
C ARG B 361 40.99 4.17 -10.32
N ARG B 362 40.19 3.14 -10.01
CA ARG B 362 40.39 2.16 -8.95
C ARG B 362 40.32 2.60 -7.48
N VAL B 363 39.78 3.77 -7.17
CA VAL B 363 39.44 4.21 -5.79
C VAL B 363 37.94 4.27 -5.61
N PHE B 364 37.44 3.91 -4.42
CA PHE B 364 36.04 3.73 -4.12
C PHE B 364 35.28 5.05 -4.02
N ILE B 365 34.21 5.21 -4.79
CA ILE B 365 33.37 6.42 -4.73
C ILE B 365 32.15 6.20 -3.87
N MET B 366 31.30 5.23 -4.23
CA MET B 366 29.95 5.14 -3.67
C MET B 366 29.35 3.74 -3.70
N ASP B 367 28.20 3.64 -3.04
CA ASP B 367 27.55 2.45 -2.51
C ASP B 367 26.02 2.63 -2.52
N SER B 368 25.29 1.70 -1.89
CA SER B 368 23.91 1.91 -1.40
C SER B 368 22.93 2.38 -2.50
N CYS B 369 23.17 1.84 -3.68
CA CYS B 369 22.83 2.50 -4.91
C CYS B 369 21.52 1.97 -5.49
N ASP B 370 20.40 2.66 -5.27
CA ASP B 370 19.19 2.37 -6.06
C ASP B 370 19.31 2.86 -7.52
N GLU B 371 20.19 3.82 -7.78
CA GLU B 371 20.44 4.42 -9.09
C GLU B 371 21.14 3.49 -10.07
N LEU B 372 22.13 2.72 -9.63
CA LEU B 372 22.97 1.91 -10.51
C LEU B 372 22.28 0.63 -10.99
N ILE B 373 21.38 0.03 -10.20
CA ILE B 373 20.69 -1.21 -10.59
C ILE B 373 19.26 -1.28 -10.01
N PRO B 374 18.23 -1.76 -10.72
CA PRO B 374 16.87 -1.83 -10.18
C PRO B 374 16.78 -2.80 -8.99
N GLU B 375 15.84 -2.58 -8.07
CA GLU B 375 15.73 -3.42 -6.89
C GLU B 375 15.41 -4.90 -7.20
N TYR B 376 14.70 -5.19 -8.30
CA TYR B 376 14.43 -6.58 -8.69
C TYR B 376 15.68 -7.35 -9.11
N LEU B 377 16.82 -6.70 -9.37
CA LEU B 377 18.11 -7.32 -9.70
C LEU B 377 19.14 -7.22 -8.56
N ASN B 378 18.73 -6.97 -7.33
CA ASN B 378 19.64 -6.70 -6.22
C ASN B 378 20.47 -7.85 -5.69
N PHE B 379 20.34 -9.04 -6.25
CA PHE B 379 21.13 -10.15 -5.80
C PHE B 379 22.43 -10.26 -6.56
N ILE B 380 22.59 -9.44 -7.58
CA ILE B 380 23.82 -9.47 -8.37
C ILE B 380 24.91 -8.73 -7.67
N ARG B 381 26.07 -9.33 -7.55
CA ARG B 381 27.18 -8.65 -6.87
C ARG B 381 28.16 -8.17 -7.89
N GLY B 382 28.83 -7.05 -7.65
CA GLY B 382 29.79 -6.66 -8.67
C GLY B 382 30.51 -5.33 -8.52
N VAL B 383 31.35 -5.07 -9.51
CA VAL B 383 32.17 -3.88 -9.57
C VAL B 383 32.10 -3.12 -10.87
N VAL B 384 31.93 -1.82 -10.78
CA VAL B 384 31.97 -0.96 -11.95
C VAL B 384 33.14 0.00 -11.75
N ASP B 385 34.06 0.06 -12.72
CA ASP B 385 35.25 0.92 -12.58
C ASP B 385 35.49 1.80 -13.81
N SER B 386 35.33 3.10 -13.61
CA SER B 386 35.47 4.06 -14.71
C SER B 386 36.74 4.87 -14.62
N GLU B 387 37.30 5.28 -15.76
CA GLU B 387 38.51 6.07 -15.86
C GLU B 387 38.23 7.56 -15.72
N ASP B 388 37.02 8.03 -15.91
CA ASP B 388 36.72 9.48 -15.95
C ASP B 388 35.27 9.79 -15.68
N LEU B 389 34.95 10.42 -14.54
CA LEU B 389 33.61 10.88 -14.20
C LEU B 389 33.68 12.24 -13.52
N PRO B 390 32.66 13.11 -13.64
CA PRO B 390 32.63 14.41 -13.02
C PRO B 390 32.44 14.32 -11.50
N LEU B 391 33.49 14.02 -10.76
CA LEU B 391 33.42 13.85 -9.31
C LEU B 391 33.26 15.18 -8.58
N ASN B 392 32.55 15.10 -7.47
CA ASN B 392 32.36 16.17 -6.51
C ASN B 392 33.65 16.54 -5.84
N ILE B 393 33.72 17.75 -5.28
CA ILE B 393 34.92 18.13 -4.57
C ILE B 393 35.30 17.12 -3.51
N SER B 394 34.33 16.55 -2.84
CA SER B 394 34.53 15.65 -1.73
C SER B 394 35.01 14.28 -2.17
N ARG B 395 34.92 13.90 -3.45
CA ARG B 395 35.13 12.53 -3.91
C ARG B 395 34.16 11.49 -3.37
N GLU B 396 33.14 11.86 -2.59
CA GLU B 396 32.14 10.92 -2.07
C GLU B 396 30.98 10.68 -3.04
N MET B 397 30.86 11.47 -4.09
CA MET B 397 29.71 11.46 -4.95
C MET B 397 29.99 12.00 -6.30
N LEU B 398 29.07 11.75 -7.19
CA LEU B 398 29.16 12.12 -8.57
C LEU B 398 28.24 13.27 -8.94
N GLN B 399 28.75 14.32 -9.62
CA GLN B 399 28.05 15.60 -9.83
C GLN B 399 26.80 15.52 -10.71
N GLN B 400 26.94 14.97 -11.92
CA GLN B 400 25.82 14.77 -12.86
C GLN B 400 25.18 13.41 -12.62
N SER B 401 24.15 13.32 -11.78
CA SER B 401 23.58 12.04 -11.33
C SER B 401 22.91 11.22 -12.43
N LYS B 402 22.57 11.81 -13.59
CA LYS B 402 22.00 11.16 -14.74
C LYS B 402 23.00 10.18 -15.32
N ILE B 403 24.27 10.36 -15.02
CA ILE B 403 25.28 9.43 -15.47
C ILE B 403 25.00 8.09 -14.88
N LEU B 404 24.60 8.04 -13.61
CA LEU B 404 24.38 6.76 -12.99
C LEU B 404 23.25 6.09 -13.69
N LYS B 405 22.26 6.87 -14.09
CA LYS B 405 21.14 6.25 -14.78
C LYS B 405 21.59 5.65 -16.11
N VAL B 406 22.43 6.34 -16.87
CA VAL B 406 22.96 5.78 -18.13
C VAL B 406 23.86 4.56 -17.88
N ILE B 407 24.56 4.47 -16.74
CA ILE B 407 25.31 3.29 -16.44
C ILE B 407 24.33 2.18 -16.16
N ARG B 408 23.26 2.45 -15.40
CA ARG B 408 22.27 1.41 -15.15
C ARG B 408 21.71 0.81 -16.40
N LYS B 409 21.30 1.62 -17.36
CA LYS B 409 20.67 1.13 -18.60
C LYS B 409 21.57 0.18 -19.38
N ASN B 410 22.89 0.30 -19.26
CA ASN B 410 23.82 -0.66 -19.85
C ASN B 410 24.04 -1.89 -18.97
N ILE B 411 23.77 -1.85 -17.66
CA ILE B 411 23.97 -2.98 -16.79
C ILE B 411 22.80 -3.90 -16.96
N VAL B 412 21.62 -3.33 -16.99
CA VAL B 412 20.47 -4.19 -17.08
C VAL B 412 20.47 -4.97 -18.36
N LYS B 413 20.80 -4.35 -19.49
CA LYS B 413 20.78 -5.17 -20.69
C LYS B 413 21.69 -6.36 -20.55
N LYS B 414 22.86 -6.14 -20.00
CA LYS B 414 23.82 -7.19 -19.86
C LYS B 414 23.38 -8.26 -18.86
N CYS B 415 22.72 -7.84 -17.79
CA CYS B 415 22.27 -8.83 -16.81
C CYS B 415 21.27 -9.77 -17.44
N LEU B 416 20.37 -9.19 -18.24
CA LEU B 416 19.37 -10.03 -18.86
C LEU B 416 20.00 -10.97 -19.85
N GLU B 417 21.03 -10.53 -20.55
CA GLU B 417 21.68 -11.43 -21.49
C GLU B 417 22.30 -12.60 -20.77
N LEU B 418 22.87 -12.35 -19.59
CA LEU B 418 23.47 -13.45 -18.88
C LEU B 418 22.44 -14.46 -18.49
N PHE B 419 21.28 -13.98 -18.04
CA PHE B 419 20.26 -14.93 -17.64
C PHE B 419 19.84 -15.75 -18.83
N SER B 420 19.72 -15.09 -19.97
CA SER B 420 19.26 -15.79 -21.15
C SER B 420 20.20 -16.88 -21.57
N GLU B 421 21.50 -16.58 -21.60
CA GLU B 421 22.51 -17.57 -21.96
C GLU B 421 22.54 -18.71 -20.93
N LEU B 422 22.39 -18.37 -19.65
CA LEU B 422 22.31 -19.36 -18.58
C LEU B 422 21.12 -20.31 -18.78
N ALA B 423 20.03 -19.87 -19.41
CA ALA B 423 18.88 -20.69 -19.75
C ALA B 423 19.14 -21.79 -20.79
N GLU B 424 20.32 -21.85 -21.40
CA GLU B 424 20.74 -22.95 -22.27
C GLU B 424 21.38 -24.14 -21.52
N ASP B 425 21.76 -23.98 -20.25
CA ASP B 425 22.33 -25.02 -19.41
C ASP B 425 21.24 -25.47 -18.46
N LYS B 426 20.59 -26.60 -18.77
CA LYS B 426 19.38 -26.98 -18.04
C LYS B 426 19.65 -27.17 -16.55
N GLU B 427 20.78 -27.77 -16.20
CA GLU B 427 21.23 -28.07 -14.87
C GLU B 427 21.39 -26.78 -14.07
N ASN B 428 22.16 -25.85 -14.62
CA ASN B 428 22.47 -24.64 -13.90
C ASN B 428 21.29 -23.71 -13.89
N TYR B 429 20.46 -23.70 -14.93
CA TYR B 429 19.28 -22.84 -14.93
C TYR B 429 18.28 -23.28 -13.87
N LYS B 430 18.12 -24.59 -13.65
CA LYS B 430 17.36 -25.09 -12.50
C LYS B 430 17.90 -24.55 -11.17
N LYS B 431 19.23 -24.51 -10.94
CA LYS B 431 19.71 -24.00 -9.68
C LYS B 431 19.42 -22.53 -9.53
N PHE B 432 19.62 -21.80 -10.61
CA PHE B 432 19.38 -20.38 -10.59
C PHE B 432 17.96 -20.04 -10.30
N TYR B 433 17.06 -20.66 -11.05
CA TYR B 433 15.66 -20.34 -11.01
C TYR B 433 15.10 -20.71 -9.65
N GLU B 434 15.49 -21.83 -9.03
CA GLU B 434 14.99 -22.13 -7.69
C GLU B 434 15.48 -21.12 -6.64
N ALA B 435 16.67 -20.53 -6.78
CA ALA B 435 17.08 -19.50 -5.86
C ALA B 435 16.47 -18.12 -6.15
N PHE B 436 16.33 -17.75 -7.42
CA PHE B 436 15.89 -16.41 -7.77
C PHE B 436 14.61 -16.24 -8.57
N SER B 437 13.74 -17.23 -8.65
CA SER B 437 12.52 -17.05 -9.43
C SER B 437 11.67 -15.92 -8.89
N LYS B 438 11.70 -15.67 -7.58
CA LYS B 438 10.97 -14.57 -6.95
C LYS B 438 11.37 -13.23 -7.57
N ASN B 439 12.50 -12.91 -7.93
CA ASN B 439 13.09 -11.81 -8.58
C ASN B 439 12.51 -11.53 -9.98
N LEU B 440 12.51 -12.50 -10.87
CA LEU B 440 12.06 -12.28 -12.26
C LEU B 440 10.59 -11.88 -12.33
N LYS B 441 9.73 -12.52 -11.54
CA LYS B 441 8.29 -12.20 -11.51
C LYS B 441 8.03 -10.80 -10.97
N LEU B 442 8.85 -10.32 -10.04
CA LEU B 442 8.82 -8.93 -9.59
C LEU B 442 9.26 -7.97 -10.71
N GLY B 443 10.17 -8.39 -11.58
CA GLY B 443 10.54 -7.64 -12.77
C GLY B 443 9.41 -7.51 -13.79
N ILE B 444 8.61 -8.56 -14.00
CA ILE B 444 7.42 -8.51 -14.88
C ILE B 444 6.43 -7.45 -14.37
N HIS B 445 6.23 -7.41 -13.06
CA HIS B 445 5.33 -6.49 -12.40
C HIS B 445 5.79 -5.04 -12.57
N GLU B 446 7.06 -4.74 -12.30
CA GLU B 446 7.56 -3.36 -12.25
C GLU B 446 8.17 -2.82 -13.55
N ASP B 447 8.85 -3.63 -14.35
CA ASP B 447 9.60 -3.15 -15.51
C ASP B 447 8.78 -3.22 -16.79
N SER B 448 8.05 -2.14 -17.06
CA SER B 448 7.23 -1.97 -18.25
C SER B 448 8.01 -2.02 -19.56
N THR B 449 9.34 -1.95 -19.54
CA THR B 449 10.19 -1.99 -20.75
C THR B 449 10.71 -3.40 -21.05
N ASN B 450 11.17 -4.10 -20.00
CA ASN B 450 11.81 -5.42 -20.08
C ASN B 450 10.86 -6.59 -19.84
N ARG B 451 9.60 -6.35 -19.47
CA ARG B 451 8.55 -7.37 -19.32
C ARG B 451 8.59 -8.46 -20.36
N ARG B 452 8.78 -8.07 -21.62
CA ARG B 452 8.81 -8.96 -22.79
C ARG B 452 9.97 -9.95 -22.84
N ARG B 453 11.15 -9.65 -22.28
CA ARG B 453 12.23 -10.61 -22.23
C ARG B 453 12.18 -11.43 -20.98
N LEU B 454 11.79 -10.77 -19.89
CA LEU B 454 11.63 -11.40 -18.59
C LEU B 454 10.63 -12.55 -18.67
N SER B 455 9.58 -12.42 -19.49
CA SER B 455 8.57 -13.47 -19.70
C SER B 455 9.16 -14.71 -20.37
N GLU B 456 10.10 -14.57 -21.29
CA GLU B 456 10.77 -15.70 -21.91
C GLU B 456 11.68 -16.44 -20.92
N LEU B 457 12.06 -15.83 -19.79
CA LEU B 457 12.83 -16.47 -18.72
C LEU B 457 11.97 -17.31 -17.76
N LEU B 458 10.64 -17.13 -17.75
CA LEU B 458 9.73 -17.84 -16.86
C LEU B 458 9.62 -19.32 -17.21
N ARG B 459 9.39 -20.16 -16.20
CA ARG B 459 8.95 -21.55 -16.36
C ARG B 459 7.95 -21.92 -15.27
N TYR B 460 7.06 -22.85 -15.58
CA TYR B 460 5.96 -23.31 -14.73
C TYR B 460 5.81 -24.83 -14.78
N HIS B 461 5.23 -25.44 -13.74
CA HIS B 461 4.60 -26.75 -13.88
C HIS B 461 3.35 -26.65 -14.73
N THR B 462 3.04 -27.66 -15.54
CA THR B 462 1.81 -27.68 -16.32
C THR B 462 1.14 -29.04 -16.20
N SER B 463 -0.14 -29.15 -16.58
CA SER B 463 -0.88 -30.41 -16.44
C SER B 463 -0.42 -31.51 -17.42
N GLN B 464 -0.13 -31.15 -18.67
CA GLN B 464 0.47 -32.04 -19.66
C GLN B 464 1.93 -32.40 -19.35
N SER B 465 2.67 -31.56 -18.60
CA SER B 465 4.02 -31.88 -18.16
C SER B 465 4.06 -32.92 -17.03
N GLY B 466 5.24 -33.44 -16.72
CA GLY B 466 5.50 -34.25 -15.53
C GLY B 466 5.65 -33.40 -14.27
N ASP B 467 6.56 -33.81 -13.37
CA ASP B 467 7.12 -32.96 -12.31
C ASP B 467 8.22 -31.98 -12.82
N GLU B 468 8.47 -31.92 -14.12
CA GLU B 468 9.40 -31.01 -14.76
C GLU B 468 8.71 -29.74 -15.30
N MET B 469 9.40 -28.61 -15.20
CA MET B 469 8.86 -27.30 -15.60
C MET B 469 9.08 -26.98 -17.09
N THR B 470 8.16 -26.23 -17.70
CA THR B 470 8.16 -25.82 -19.12
C THR B 470 8.09 -24.31 -19.28
N SER B 471 8.67 -23.74 -20.36
CA SER B 471 8.51 -22.32 -20.71
C SER B 471 7.14 -22.04 -21.34
N LEU B 472 6.71 -20.78 -21.38
CA LEU B 472 5.50 -20.43 -22.11
C LEU B 472 5.66 -20.69 -23.61
N SER B 473 6.84 -20.51 -24.21
CA SER B 473 7.08 -20.88 -25.61
C SER B 473 7.03 -22.39 -25.87
N GLU B 474 7.26 -23.26 -24.89
CA GLU B 474 7.04 -24.67 -24.84
C GLU B 474 5.55 -25.00 -24.66
N TYR B 475 4.77 -24.21 -23.91
CA TYR B 475 3.33 -24.36 -23.88
C TYR B 475 2.78 -24.07 -25.27
N VAL B 476 3.15 -22.93 -25.83
CA VAL B 476 2.75 -22.51 -27.17
C VAL B 476 3.16 -23.55 -28.20
N SER B 477 4.36 -24.19 -28.11
CA SER B 477 4.64 -25.11 -29.20
C SER B 477 3.79 -26.38 -29.13
N ARG B 478 3.31 -26.77 -27.94
CA ARG B 478 2.40 -27.91 -27.76
C ARG B 478 0.93 -27.56 -27.98
N MET B 479 0.56 -26.33 -28.29
CA MET B 479 -0.84 -26.01 -28.42
C MET B 479 -1.49 -26.67 -29.61
N LYS B 480 -2.76 -27.00 -29.43
CA LYS B 480 -3.56 -27.55 -30.50
C LYS B 480 -3.93 -26.41 -31.42
N GLU B 481 -4.21 -26.71 -32.65
CA GLU B 481 -4.53 -25.68 -33.64
C GLU B 481 -5.84 -24.96 -33.37
N THR B 482 -6.62 -25.50 -32.46
CA THR B 482 -7.88 -24.91 -32.10
C THR B 482 -7.78 -24.07 -30.84
N GLN B 483 -6.62 -24.04 -30.19
CA GLN B 483 -6.50 -23.24 -28.97
C GLN B 483 -6.15 -21.84 -29.32
N LYS B 484 -6.82 -20.90 -28.69
CA LYS B 484 -6.54 -19.52 -28.98
C LYS B 484 -6.06 -18.79 -27.77
N SER B 485 -5.83 -19.52 -26.68
CA SER B 485 -5.42 -18.95 -25.41
C SER B 485 -4.64 -19.92 -24.54
N ILE B 486 -4.02 -19.39 -23.50
CA ILE B 486 -3.26 -20.18 -22.55
C ILE B 486 -4.01 -20.34 -21.25
N TYR B 487 -4.28 -21.57 -20.86
CA TYR B 487 -5.09 -21.75 -19.66
C TYR B 487 -4.25 -21.91 -18.42
N TYR B 488 -4.68 -21.27 -17.32
CA TYR B 488 -3.97 -21.42 -16.06
C TYR B 488 -4.87 -21.39 -14.86
N ILE B 489 -4.38 -21.92 -13.76
CA ILE B 489 -5.06 -21.93 -12.47
C ILE B 489 -4.10 -21.43 -11.41
N THR B 490 -4.62 -20.69 -10.45
CA THR B 490 -3.87 -20.21 -9.29
C THR B 490 -4.38 -20.86 -8.00
N GLY B 491 -3.55 -20.99 -6.98
CA GLY B 491 -3.92 -21.64 -5.73
C GLY B 491 -2.81 -21.75 -4.70
N GLU B 492 -3.08 -22.42 -3.59
CA GLU B 492 -2.16 -22.47 -2.46
C GLU B 492 -1.12 -23.59 -2.56
N SER B 493 -1.33 -24.61 -3.37
CA SER B 493 -0.32 -25.66 -3.65
C SER B 493 -0.61 -26.35 -4.98
N LYS B 494 0.39 -27.03 -5.57
CA LYS B 494 0.18 -27.80 -6.80
C LYS B 494 -0.88 -28.88 -6.61
N GLU B 495 -0.88 -29.62 -5.52
CA GLU B 495 -1.90 -30.63 -5.24
C GLU B 495 -3.31 -30.05 -5.15
N GLN B 496 -3.49 -28.91 -4.50
CA GLN B 496 -4.79 -28.26 -4.38
C GLN B 496 -5.33 -27.83 -5.74
N VAL B 497 -4.53 -27.24 -6.62
CA VAL B 497 -4.99 -26.89 -7.97
C VAL B 497 -5.08 -28.09 -8.90
N ALA B 498 -4.23 -29.10 -8.76
CA ALA B 498 -4.27 -30.26 -9.63
C ALA B 498 -5.56 -31.04 -9.46
N ASN B 499 -6.09 -31.19 -8.25
CA ASN B 499 -7.34 -31.90 -8.10
C ASN B 499 -8.53 -30.98 -8.15
N SER B 500 -8.31 -29.74 -8.50
CA SER B 500 -9.36 -28.77 -8.48
C SER B 500 -10.48 -29.06 -9.41
N ALA B 501 -11.70 -28.76 -8.97
CA ALA B 501 -12.95 -28.90 -9.73
C ALA B 501 -12.95 -28.05 -11.00
N PHE B 502 -12.31 -26.88 -10.98
CA PHE B 502 -12.26 -25.99 -12.14
C PHE B 502 -11.53 -26.61 -13.34
N VAL B 503 -10.61 -27.57 -13.16
CA VAL B 503 -9.80 -28.10 -14.27
C VAL B 503 -10.34 -29.42 -14.81
N GLU B 504 -11.48 -29.92 -14.33
CA GLU B 504 -11.99 -31.24 -14.69
C GLU B 504 -12.32 -31.36 -16.17
N ARG B 505 -13.17 -30.49 -16.76
CA ARG B 505 -13.46 -30.57 -18.20
C ARG B 505 -12.29 -30.09 -19.06
N VAL B 506 -11.43 -29.19 -18.56
CA VAL B 506 -10.34 -28.69 -19.32
C VAL B 506 -9.37 -29.82 -19.54
N ARG B 507 -9.04 -30.59 -18.49
CA ARG B 507 -8.16 -31.74 -18.64
C ARG B 507 -8.84 -32.89 -19.33
N LYS B 508 -10.16 -33.08 -19.17
CA LYS B 508 -10.87 -34.14 -19.89
C LYS B 508 -10.67 -33.99 -21.40
N ARG B 509 -10.74 -32.76 -21.92
CA ARG B 509 -10.53 -32.45 -23.34
C ARG B 509 -9.07 -32.32 -23.77
N GLY B 510 -8.13 -32.58 -22.87
CA GLY B 510 -6.71 -32.65 -23.19
C GLY B 510 -6.02 -31.32 -23.51
N PHE B 511 -6.59 -30.17 -23.15
CA PHE B 511 -5.81 -28.93 -23.17
C PHE B 511 -4.73 -28.94 -22.10
N GLU B 512 -3.65 -28.22 -22.34
CA GLU B 512 -2.61 -28.01 -21.35
C GLU B 512 -3.01 -26.87 -20.43
N VAL B 513 -2.75 -27.00 -19.13
CA VAL B 513 -3.02 -25.94 -18.16
C VAL B 513 -1.76 -25.60 -17.39
N VAL B 514 -1.38 -24.32 -17.37
CA VAL B 514 -0.30 -23.79 -16.55
C VAL B 514 -0.73 -23.78 -15.08
N TYR B 515 -0.02 -24.34 -14.14
CA TYR B 515 -0.21 -24.32 -12.70
C TYR B 515 0.60 -23.22 -12.01
N MET B 516 -0.01 -22.18 -11.46
CA MET B 516 0.71 -21.10 -10.77
C MET B 516 0.42 -21.10 -9.28
N THR B 517 1.39 -21.32 -8.41
CA THR B 517 1.11 -21.73 -7.04
C THR B 517 1.94 -21.03 -5.97
N GLU B 518 2.48 -19.85 -6.23
CA GLU B 518 3.09 -19.03 -5.18
C GLU B 518 2.49 -17.63 -5.16
N PRO B 519 2.43 -16.93 -4.01
CA PRO B 519 1.71 -15.68 -3.89
C PRO B 519 2.12 -14.58 -4.88
N ILE B 520 3.40 -14.51 -5.24
CA ILE B 520 3.89 -13.55 -6.23
C ILE B 520 3.30 -13.82 -7.62
N ASP B 521 2.89 -15.03 -7.98
CA ASP B 521 2.20 -15.27 -9.24
C ASP B 521 0.92 -14.47 -9.37
N GLU B 522 0.22 -14.19 -8.27
CA GLU B 522 -0.97 -13.34 -8.40
C GLU B 522 -0.65 -11.89 -8.77
N TYR B 523 0.59 -11.44 -8.60
CA TYR B 523 1.01 -10.09 -9.00
C TYR B 523 1.45 -10.04 -10.45
N CYS B 524 2.30 -10.92 -10.92
CA CYS B 524 2.83 -10.83 -12.25
C CYS B 524 1.80 -11.13 -13.35
N VAL B 525 0.84 -12.01 -13.10
CA VAL B 525 -0.27 -12.32 -14.01
C VAL B 525 -1.20 -11.13 -14.24
N GLN B 526 -1.30 -10.19 -13.30
CA GLN B 526 -2.03 -8.96 -13.58
C GLN B 526 -1.42 -8.19 -14.74
N GLN B 527 -0.10 -8.22 -14.89
CA GLN B 527 0.65 -7.37 -15.82
C GLN B 527 1.04 -8.10 -17.10
N LEU B 528 1.36 -9.38 -17.03
CA LEU B 528 1.56 -10.25 -18.17
C LEU B 528 0.23 -10.65 -18.79
N LYS B 529 -0.42 -9.77 -19.55
CA LYS B 529 -1.68 -10.10 -20.20
C LYS B 529 -1.57 -11.22 -21.23
N GLU B 530 -0.43 -11.38 -21.89
CA GLU B 530 -0.30 -12.24 -23.07
C GLU B 530 1.11 -12.82 -23.22
N PHE B 531 1.33 -13.87 -23.94
CA PHE B 531 2.60 -14.31 -24.41
C PHE B 531 2.56 -14.69 -25.87
N ASP B 532 3.50 -14.24 -26.68
CA ASP B 532 3.59 -14.57 -28.11
C ASP B 532 2.27 -14.30 -28.87
N GLY B 533 1.58 -13.21 -28.53
CA GLY B 533 0.28 -12.83 -29.07
C GLY B 533 -0.95 -13.57 -28.51
N LYS B 534 -0.78 -14.64 -27.74
CA LYS B 534 -1.85 -15.42 -27.12
C LYS B 534 -2.17 -14.88 -25.74
N SER B 535 -3.43 -14.64 -25.40
CA SER B 535 -3.82 -14.17 -24.07
C SER B 535 -3.87 -15.27 -23.02
N LEU B 536 -3.61 -14.90 -21.77
CA LEU B 536 -3.79 -15.77 -20.62
C LEU B 536 -5.24 -15.73 -20.18
N VAL B 537 -5.86 -16.86 -19.87
CA VAL B 537 -7.23 -16.91 -19.35
C VAL B 537 -7.34 -17.85 -18.15
N SER B 538 -7.92 -17.34 -17.07
CA SER B 538 -8.03 -18.08 -15.82
C SER B 538 -9.19 -19.06 -15.87
N VAL B 539 -8.96 -20.32 -15.53
CA VAL B 539 -10.09 -21.26 -15.43
C VAL B 539 -11.06 -20.92 -14.27
N THR B 540 -10.70 -19.98 -13.40
CA THR B 540 -11.49 -19.56 -12.23
C THR B 540 -12.53 -18.47 -12.53
N LYS B 541 -12.45 -17.76 -13.67
CA LYS B 541 -13.34 -16.62 -13.94
C LYS B 541 -14.63 -17.02 -14.65
N GLU B 542 -15.66 -16.21 -14.44
CA GLU B 542 -16.88 -16.14 -15.24
C GLU B 542 -16.56 -16.15 -16.74
N GLY B 543 -17.32 -16.89 -17.55
CA GLY B 543 -17.23 -16.81 -19.02
C GLY B 543 -15.97 -17.38 -19.67
N LEU B 544 -15.42 -18.46 -19.12
CA LEU B 544 -14.44 -19.32 -19.80
C LEU B 544 -15.05 -19.89 -21.08
N GLU B 545 -14.25 -20.19 -22.11
CA GLU B 545 -14.67 -21.04 -23.22
C GLU B 545 -13.56 -21.99 -23.65
N LEU B 546 -13.92 -23.24 -23.91
CA LEU B 546 -13.10 -24.15 -24.63
C LEU B 546 -13.63 -24.11 -26.06
N PRO B 547 -12.88 -24.56 -27.07
CA PRO B 547 -13.32 -24.59 -28.44
C PRO B 547 -14.64 -25.30 -28.57
N GLU B 548 -15.48 -24.74 -29.42
CA GLU B 548 -16.83 -25.22 -29.64
C GLU B 548 -17.00 -26.46 -30.50
N ASP B 549 -18.10 -27.13 -30.23
CA ASP B 549 -18.63 -28.28 -30.96
C ASP B 549 -20.14 -28.16 -30.96
N GLU B 550 -20.72 -28.04 -32.12
CA GLU B 550 -22.15 -27.79 -32.24
C GLU B 550 -23.00 -28.78 -31.49
N GLU B 551 -22.55 -30.03 -31.37
CA GLU B 551 -23.40 -30.95 -30.66
C GLU B 551 -23.51 -30.55 -29.22
N GLU B 552 -22.41 -30.02 -28.71
CA GLU B 552 -22.39 -29.67 -27.32
C GLU B 552 -23.20 -28.42 -27.14
N LYS B 553 -23.14 -27.55 -28.15
CA LYS B 553 -23.89 -26.31 -28.04
C LYS B 553 -25.36 -26.62 -27.97
N LYS B 554 -25.79 -27.58 -28.77
CA LYS B 554 -27.18 -27.95 -28.74
C LYS B 554 -27.56 -28.50 -27.40
N LYS B 555 -26.68 -29.31 -26.82
CA LYS B 555 -27.00 -29.85 -25.53
C LYS B 555 -27.09 -28.76 -24.49
N MET B 556 -26.23 -27.73 -24.55
CA MET B 556 -26.32 -26.66 -23.56
C MET B 556 -27.63 -25.87 -23.69
N GLU B 557 -28.11 -25.64 -24.90
CA GLU B 557 -29.44 -25.03 -25.14
C GLU B 557 -30.61 -25.90 -24.66
N GLU B 558 -30.54 -27.22 -24.81
CA GLU B 558 -31.51 -28.13 -24.18
C GLU B 558 -31.42 -28.05 -22.65
N SER B 559 -30.21 -27.99 -22.11
CA SER B 559 -29.96 -27.99 -20.68
C SER B 559 -30.42 -26.70 -20.02
N LYS B 560 -30.12 -25.52 -20.57
CA LYS B 560 -30.53 -24.25 -19.95
C LYS B 560 -32.05 -24.08 -19.91
N ALA B 561 -32.75 -24.61 -20.92
CA ALA B 561 -34.20 -24.75 -20.90
C ALA B 561 -34.65 -25.72 -19.80
N LYS B 562 -34.09 -26.93 -19.75
CA LYS B 562 -34.46 -27.96 -18.77
C LYS B 562 -34.32 -27.49 -17.32
N PHE B 563 -33.27 -26.74 -16.98
CA PHE B 563 -32.96 -26.30 -15.62
C PHE B 563 -33.40 -24.88 -15.26
N GLU B 564 -34.01 -24.13 -16.18
CA GLU B 564 -34.23 -22.68 -16.06
C GLU B 564 -34.80 -22.23 -14.70
N ASN B 565 -35.90 -22.84 -14.25
CA ASN B 565 -36.54 -22.44 -12.99
C ASN B 565 -35.79 -22.90 -11.74
N LEU B 566 -34.93 -23.92 -11.81
CA LEU B 566 -34.07 -24.26 -10.69
C LEU B 566 -33.06 -23.15 -10.45
N CYS B 567 -32.47 -22.59 -11.50
CA CYS B 567 -31.61 -21.41 -11.36
C CYS B 567 -32.35 -20.23 -10.74
N LYS B 568 -33.61 -20.00 -11.12
CA LYS B 568 -34.45 -18.98 -10.49
C LYS B 568 -34.64 -19.25 -9.00
N LEU B 569 -35.00 -20.47 -8.60
CA LEU B 569 -35.12 -20.76 -7.18
C LEU B 569 -33.80 -20.60 -6.42
N MET B 570 -32.68 -21.07 -6.98
CA MET B 570 -31.38 -20.94 -6.34
C MET B 570 -30.83 -19.51 -6.31
N LYS B 571 -31.40 -18.59 -7.11
CA LYS B 571 -31.15 -17.13 -7.05
C LYS B 571 -32.17 -16.39 -6.14
N GLU B 572 -33.31 -17.02 -5.82
CA GLU B 572 -34.18 -16.56 -4.72
C GLU B 572 -33.60 -16.94 -3.36
N ILE B 573 -33.10 -18.17 -3.18
CA ILE B 573 -32.60 -18.63 -1.88
C ILE B 573 -31.31 -17.91 -1.46
N LEU B 574 -30.34 -17.80 -2.38
CA LEU B 574 -28.99 -17.30 -2.12
C LEU B 574 -28.85 -15.80 -2.38
N ASP B 575 -29.96 -15.11 -2.62
CA ASP B 575 -30.03 -13.77 -3.25
C ASP B 575 -29.01 -12.75 -2.71
N LYS B 576 -28.78 -12.75 -1.39
CA LYS B 576 -27.91 -11.79 -0.72
C LYS B 576 -26.49 -11.77 -1.30
N LYS B 577 -26.02 -12.94 -1.77
CA LYS B 577 -24.60 -13.30 -1.82
C LYS B 577 -24.17 -14.04 -3.10
N VAL B 578 -24.97 -13.94 -4.17
CA VAL B 578 -24.67 -14.43 -5.52
C VAL B 578 -25.17 -13.43 -6.57
N GLU B 579 -24.44 -13.21 -7.67
CA GLU B 579 -24.86 -12.37 -8.80
C GLU B 579 -25.80 -13.10 -9.76
N LYS B 580 -25.47 -14.36 -10.11
CA LYS B 580 -26.35 -15.23 -10.91
C LYS B 580 -26.08 -16.71 -10.61
N VAL B 581 -27.06 -17.55 -10.91
CA VAL B 581 -26.91 -19.01 -10.96
C VAL B 581 -27.07 -19.46 -12.41
N THR B 582 -26.18 -20.31 -12.90
CA THR B 582 -26.13 -20.69 -14.33
C THR B 582 -25.53 -22.07 -14.54
N ILE B 583 -25.74 -22.67 -15.71
CA ILE B 583 -25.11 -23.94 -16.08
C ILE B 583 -23.61 -23.77 -16.35
N SER B 584 -22.83 -24.69 -15.81
CA SER B 584 -21.39 -24.77 -16.07
C SER B 584 -21.11 -25.27 -17.48
N ASN B 585 -20.08 -24.72 -18.11
CA ASN B 585 -19.41 -25.32 -19.27
C ASN B 585 -18.05 -25.96 -18.92
N ARG B 586 -17.65 -26.03 -17.64
CA ARG B 586 -16.31 -26.48 -17.22
C ARG B 586 -16.29 -27.65 -16.22
N LEU B 587 -17.42 -27.98 -15.61
CA LEU B 587 -17.49 -29.02 -14.58
C LEU B 587 -17.64 -30.42 -15.19
N VAL B 588 -17.01 -31.38 -14.50
CA VAL B 588 -17.22 -32.84 -14.55
C VAL B 588 -16.94 -33.40 -13.13
N SER B 589 -17.62 -34.46 -12.69
CA SER B 589 -17.35 -35.19 -11.43
C SER B 589 -17.53 -34.39 -10.11
N SER B 590 -18.26 -33.28 -10.14
CA SER B 590 -18.60 -32.42 -8.98
C SER B 590 -19.97 -31.76 -9.19
N PRO B 591 -20.79 -31.49 -8.15
CA PRO B 591 -22.10 -30.93 -8.43
C PRO B 591 -22.03 -29.43 -8.65
N CYS B 592 -21.05 -28.67 -8.16
CA CYS B 592 -20.97 -27.24 -8.48
C CYS B 592 -19.60 -26.63 -8.20
N CYS B 593 -19.40 -25.38 -8.60
CA CYS B 593 -18.23 -24.57 -8.23
C CYS B 593 -18.59 -23.08 -8.10
N ILE B 594 -17.88 -22.32 -7.24
CA ILE B 594 -18.04 -20.88 -7.22
C ILE B 594 -16.97 -20.25 -8.05
N VAL B 595 -17.33 -19.34 -8.97
CA VAL B 595 -16.41 -18.59 -9.87
C VAL B 595 -16.60 -17.08 -9.69
N THR B 596 -15.59 -16.24 -9.94
CA THR B 596 -15.69 -14.78 -9.74
C THR B 596 -16.06 -14.01 -11.02
N SER B 597 -16.60 -12.81 -10.88
CA SER B 597 -16.82 -11.88 -12.00
C SER B 597 -15.52 -11.53 -12.74
N THR B 598 -15.63 -11.11 -13.99
CA THR B 598 -14.49 -10.85 -14.89
C THR B 598 -13.63 -9.65 -14.49
N TYR B 599 -14.19 -8.67 -13.78
CA TYR B 599 -13.47 -7.56 -13.19
C TYR B 599 -13.54 -7.62 -11.67
N GLY B 600 -12.52 -7.09 -11.00
CA GLY B 600 -12.31 -7.31 -9.55
C GLY B 600 -11.52 -8.59 -9.26
N TRP B 601 -11.19 -8.80 -8.00
CA TRP B 601 -10.28 -9.85 -7.56
C TRP B 601 -10.82 -11.28 -7.65
N THR B 602 -9.96 -12.21 -8.05
CA THR B 602 -10.22 -13.66 -7.99
C THR B 602 -10.16 -14.20 -6.56
N ALA B 603 -10.61 -15.45 -6.36
CA ALA B 603 -10.69 -16.06 -5.03
C ALA B 603 -9.37 -16.09 -4.27
N ASN B 604 -8.28 -16.32 -4.98
CA ASN B 604 -6.95 -16.34 -4.43
C ASN B 604 -6.45 -14.92 -4.08
N MET B 605 -6.67 -13.93 -4.96
CA MET B 605 -6.23 -12.57 -4.74
C MET B 605 -6.80 -12.00 -3.44
N GLU B 606 -8.08 -12.26 -3.17
CA GLU B 606 -8.72 -11.93 -1.92
C GLU B 606 -8.03 -12.52 -0.68
N ARG B 607 -7.63 -13.79 -0.73
CA ARG B 607 -6.93 -14.44 0.38
C ARG B 607 -5.62 -13.73 0.70
N ILE B 608 -4.85 -13.38 -0.32
CA ILE B 608 -3.55 -12.71 -0.20
C ILE B 608 -3.73 -11.32 0.37
N MET B 609 -4.68 -10.56 -0.16
CA MET B 609 -4.95 -9.19 0.29
C MET B 609 -5.33 -9.11 1.77
N LYS B 610 -6.13 -10.04 2.30
CA LYS B 610 -6.61 -10.03 3.67
C LYS B 610 -5.51 -10.30 4.68
N ALA B 611 -4.36 -10.76 4.22
CA ALA B 611 -3.28 -11.06 5.11
C ALA B 611 -2.18 -10.02 5.06
N GLN B 612 -2.33 -8.90 4.35
CA GLN B 612 -1.25 -7.92 4.25
C GLN B 612 -1.28 -7.00 5.49
N ALA B 613 -0.33 -7.21 6.41
CA ALA B 613 -0.33 -6.69 7.77
C ALA B 613 -0.53 -5.17 7.82
N LEU B 614 0.03 -4.43 6.86
CA LEU B 614 -0.02 -2.98 6.87
C LEU B 614 -0.93 -2.39 5.82
N ARG B 615 -1.77 -3.19 5.15
CA ARG B 615 -2.63 -2.70 4.08
C ARG B 615 -3.94 -2.12 4.62
N ASP B 616 -4.36 -1.02 4.03
CA ASP B 616 -5.62 -0.34 4.31
C ASP B 616 -6.78 -1.13 3.70
N ASN B 617 -7.64 -1.67 4.53
CA ASN B 617 -8.72 -2.54 4.08
C ASN B 617 -10.05 -1.84 3.88
N SER B 618 -10.05 -0.53 3.89
CA SER B 618 -11.30 0.19 3.71
C SER B 618 -11.86 0.07 2.31
N THR B 619 -10.99 -0.28 1.34
CA THR B 619 -11.31 -0.42 -0.08
C THR B 619 -11.73 -1.85 -0.46
N MET B 620 -11.79 -2.78 0.49
CA MET B 620 -12.14 -4.17 0.19
C MET B 620 -13.54 -4.27 -0.43
N GLY B 621 -14.48 -3.40 -0.05
CA GLY B 621 -15.82 -3.42 -0.59
C GLY B 621 -15.88 -3.11 -2.07
N TYR B 622 -14.81 -2.53 -2.63
CA TYR B 622 -14.70 -2.15 -4.03
C TYR B 622 -13.97 -3.23 -4.84
N MET B 623 -12.90 -3.79 -4.28
CA MET B 623 -12.01 -4.68 -5.04
C MET B 623 -12.41 -6.15 -4.99
N MET B 624 -13.12 -6.61 -3.95
CA MET B 624 -13.70 -7.95 -3.95
C MET B 624 -14.68 -8.11 -5.12
N ALA B 625 -14.60 -9.22 -5.86
CA ALA B 625 -15.53 -9.52 -6.95
C ALA B 625 -16.83 -10.15 -6.44
N LYS B 626 -17.91 -10.01 -7.23
CA LYS B 626 -19.16 -10.72 -6.98
C LYS B 626 -19.05 -12.19 -7.39
N LYS B 627 -19.68 -13.07 -6.62
CA LYS B 627 -19.68 -14.54 -6.83
C LYS B 627 -20.74 -14.92 -7.87
N HIS B 628 -20.47 -15.80 -8.79
CA HIS B 628 -21.31 -16.50 -9.72
C HIS B 628 -21.36 -17.96 -9.22
N LEU B 629 -22.50 -18.64 -9.29
CA LEU B 629 -22.59 -20.06 -9.00
C LEU B 629 -22.84 -20.85 -10.29
N GLU B 630 -22.00 -21.85 -10.55
CA GLU B 630 -22.22 -22.74 -11.69
C GLU B 630 -22.72 -24.12 -11.22
N ILE B 631 -23.76 -24.67 -11.85
CA ILE B 631 -24.23 -26.04 -11.59
C ILE B 631 -23.85 -27.00 -12.71
N ASN B 632 -23.52 -28.24 -12.38
CA ASN B 632 -23.37 -29.31 -13.36
C ASN B 632 -24.74 -30.00 -13.59
N PRO B 633 -25.44 -29.76 -14.70
CA PRO B 633 -26.75 -30.34 -14.95
C PRO B 633 -26.71 -31.84 -15.18
N ASP B 634 -25.57 -32.41 -15.59
CA ASP B 634 -25.43 -33.84 -15.88
C ASP B 634 -25.32 -34.71 -14.61
N HIS B 635 -25.20 -34.16 -13.43
CA HIS B 635 -24.91 -34.71 -12.13
C HIS B 635 -26.13 -35.20 -11.31
N PRO B 636 -26.05 -36.32 -10.56
CA PRO B 636 -27.19 -36.87 -9.82
C PRO B 636 -27.87 -35.89 -8.86
N ILE B 637 -27.16 -35.32 -7.86
CA ILE B 637 -27.76 -34.46 -6.83
C ILE B 637 -28.58 -33.31 -7.43
N VAL B 638 -28.02 -32.70 -8.45
CA VAL B 638 -28.56 -31.56 -9.21
C VAL B 638 -29.87 -31.95 -9.92
N GLU B 639 -29.90 -33.09 -10.61
CA GLU B 639 -31.12 -33.52 -11.28
C GLU B 639 -32.24 -33.90 -10.28
N THR B 640 -31.90 -34.55 -9.17
CA THR B 640 -32.90 -34.85 -8.12
C THR B 640 -33.37 -33.60 -7.40
N LEU B 641 -32.51 -32.59 -7.24
CA LEU B 641 -32.87 -31.27 -6.72
C LEU B 641 -33.85 -30.58 -7.66
N ARG B 642 -33.68 -30.67 -8.98
CA ARG B 642 -34.66 -30.17 -9.95
C ARG B 642 -36.02 -30.81 -9.73
N GLN B 643 -36.09 -32.15 -9.64
CA GLN B 643 -37.37 -32.84 -9.42
C GLN B 643 -38.04 -32.40 -8.12
N LYS B 644 -37.31 -32.33 -7.00
CA LYS B 644 -37.87 -31.92 -5.71
C LYS B 644 -38.31 -30.45 -5.71
N ALA B 645 -37.52 -29.54 -6.29
CA ALA B 645 -37.88 -28.15 -6.46
C ALA B 645 -39.11 -27.97 -7.35
N GLU B 646 -39.27 -28.80 -8.38
CA GLU B 646 -40.48 -28.83 -9.20
C GLU B 646 -41.67 -29.37 -8.41
N ALA B 647 -41.49 -30.35 -7.53
CA ALA B 647 -42.58 -30.95 -6.75
C ALA B 647 -43.26 -29.95 -5.82
N ASP B 648 -42.49 -29.13 -5.08
CA ASP B 648 -42.99 -27.92 -4.41
C ASP B 648 -41.86 -26.89 -4.22
N LYS B 649 -42.03 -25.74 -4.87
CA LYS B 649 -41.09 -24.62 -4.85
C LYS B 649 -40.78 -24.11 -3.44
N ASN B 650 -41.67 -24.24 -2.44
CA ASN B 650 -41.44 -23.59 -1.17
C ASN B 650 -41.11 -24.55 -0.06
N ASP B 651 -40.71 -25.75 -0.44
CA ASP B 651 -40.35 -26.72 0.57
C ASP B 651 -39.09 -26.27 1.27
N LYS B 652 -39.16 -26.00 2.59
CA LYS B 652 -38.03 -25.52 3.36
C LYS B 652 -36.84 -26.48 3.27
N ALA B 653 -37.08 -27.78 3.06
CA ALA B 653 -36.02 -28.74 2.81
C ALA B 653 -35.16 -28.40 1.57
N VAL B 654 -35.75 -27.86 0.51
CA VAL B 654 -34.99 -27.41 -0.67
C VAL B 654 -34.15 -26.20 -0.31
N LYS B 655 -34.72 -25.26 0.45
CA LYS B 655 -33.99 -24.11 0.98
C LYS B 655 -32.81 -24.53 1.87
N ASP B 656 -32.98 -25.56 2.68
CA ASP B 656 -31.92 -26.14 3.50
C ASP B 656 -30.83 -26.81 2.66
N LEU B 657 -31.21 -27.66 1.70
CA LEU B 657 -30.29 -28.41 0.84
C LEU B 657 -29.45 -27.46 -0.03
N VAL B 658 -30.08 -26.44 -0.60
CA VAL B 658 -29.39 -25.46 -1.45
C VAL B 658 -28.34 -24.69 -0.66
N VAL B 659 -28.65 -24.28 0.58
CA VAL B 659 -27.66 -23.61 1.42
C VAL B 659 -26.52 -24.53 1.80
N LEU B 660 -26.77 -25.81 2.17
CA LEU B 660 -25.68 -26.73 2.49
C LEU B 660 -24.74 -26.98 1.30
N LEU B 661 -25.32 -27.10 0.10
CA LEU B 661 -24.54 -27.25 -1.13
C LEU B 661 -23.71 -26.01 -1.38
N PHE B 662 -24.31 -24.82 -1.25
CA PHE B 662 -23.59 -23.57 -1.43
C PHE B 662 -22.38 -23.47 -0.49
N GLU B 663 -22.51 -23.77 0.81
CA GLU B 663 -21.34 -23.62 1.66
C GLU B 663 -20.26 -24.59 1.31
N THR B 664 -20.64 -25.79 0.95
CA THR B 664 -19.62 -26.76 0.62
C THR B 664 -18.86 -26.28 -0.60
N ALA B 665 -19.59 -25.82 -1.61
CA ALA B 665 -18.95 -25.36 -2.83
C ALA B 665 -18.07 -24.17 -2.56
N LEU B 666 -18.49 -23.31 -1.67
CA LEU B 666 -17.74 -22.12 -1.41
C LEU B 666 -16.41 -22.46 -0.84
N LEU B 667 -16.41 -23.38 0.10
CA LEU B 667 -15.19 -23.75 0.75
C LEU B 667 -14.22 -24.41 -0.20
N SER B 668 -14.71 -25.32 -1.03
CA SER B 668 -13.79 -26.04 -1.92
C SER B 668 -13.28 -25.17 -3.04
N SER B 669 -13.95 -24.04 -3.27
CA SER B 669 -13.57 -23.10 -4.32
C SER B 669 -12.52 -22.13 -3.83
N GLY B 670 -12.14 -22.22 -2.56
CA GLY B 670 -11.11 -21.33 -2.05
C GLY B 670 -11.56 -20.12 -1.26
N PHE B 671 -12.84 -19.98 -0.92
CA PHE B 671 -13.30 -18.82 -0.16
C PHE B 671 -13.51 -19.23 1.29
N SER B 672 -13.09 -18.39 2.25
CA SER B 672 -13.36 -18.65 3.65
C SER B 672 -14.84 -18.58 3.94
N LEU B 673 -15.29 -19.37 4.89
CA LEU B 673 -16.67 -19.35 5.34
C LEU B 673 -16.86 -18.17 6.26
N GLU B 674 -18.00 -17.50 6.24
CA GLU B 674 -18.23 -16.29 7.04
C GLU B 674 -18.19 -16.56 8.54
N ASP B 675 -18.79 -17.67 9.00
CA ASP B 675 -18.62 -18.23 10.34
C ASP B 675 -18.56 -19.76 10.25
N PRO B 676 -17.37 -20.37 10.46
CA PRO B 676 -17.24 -21.82 10.42
C PRO B 676 -18.03 -22.59 11.47
N GLN B 677 -18.59 -21.99 12.52
CA GLN B 677 -19.32 -22.77 13.49
C GLN B 677 -20.67 -23.15 12.97
N THR B 678 -21.23 -22.33 12.09
CA THR B 678 -22.52 -22.70 11.57
C THR B 678 -22.30 -23.94 10.77
N HIS B 679 -21.21 -23.90 10.04
CA HIS B 679 -20.90 -24.98 9.17
C HIS B 679 -20.63 -26.25 9.96
N SER B 680 -19.79 -26.15 10.99
CA SER B 680 -19.45 -27.36 11.70
C SER B 680 -20.65 -27.94 12.38
N ASN B 681 -21.58 -27.10 12.81
CA ASN B 681 -22.73 -27.65 13.46
C ASN B 681 -23.58 -28.46 12.54
N ARG B 682 -23.75 -28.03 11.28
CA ARG B 682 -24.47 -28.86 10.29
C ARG B 682 -23.80 -30.21 10.18
N ILE B 683 -22.47 -30.24 10.23
CA ILE B 683 -21.78 -31.49 10.09
C ILE B 683 -22.04 -32.35 11.29
N TYR B 684 -21.95 -31.79 12.49
CA TYR B 684 -22.12 -32.58 13.69
C TYR B 684 -23.52 -33.17 13.77
N ARG B 685 -24.55 -32.47 13.26
CA ARG B 685 -25.91 -33.04 13.13
C ARG B 685 -25.96 -34.19 12.13
N MET B 686 -25.39 -34.06 10.93
CA MET B 686 -25.36 -35.17 9.99
C MET B 686 -24.54 -36.37 10.50
N ILE B 687 -23.49 -36.13 11.29
CA ILE B 687 -22.69 -37.20 11.87
C ILE B 687 -23.55 -38.01 12.82
N LYS B 688 -24.28 -37.35 13.73
CA LYS B 688 -25.22 -38.02 14.62
C LYS B 688 -26.17 -38.94 13.84
N LEU B 689 -26.82 -38.43 12.80
CA LEU B 689 -27.79 -39.19 12.05
C LEU B 689 -27.22 -40.53 11.52
N GLY B 690 -25.99 -40.53 11.03
CA GLY B 690 -25.31 -41.72 10.50
C GLY B 690 -24.73 -42.62 11.59
N LEU B 691 -24.27 -42.02 12.70
CA LEU B 691 -23.57 -42.69 13.79
C LEU B 691 -24.49 -43.51 14.71
N GLY B 692 -25.79 -43.32 14.57
CA GLY B 692 -26.81 -44.13 15.24
C GLY B 692 -27.10 -43.65 16.65
N ILE B 693 -27.20 -42.33 16.82
CA ILE B 693 -27.68 -41.75 18.08
C ILE B 693 -29.20 -41.89 18.13
N ASP B 694 -29.74 -42.73 19.00
CA ASP B 694 -31.20 -42.85 19.14
C ASP B 694 -31.82 -41.66 19.92
N GLU B 695 -31.04 -41.00 20.78
CA GLU B 695 -31.41 -39.74 21.42
C GLU B 695 -31.32 -38.56 20.41
N ASP B 696 -32.41 -38.26 19.71
CA ASP B 696 -32.45 -37.17 18.73
C ASP B 696 -32.22 -35.79 19.35
N GLU B 697 -32.36 -35.63 20.68
CA GLU B 697 -32.55 -34.32 21.34
C GLU B 697 -31.49 -33.23 21.06
N VAL C 2 39.31 21.31 -14.27
CA VAL C 2 38.07 20.69 -13.75
C VAL C 2 36.80 21.12 -14.54
N ASP C 3 36.87 21.13 -15.89
CA ASP C 3 35.77 21.50 -16.79
C ASP C 3 34.89 20.28 -17.03
N TYR C 4 33.70 20.32 -16.45
CA TYR C 4 32.76 19.22 -16.52
C TYR C 4 31.62 19.51 -17.44
N SER C 5 31.71 20.58 -18.22
CA SER C 5 30.58 20.97 -19.05
C SER C 5 30.17 19.96 -20.09
N VAL C 6 31.08 19.13 -20.60
CA VAL C 6 30.73 18.10 -21.59
C VAL C 6 29.60 17.18 -21.08
N TRP C 7 29.49 17.00 -19.76
CA TRP C 7 28.47 16.17 -19.12
C TRP C 7 27.13 16.87 -18.87
N ASP C 8 26.99 18.16 -19.17
CA ASP C 8 25.83 18.94 -18.73
C ASP C 8 24.48 18.55 -19.33
N HIS C 9 24.41 18.16 -20.60
CA HIS C 9 23.12 17.90 -21.26
C HIS C 9 22.95 16.42 -21.57
N ILE C 10 22.26 15.69 -20.72
CA ILE C 10 21.94 14.27 -20.89
C ILE C 10 20.43 14.10 -20.82
N GLU C 11 19.88 13.34 -21.75
CA GLU C 11 18.48 12.92 -21.74
C GLU C 11 18.37 11.41 -21.47
N VAL C 12 17.62 11.05 -20.43
CA VAL C 12 17.31 9.66 -20.10
C VAL C 12 15.80 9.46 -20.19
N SEP C 13 15.36 8.99 -21.33
CA SEP C 13 13.94 8.58 -21.57
CB SEP C 13 13.96 7.48 -22.63
OG SEP C 13 14.99 6.57 -22.27
C SEP C 13 13.11 8.11 -20.36
O SEP C 13 12.10 8.71 -19.98
P SEP C 13 15.47 5.33 -23.17
O1P SEP C 13 16.80 5.03 -22.63
O2P SEP C 13 14.47 4.29 -22.90
O3P SEP C 13 15.49 5.83 -24.56
H SEP C 13 15.60 8.80 -21.76
HA SEP C 13 13.47 9.42 -22.00
HB2 SEP C 13 14.16 7.92 -23.56
HB3 SEP C 13 13.03 6.98 -22.69
N ASP C 14 13.52 7.02 -19.72
CA ASP C 14 12.82 6.34 -18.63
C ASP C 14 13.26 6.83 -17.24
N ASP C 15 13.68 8.08 -17.12
CA ASP C 15 14.04 8.68 -15.82
C ASP C 15 12.88 8.70 -14.83
N GLU C 16 13.03 8.00 -13.70
CA GLU C 16 12.01 7.90 -12.66
C GLU C 16 11.87 9.14 -11.75
N ASP C 17 12.86 10.04 -11.66
CA ASP C 17 12.77 11.23 -10.81
C ASP C 17 11.95 12.37 -11.43
N GLU C 18 11.73 12.36 -12.75
CA GLU C 18 10.94 13.36 -13.46
C GLU C 18 9.58 12.78 -13.91
N THR C 19 8.59 12.89 -13.02
CA THR C 19 7.22 12.37 -13.19
C THR C 19 6.18 13.34 -12.57
N HIS C 20 4.89 13.18 -12.91
CA HIS C 20 3.78 13.97 -12.37
C HIS C 20 2.65 13.06 -11.84
N PRO C 21 2.00 13.34 -10.70
CA PRO C 21 1.00 12.42 -10.11
C PRO C 21 -0.19 12.05 -11.02
N ASN C 22 -0.55 12.90 -11.99
CA ASN C 22 -1.68 12.68 -12.90
C ASN C 22 -1.35 12.02 -14.25
N ILE C 23 -0.10 11.68 -14.52
CA ILE C 23 0.30 10.94 -15.74
C ILE C 23 0.71 9.52 -15.37
N ASP C 24 0.28 8.49 -16.10
CA ASP C 24 0.66 7.09 -15.84
C ASP C 24 2.15 6.84 -16.20
N THR C 25 2.99 6.53 -15.20
CA THR C 25 4.45 6.41 -15.34
C THR C 25 4.88 5.53 -16.52
N ALA C 26 4.30 4.33 -16.66
CA ALA C 26 4.66 3.42 -17.74
C ALA C 26 4.37 3.98 -19.15
N SER C 27 3.34 4.83 -19.31
CA SER C 27 3.06 5.51 -20.58
C SER C 27 3.97 6.71 -20.82
N LEU C 28 4.38 7.43 -19.76
CA LEU C 28 5.27 8.58 -19.87
C LEU C 28 6.64 8.16 -20.41
N PHE C 29 7.17 7.02 -19.96
CA PHE C 29 8.40 6.45 -20.52
C PHE C 29 8.25 6.12 -22.01
N ARG C 30 7.13 5.53 -22.45
CA ARG C 30 6.87 5.25 -23.88
C ARG C 30 6.88 6.52 -24.73
N TRP C 31 6.21 7.59 -24.33
CA TRP C 31 6.21 8.85 -25.09
C TRP C 31 7.58 9.51 -25.15
N ARG C 32 8.31 9.65 -24.03
CA ARG C 32 9.67 10.20 -24.07
C ARG C 32 10.62 9.33 -24.90
N HIS C 33 10.54 7.99 -24.82
CA HIS C 33 11.37 7.08 -25.62
C HIS C 33 11.18 7.31 -27.11
N GLN C 34 9.93 7.27 -27.55
CA GLN C 34 9.57 7.41 -28.92
C GLN C 34 9.93 8.77 -29.42
N ALA C 35 9.78 9.78 -28.58
CA ALA C 35 10.08 11.10 -29.03
C ALA C 35 11.53 11.28 -29.38
N ARG C 36 12.47 10.79 -28.56
CA ARG C 36 13.88 10.96 -28.92
C ARG C 36 14.19 10.21 -30.21
N VAL C 37 13.51 9.08 -30.46
CA VAL C 37 13.81 8.36 -31.66
C VAL C 37 13.38 9.13 -32.86
N GLU C 38 12.19 9.70 -32.77
CA GLU C 38 11.70 10.45 -33.89
C GLU C 38 12.55 11.65 -34.16
N ARG C 39 13.04 12.30 -33.11
CA ARG C 39 13.87 13.45 -33.37
C ARG C 39 15.11 13.06 -34.10
N MET C 40 15.73 11.95 -33.71
CA MET C 40 16.94 11.55 -34.37
C MET C 40 16.71 11.22 -35.80
N GLU C 41 15.60 10.56 -36.17
CA GLU C 41 15.25 10.33 -37.58
C GLU C 41 14.92 11.63 -38.34
N GLN C 42 14.08 12.50 -37.77
CA GLN C 42 13.66 13.75 -38.40
C GLN C 42 14.85 14.69 -38.66
N PHE C 43 15.73 14.87 -37.67
CA PHE C 43 16.95 15.66 -37.82
C PHE C 43 17.91 15.05 -38.84
N GLN C 44 18.04 13.72 -38.88
CA GLN C 44 18.86 13.07 -39.88
C GLN C 44 18.30 13.23 -41.30
N LYS C 45 16.97 13.19 -41.49
CA LYS C 45 16.33 13.54 -42.77
C LYS C 45 16.66 14.97 -43.18
N GLU C 46 16.47 15.93 -42.27
CA GLU C 46 16.80 17.35 -42.52
C GLU C 46 18.28 17.55 -42.88
N LYS C 47 19.20 16.78 -42.31
CA LYS C 47 20.64 16.81 -42.63
C LYS C 47 20.94 16.19 -44.00
N GLU C 48 20.40 15.01 -44.28
CA GLU C 48 20.65 14.29 -45.54
C GLU C 48 20.04 14.98 -46.77
N GLU C 49 18.93 15.69 -46.60
CA GLU C 49 18.35 16.55 -47.63
C GLU C 49 19.36 17.57 -48.17
N LEU C 50 20.14 18.16 -47.27
CA LEU C 50 21.20 19.10 -47.64
C LEU C 50 22.40 18.40 -48.27
N ASP C 51 22.76 17.20 -47.83
CA ASP C 51 23.85 16.45 -48.47
C ASP C 51 23.50 16.11 -49.93
N ARG C 52 22.27 15.62 -50.19
CA ARG C 52 21.72 15.46 -51.54
C ARG C 52 21.84 16.74 -52.35
N GLY C 53 21.33 17.84 -51.79
CA GLY C 53 21.31 19.14 -52.44
C GLY C 53 22.70 19.69 -52.77
N CYS C 54 23.64 19.60 -51.81
CA CYS C 54 24.90 20.25 -52.01
C CYS C 54 25.75 19.49 -53.01
N ARG C 55 25.56 18.17 -53.09
CA ARG C 55 26.38 17.42 -54.04
C ARG C 55 26.01 17.82 -55.45
N GLU C 56 24.71 18.01 -55.67
CA GLU C 56 24.26 18.43 -56.98
C GLU C 56 24.83 19.76 -57.38
N CYS C 57 24.83 20.75 -56.46
CA CYS C 57 25.35 22.04 -56.89
C CYS C 57 26.86 22.00 -57.09
N LYS C 58 27.56 21.14 -56.34
CA LYS C 58 28.99 21.07 -56.48
C LYS C 58 29.35 20.49 -57.82
N ARG C 59 28.61 19.47 -58.26
CA ARG C 59 28.91 18.92 -59.56
C ARG C 59 28.47 19.83 -60.68
N LYS C 60 27.32 20.50 -60.55
CA LYS C 60 26.91 21.38 -61.62
C LYS C 60 27.89 22.53 -61.77
N VAL C 61 28.41 23.08 -60.67
CA VAL C 61 29.30 24.20 -60.86
C VAL C 61 30.59 23.70 -61.48
N ALA C 62 31.07 22.52 -61.05
CA ALA C 62 32.31 22.02 -61.61
C ALA C 62 32.22 21.74 -63.10
N GLU C 63 31.11 21.15 -63.55
CA GLU C 63 31.01 20.83 -64.96
C GLU C 63 30.82 22.08 -65.80
N CYS C 64 30.05 23.07 -65.30
CA CYS C 64 29.87 24.24 -66.14
C CYS C 64 31.16 25.02 -66.23
N GLN C 65 32.02 24.91 -65.20
CA GLN C 65 33.32 25.55 -65.22
C GLN C 65 34.24 24.84 -66.21
N ARG C 66 34.11 23.52 -66.34
CA ARG C 66 34.92 22.83 -67.34
C ARG C 66 34.52 23.31 -68.72
N LYS C 67 33.22 23.40 -68.97
CA LYS C 67 32.65 23.88 -70.23
C LYS C 67 33.00 25.35 -70.46
N LEU C 68 33.01 26.17 -69.41
CA LEU C 68 33.45 27.56 -69.48
C LEU C 68 34.89 27.61 -69.99
N LYS C 69 35.77 26.75 -69.45
CA LYS C 69 37.14 26.70 -69.92
C LYS C 69 37.19 26.31 -71.40
N GLU C 70 36.33 25.38 -71.84
CA GLU C 70 36.26 24.94 -73.25
C GLU C 70 35.77 26.04 -74.20
N LEU C 71 34.74 26.79 -73.82
CA LEU C 71 34.10 27.78 -74.68
C LEU C 71 34.77 29.16 -74.66
N GLU C 72 35.36 29.60 -73.54
CA GLU C 72 35.91 30.97 -73.44
C GLU C 72 37.12 31.19 -74.37
N VAL C 73 37.83 30.12 -74.75
CA VAL C 73 38.95 30.13 -75.70
C VAL C 73 38.53 29.86 -77.16
N ALA C 74 37.23 29.74 -77.43
CA ALA C 74 36.68 29.17 -78.66
C ALA C 74 35.53 30.01 -79.26
N GLU C 75 35.16 29.69 -80.49
CA GLU C 75 34.18 30.43 -81.28
C GLU C 75 32.82 30.38 -80.62
N GLY C 76 32.15 31.54 -80.52
CA GLY C 76 30.93 31.72 -79.74
C GLY C 76 31.18 32.10 -78.28
N GLY C 77 32.43 32.02 -77.81
CA GLY C 77 32.87 32.47 -76.49
C GLY C 77 32.45 33.90 -76.15
N LYS C 78 32.35 34.79 -77.15
CA LYS C 78 31.79 36.15 -77.02
C LYS C 78 30.38 36.24 -76.39
N ALA C 79 29.62 35.14 -76.35
CA ALA C 79 28.41 34.98 -75.55
C ALA C 79 28.49 33.80 -74.57
N GLU C 80 29.13 32.69 -74.93
CA GLU C 80 29.16 31.49 -74.09
C GLU C 80 30.10 31.60 -72.88
N LEU C 81 31.09 32.53 -72.88
CA LEU C 81 31.77 32.95 -71.66
C LEU C 81 30.76 33.58 -70.70
N GLU C 82 29.91 34.50 -71.18
CA GLU C 82 28.90 35.16 -70.34
C GLU C 82 27.91 34.16 -69.76
N ARG C 83 27.42 33.23 -70.59
CA ARG C 83 26.48 32.21 -70.12
C ARG C 83 27.14 31.26 -69.11
N LEU C 84 28.27 30.64 -69.44
CA LEU C 84 28.88 29.64 -68.59
C LEU C 84 29.53 30.26 -67.34
N GLN C 85 29.95 31.52 -67.38
CA GLN C 85 30.29 32.28 -66.18
C GLN C 85 29.04 32.55 -65.33
N ALA C 86 27.93 33.00 -65.92
CA ALA C 86 26.69 33.16 -65.16
C ALA C 86 26.22 31.84 -64.52
N GLU C 87 26.42 30.70 -65.18
CA GLU C 87 26.22 29.38 -64.57
C GLU C 87 27.23 29.09 -63.46
N ALA C 88 28.54 29.25 -63.67
CA ALA C 88 29.53 29.05 -62.65
C ALA C 88 29.27 29.89 -61.42
N GLN C 89 28.82 31.12 -61.62
CA GLN C 89 28.59 31.99 -60.50
C GLN C 89 27.27 31.73 -59.81
N GLN C 90 26.22 31.39 -60.55
CA GLN C 90 24.96 31.12 -59.87
C GLN C 90 25.04 29.83 -59.09
N LEU C 91 25.78 28.86 -59.65
CA LEU C 91 25.94 27.56 -59.03
C LEU C 91 26.89 27.67 -57.85
N ARG C 92 27.86 28.61 -57.92
CA ARG C 92 28.76 28.85 -56.80
C ARG C 92 27.97 29.55 -55.67
N LYS C 93 27.03 30.46 -56.02
CA LYS C 93 26.20 31.11 -54.99
C LYS C 93 25.39 30.02 -54.28
N GLU C 94 24.88 29.06 -55.08
CA GLU C 94 24.12 27.95 -54.55
C GLU C 94 24.98 27.11 -53.62
N GLU C 95 26.23 26.84 -54.00
CA GLU C 95 27.12 26.08 -53.14
C GLU C 95 27.28 26.75 -51.81
N ARG C 96 27.46 28.08 -51.81
CA ARG C 96 27.63 28.77 -50.53
C ARG C 96 26.38 28.61 -49.66
N SER C 97 25.20 28.70 -50.28
CA SER C 97 23.94 28.54 -49.54
C SER C 97 23.86 27.15 -48.94
N TRP C 98 24.24 26.14 -49.71
CA TRP C 98 24.18 24.80 -49.18
C TRP C 98 25.14 24.64 -48.03
N GLU C 99 26.33 25.25 -48.13
CA GLU C 99 27.26 25.11 -47.04
C GLU C 99 26.73 25.78 -45.79
N GLN C 100 26.05 26.92 -45.94
CA GLN C 100 25.51 27.59 -44.75
C GLN C 100 24.48 26.71 -44.08
N LYS C 101 23.66 26.04 -44.88
CA LYS C 101 22.65 25.16 -44.30
C LYS C 101 23.31 23.97 -43.61
N LEU C 102 24.41 23.47 -44.19
CA LEU C 102 25.12 22.36 -43.58
C LEU C 102 25.79 22.82 -42.29
N GLU C 103 26.35 24.02 -42.20
CA GLU C 103 27.07 24.46 -41.01
C GLU C 103 26.11 24.87 -39.89
N GLU C 104 24.96 25.45 -40.22
CA GLU C 104 23.88 25.60 -39.26
C GLU C 104 23.41 24.24 -38.71
N MET C 105 23.24 23.23 -39.57
CA MET C 105 22.85 21.89 -39.11
C MET C 105 23.88 21.28 -38.16
N ARG C 106 25.19 21.36 -38.44
CA ARG C 106 26.21 20.85 -37.49
C ARG C 106 26.26 21.64 -36.19
N LYS C 107 26.04 22.96 -36.20
CA LYS C 107 25.91 23.77 -34.97
C LYS C 107 24.65 23.42 -34.16
N LYS C 108 23.54 23.08 -34.82
CA LYS C 108 22.37 22.49 -34.15
C LYS C 108 22.68 21.13 -33.55
N GLU C 109 23.39 20.25 -34.26
CA GLU C 109 23.77 18.94 -33.71
C GLU C 109 24.63 19.09 -32.44
N LYS C 110 25.63 19.97 -32.46
CA LYS C 110 26.44 20.34 -31.29
C LYS C 110 25.63 20.96 -30.13
N SER C 111 24.39 21.40 -30.39
CA SER C 111 23.45 21.92 -29.39
C SER C 111 22.46 20.87 -28.85
N MET C 112 22.39 19.66 -29.42
CA MET C 112 21.49 18.59 -28.96
C MET C 112 22.03 17.85 -27.72
N PRO C 113 21.16 17.41 -26.79
CA PRO C 113 21.60 16.71 -25.59
C PRO C 113 22.15 15.31 -25.92
N TRP C 114 23.04 14.80 -25.09
CA TRP C 114 23.46 13.41 -25.11
C TRP C 114 22.30 12.47 -24.78
N ASN C 115 22.42 11.21 -25.16
CA ASN C 115 21.50 10.14 -24.82
C ASN C 115 22.24 8.79 -24.81
N VAL C 116 21.58 7.72 -24.36
CA VAL C 116 22.20 6.39 -24.23
C VAL C 116 22.76 5.81 -25.55
N ASP C 117 22.30 6.29 -26.71
CA ASP C 117 22.84 5.87 -28.01
C ASP C 117 24.12 6.63 -28.41
N THR C 118 24.24 7.90 -28.05
CA THR C 118 25.34 8.80 -28.47
C THR C 118 26.50 8.86 -27.49
N LEU C 119 26.34 8.38 -26.25
CA LEU C 119 27.40 8.35 -25.24
C LEU C 119 28.40 7.20 -25.39
N SER C 120 28.04 6.03 -25.96
CA SER C 120 28.91 4.87 -25.90
C SER C 120 28.61 3.70 -26.87
N LYS C 121 29.55 2.75 -26.99
CA LYS C 121 29.54 1.50 -27.81
C LYS C 121 30.22 0.33 -27.06
N ASP C 122 29.88 -0.93 -27.35
CA ASP C 122 30.43 -2.07 -26.63
C ASP C 122 31.85 -2.41 -26.95
N GLY C 123 32.55 -2.93 -25.96
CA GLY C 123 33.91 -3.43 -26.06
C GLY C 123 33.91 -4.95 -25.85
N PHE C 124 34.44 -5.38 -24.70
CA PHE C 124 34.49 -6.78 -24.37
C PHE C 124 33.15 -7.29 -23.96
N SER C 125 32.92 -8.56 -24.22
CA SER C 125 31.77 -9.22 -23.66
C SER C 125 32.03 -10.70 -23.55
N LYS C 126 32.12 -11.20 -22.34
CA LYS C 126 32.36 -12.62 -22.15
C LYS C 126 31.51 -13.18 -21.04
N SER C 127 30.77 -14.26 -21.28
CA SER C 127 29.95 -14.92 -20.26
C SER C 127 30.49 -16.30 -19.93
N MET C 128 30.59 -16.64 -18.64
CA MET C 128 31.05 -17.96 -18.20
C MET C 128 30.12 -18.55 -17.13
N VAL C 129 29.87 -19.87 -17.21
CA VAL C 129 28.98 -20.59 -16.30
C VAL C 129 29.78 -21.70 -15.64
N ASN C 130 29.73 -21.81 -14.31
CA ASN C 130 30.65 -22.67 -13.58
C ASN C 130 30.12 -24.11 -13.49
N THR C 131 30.48 -24.93 -14.48
CA THR C 131 30.11 -26.35 -14.53
C THR C 131 30.94 -27.24 -13.61
N LYS C 132 32.13 -26.80 -13.20
CA LYS C 132 33.15 -27.63 -12.53
C LYS C 132 32.70 -28.39 -11.26
N PRO C 133 32.01 -27.78 -10.27
CA PRO C 133 31.68 -28.49 -9.03
C PRO C 133 30.59 -29.54 -9.24
N GLU C 134 30.94 -30.80 -8.95
CA GLU C 134 30.08 -31.98 -9.05
C GLU C 134 30.25 -32.88 -7.81
N LYS C 135 29.21 -33.66 -7.45
CA LYS C 135 29.12 -34.40 -6.18
C LYS C 135 30.21 -35.48 -6.04
N THR C 136 30.74 -35.63 -4.82
CA THR C 136 31.83 -36.56 -4.48
C THR C 136 31.64 -37.14 -3.07
N GLU C 137 32.16 -38.34 -2.81
CA GLU C 137 32.03 -39.04 -1.53
C GLU C 137 33.42 -39.40 -1.04
N GLU C 138 33.57 -39.56 0.29
CA GLU C 138 34.84 -39.94 0.92
C GLU C 138 34.56 -40.70 2.22
N ASP C 139 35.53 -41.49 2.66
CA ASP C 139 35.40 -42.26 3.91
C ASP C 139 35.70 -41.38 5.13
N SER C 140 34.65 -41.06 5.87
CA SER C 140 34.69 -40.11 6.98
C SER C 140 35.62 -40.52 8.11
N GLU C 141 35.97 -41.79 8.24
CA GLU C 141 36.92 -42.19 9.28
C GLU C 141 38.29 -41.57 9.02
N GLU C 142 38.66 -41.43 7.74
CA GLU C 142 39.95 -40.88 7.39
C GLU C 142 39.85 -39.39 7.31
N VAL C 143 38.65 -38.91 6.97
CA VAL C 143 38.49 -37.49 6.89
C VAL C 143 38.67 -36.89 8.27
N ARG C 144 38.09 -37.54 9.30
CA ARG C 144 38.20 -37.12 10.70
C ARG C 144 39.67 -37.03 11.11
N GLU C 145 40.46 -38.05 10.81
CA GLU C 145 41.86 -38.03 11.24
C GLU C 145 42.64 -36.95 10.50
N GLN C 146 42.34 -36.79 9.21
CA GLN C 146 42.94 -35.82 8.30
C GLN C 146 42.60 -34.40 8.73
N LYS C 147 41.35 -34.09 9.08
CA LYS C 147 40.96 -32.77 9.61
C LYS C 147 41.57 -32.48 10.96
N HIS C 148 41.76 -33.49 11.82
CA HIS C 148 42.56 -33.34 13.03
C HIS C 148 43.98 -32.87 12.69
N LYS C 149 44.68 -33.56 11.80
CA LYS C 149 46.03 -33.15 11.35
C LYS C 149 46.03 -31.77 10.65
N THR C 150 45.07 -31.53 9.76
CA THR C 150 45.02 -30.36 8.88
C THR C 150 44.64 -29.09 9.63
N PHE C 151 43.78 -29.20 10.65
CA PHE C 151 43.26 -28.06 11.39
C PHE C 151 43.47 -28.19 12.89
N VAL C 152 43.01 -29.25 13.56
CA VAL C 152 42.99 -29.29 15.03
C VAL C 152 44.39 -29.18 15.63
N GLU C 153 45.39 -29.89 15.11
CA GLU C 153 46.78 -29.71 15.56
C GLU C 153 47.35 -28.29 15.30
N LYS C 154 46.75 -27.55 14.36
CA LYS C 154 47.14 -26.18 13.97
C LYS C 154 46.34 -25.10 14.72
N TYR C 155 45.19 -25.46 15.28
CA TYR C 155 44.25 -24.55 15.95
C TYR C 155 44.03 -24.85 17.44
N GLU C 156 44.53 -25.97 17.98
CA GLU C 156 44.40 -26.26 19.42
C GLU C 156 45.08 -25.19 20.30
N LYS C 157 46.22 -24.65 19.86
CA LYS C 157 46.88 -23.49 20.48
C LYS C 157 46.06 -22.19 20.33
N GLN C 158 45.17 -22.13 19.35
CA GLN C 158 44.29 -20.99 19.08
C GLN C 158 42.99 -21.04 19.91
N ILE C 159 42.78 -22.05 20.77
CA ILE C 159 41.61 -22.10 21.65
C ILE C 159 41.49 -20.86 22.56
N LYS C 160 42.62 -20.31 22.98
CA LYS C 160 42.73 -19.05 23.74
C LYS C 160 42.42 -17.82 22.90
N HIS C 161 42.53 -17.87 21.57
CA HIS C 161 42.12 -16.78 20.67
C HIS C 161 40.60 -16.67 20.54
N PHE C 162 39.88 -17.78 20.63
CA PHE C 162 38.43 -17.79 20.61
C PHE C 162 37.84 -17.50 21.99
N GLY C 163 36.53 -17.28 22.11
CA GLY C 163 35.85 -16.71 23.27
C GLY C 163 36.27 -17.25 24.65
N MET C 164 36.77 -16.38 25.53
CA MET C 164 37.17 -16.69 26.91
C MET C 164 36.28 -16.03 27.97
N LEU C 165 35.78 -14.81 27.73
CA LEU C 165 34.68 -14.21 28.50
C LEU C 165 33.37 -14.97 28.17
N ARG C 166 32.55 -15.28 29.19
CA ARG C 166 31.52 -16.32 29.11
C ARG C 166 30.08 -15.83 28.82
N ARG C 167 29.90 -14.57 28.43
CA ARG C 167 28.57 -13.95 28.14
C ARG C 167 28.54 -12.98 26.96
N TRP C 168 29.69 -12.46 26.53
CA TRP C 168 29.91 -11.94 25.18
C TRP C 168 31.40 -12.07 24.85
N ASP C 169 31.77 -12.32 23.60
CA ASP C 169 33.11 -12.83 23.26
C ASP C 169 33.85 -12.02 22.18
N ASP C 170 35.16 -11.84 22.36
CA ASP C 170 36.07 -11.40 21.29
C ASP C 170 36.26 -12.51 20.23
N SER C 171 36.79 -12.16 19.06
CA SER C 171 36.94 -13.07 17.91
C SER C 171 35.62 -13.61 17.35
N GLN C 172 34.48 -13.02 17.70
CA GLN C 172 33.15 -13.45 17.23
C GLN C 172 32.97 -13.33 15.71
N LYS C 173 33.76 -12.45 15.05
CA LYS C 173 33.84 -12.34 13.58
C LYS C 173 34.56 -13.51 12.90
N TYR C 174 34.95 -14.56 13.63
CA TYR C 174 35.53 -15.77 13.02
C TYR C 174 34.55 -16.55 12.14
N LEU C 175 33.25 -16.22 12.14
CA LEU C 175 32.32 -16.65 11.09
C LEU C 175 32.71 -16.14 9.69
N SER C 176 33.50 -15.07 9.59
CA SER C 176 34.25 -14.70 8.39
C SER C 176 35.68 -15.26 8.43
N ASP C 177 36.42 -15.04 9.52
CA ASP C 177 37.88 -15.25 9.54
C ASP C 177 38.34 -16.72 9.53
N ASN C 178 37.51 -17.66 10.00
CA ASN C 178 37.82 -19.10 10.08
C ASN C 178 36.60 -19.96 9.75
N VAL C 179 35.83 -19.56 8.73
CA VAL C 179 34.56 -20.18 8.32
C VAL C 179 34.69 -21.69 8.02
N HIS C 180 35.84 -22.15 7.50
CA HIS C 180 36.09 -23.54 7.14
C HIS C 180 36.13 -24.50 8.34
N LEU C 181 36.27 -23.99 9.56
CA LEU C 181 36.31 -24.78 10.80
C LEU C 181 34.94 -24.93 11.49
N VAL C 182 33.88 -24.34 10.93
CA VAL C 182 32.51 -24.42 11.48
C VAL C 182 31.91 -25.78 11.14
N CYS C 183 32.19 -26.80 11.97
CA CYS C 183 31.85 -28.20 11.71
C CYS C 183 31.74 -29.06 12.99
N GLU C 184 31.10 -30.23 12.87
CA GLU C 184 30.99 -31.21 13.96
C GLU C 184 32.34 -31.67 14.50
N GLU C 185 33.35 -31.77 13.64
CA GLU C 185 34.69 -32.19 14.04
C GLU C 185 35.32 -31.20 15.03
N THR C 186 35.04 -29.90 14.90
CA THR C 186 35.45 -28.88 15.88
C THR C 186 34.71 -29.04 17.22
N ALA C 187 33.44 -29.45 17.21
CA ALA C 187 32.72 -29.78 18.44
C ALA C 187 33.27 -31.08 19.09
N ASN C 188 33.48 -32.14 18.32
CA ASN C 188 34.09 -33.38 18.79
C ASN C 188 35.49 -33.14 19.37
N TYR C 189 36.35 -32.34 18.92
CA TYR C 189 37.53 -31.80 19.30
C TYR C 189 37.41 -31.33 20.76
N LEU C 190 36.44 -30.48 21.07
CA LEU C 190 36.24 -30.04 22.46
C LEU C 190 35.84 -31.17 23.45
N VAL C 191 35.54 -32.37 22.99
CA VAL C 191 35.16 -33.53 23.83
C VAL C 191 36.33 -34.52 23.91
N ILE C 192 37.05 -34.70 22.81
CA ILE C 192 38.28 -35.49 22.72
C ILE C 192 39.41 -34.83 23.54
N TRP C 193 39.56 -33.50 23.43
CA TRP C 193 40.74 -32.77 23.93
C TRP C 193 40.66 -32.32 25.41
N CYS C 194 39.46 -32.09 25.93
CA CYS C 194 39.26 -31.66 27.33
C CYS C 194 39.43 -32.79 28.37
N ILE C 195 39.72 -34.02 27.95
CA ILE C 195 39.83 -35.17 28.86
C ILE C 195 40.93 -34.99 29.91
N ASP C 196 42.05 -34.37 29.53
CA ASP C 196 43.10 -33.98 30.48
C ASP C 196 42.60 -32.97 31.51
N LEU C 197 41.71 -32.05 31.12
CA LEU C 197 41.14 -31.07 32.04
C LEU C 197 40.25 -31.75 33.09
N GLU C 198 39.45 -32.76 32.69
CA GLU C 198 38.66 -33.52 33.67
C GLU C 198 39.58 -34.28 34.59
N VAL C 199 40.56 -35.00 34.04
CA VAL C 199 41.52 -35.79 34.83
C VAL C 199 42.30 -34.92 35.83
N GLU C 200 42.69 -33.72 35.42
CA GLU C 200 43.47 -32.77 36.24
C GLU C 200 42.61 -31.73 36.99
N GLU C 201 41.27 -31.85 36.97
CA GLU C 201 40.34 -30.98 37.71
C GLU C 201 40.45 -29.48 37.35
N LYS C 202 40.82 -29.17 36.09
CA LYS C 202 41.08 -27.80 35.59
C LYS C 202 39.80 -27.01 35.30
N CYS C 203 39.03 -26.73 36.35
CA CYS C 203 37.69 -26.13 36.32
C CYS C 203 37.61 -24.85 35.47
N ALA C 204 38.52 -23.90 35.63
CA ALA C 204 38.47 -22.62 34.92
C ALA C 204 38.55 -22.79 33.39
N LEU C 205 39.44 -23.66 32.90
CA LEU C 205 39.51 -23.98 31.48
C LEU C 205 38.25 -24.73 31.00
N MET C 206 37.71 -25.65 31.80
CA MET C 206 36.45 -26.33 31.46
C MET C 206 35.26 -25.36 31.38
N GLU C 207 35.21 -24.40 32.31
CA GLU C 207 34.21 -23.32 32.36
C GLU C 207 34.30 -22.37 31.16
N GLN C 208 35.47 -21.85 30.80
CA GLN C 208 35.63 -20.97 29.64
C GLN C 208 35.36 -21.71 28.32
N VAL C 209 35.86 -22.94 28.17
CA VAL C 209 35.59 -23.75 26.98
C VAL C 209 34.14 -24.24 26.92
N ALA C 210 33.41 -24.32 28.04
CA ALA C 210 31.97 -24.57 27.99
C ALA C 210 31.23 -23.52 27.15
N HIS C 211 31.67 -22.25 27.21
CA HIS C 211 31.10 -21.18 26.38
C HIS C 211 31.34 -21.45 24.89
N GLN C 212 32.56 -21.78 24.50
CA GLN C 212 32.86 -22.19 23.12
C GLN C 212 32.06 -23.45 22.70
N THR C 213 31.89 -24.40 23.61
CA THR C 213 31.16 -25.64 23.37
C THR C 213 29.67 -25.38 23.11
N ILE C 214 28.99 -24.60 23.96
CA ILE C 214 27.56 -24.31 23.78
C ILE C 214 27.32 -23.48 22.51
N VAL C 215 28.25 -22.61 22.14
CA VAL C 215 28.21 -21.89 20.87
C VAL C 215 28.35 -22.85 19.69
N MET C 216 29.27 -23.84 19.73
CA MET C 216 29.37 -24.83 18.67
C MET C 216 28.08 -25.65 18.58
N GLN C 217 27.54 -26.08 19.71
CA GLN C 217 26.27 -26.82 19.73
C GLN C 217 25.12 -25.96 19.22
N PHE C 218 25.03 -24.68 19.58
CA PHE C 218 24.07 -23.72 19.07
C PHE C 218 24.16 -23.61 17.55
N ILE C 219 25.33 -23.29 16.98
CA ILE C 219 25.42 -23.12 15.53
C ILE C 219 25.23 -24.45 14.79
N LEU C 220 25.68 -25.60 15.31
CA LEU C 220 25.53 -26.81 14.56
C LEU C 220 24.09 -27.28 14.66
N GLU C 221 23.47 -27.19 15.84
CA GLU C 221 22.07 -27.57 16.05
C GLU C 221 21.15 -26.66 15.26
N LEU C 222 21.44 -25.36 15.20
CA LEU C 222 20.69 -24.40 14.42
C LEU C 222 20.76 -24.79 12.95
N ALA C 223 21.95 -25.14 12.47
CA ALA C 223 22.08 -25.51 11.09
C ALA C 223 21.32 -26.77 10.77
N LYS C 224 21.34 -27.75 11.67
CA LYS C 224 20.55 -28.99 11.52
C LYS C 224 19.06 -28.65 11.50
N SER C 225 18.62 -27.88 12.48
CA SER C 225 17.21 -27.51 12.70
C SER C 225 16.62 -26.73 11.54
N LEU C 226 17.42 -25.90 10.87
CA LEU C 226 17.01 -25.13 9.70
C LEU C 226 17.32 -25.81 8.37
N LYS C 227 17.96 -27.00 8.33
CA LYS C 227 18.43 -27.62 7.09
C LYS C 227 19.33 -26.70 6.28
N VAL C 228 20.29 -26.06 6.95
CA VAL C 228 21.21 -25.15 6.28
C VAL C 228 22.66 -25.50 6.55
N ASP C 229 23.57 -24.92 5.78
CA ASP C 229 25.01 -25.03 5.99
C ASP C 229 25.40 -24.29 7.28
N PRO C 230 26.10 -24.91 8.24
CA PRO C 230 26.58 -24.21 9.43
C PRO C 230 27.36 -22.93 9.13
N ARG C 231 28.09 -22.89 8.01
CA ARG C 231 28.86 -21.72 7.56
C ARG C 231 27.97 -20.50 7.22
N ALA C 232 26.68 -20.73 6.97
CA ALA C 232 25.69 -19.70 6.68
C ALA C 232 25.10 -19.00 7.93
N CYS C 233 25.52 -19.36 9.15
CA CYS C 233 25.13 -18.61 10.35
C CYS C 233 25.80 -17.21 10.41
N PHE C 234 25.34 -16.35 11.32
CA PHE C 234 25.81 -14.96 11.42
C PHE C 234 25.91 -14.46 12.87
N ARG C 235 26.73 -13.43 13.17
CA ARG C 235 26.80 -12.90 14.55
C ARG C 235 25.53 -12.14 14.98
N GLN C 236 24.66 -11.81 14.03
CA GLN C 236 23.27 -11.45 14.32
C GLN C 236 22.53 -12.58 15.05
N PHE C 237 22.78 -13.84 14.71
CA PHE C 237 22.17 -14.98 15.41
C PHE C 237 22.66 -15.11 16.86
N PHE C 238 23.94 -14.80 17.10
CA PHE C 238 24.42 -14.67 18.47
C PHE C 238 23.73 -13.49 19.21
N THR C 239 23.46 -12.38 18.52
CA THR C 239 22.72 -11.23 19.06
C THR C 239 21.26 -11.58 19.35
N LYS C 240 20.66 -12.44 18.53
CA LYS C 240 19.29 -12.93 18.73
C LYS C 240 19.18 -13.81 19.97
N ILE C 241 20.11 -14.73 20.22
CA ILE C 241 20.12 -15.43 21.52
C ILE C 241 20.59 -14.54 22.70
N LYS C 242 21.11 -13.32 22.46
CA LYS C 242 21.29 -12.30 23.50
C LYS C 242 19.98 -11.62 23.92
N THR C 243 18.91 -11.70 23.13
CA THR C 243 17.59 -11.10 23.48
C THR C 243 16.85 -11.87 24.58
N ALA C 244 16.02 -11.17 25.37
CA ALA C 244 15.17 -11.75 26.42
C ALA C 244 15.95 -12.69 27.39
N ASP C 245 15.42 -13.87 27.72
CA ASP C 245 16.14 -14.89 28.51
C ASP C 245 17.26 -15.54 27.67
N ARG C 246 18.51 -15.45 28.15
CA ARG C 246 19.70 -15.49 27.30
C ARG C 246 20.29 -16.88 27.03
N GLN C 247 20.50 -17.67 28.09
CA GLN C 247 21.42 -18.81 28.12
C GLN C 247 20.93 -19.96 29.04
N TYR C 248 21.47 -21.16 28.82
CA TYR C 248 21.21 -22.37 29.63
C TYR C 248 22.51 -23.00 30.18
N MET C 249 23.63 -22.30 30.04
CA MET C 249 24.99 -22.78 30.38
C MET C 249 25.21 -23.02 31.87
N GLU C 250 24.35 -22.48 32.76
CA GLU C 250 24.36 -22.82 34.18
C GLU C 250 24.28 -24.34 34.46
N GLY C 251 23.67 -25.14 33.58
CA GLY C 251 23.74 -26.61 33.69
C GLY C 251 25.05 -27.21 33.16
N PHE C 252 25.66 -26.59 32.16
CA PHE C 252 26.93 -27.03 31.56
C PHE C 252 28.12 -26.78 32.50
N ASN C 253 28.01 -25.85 33.44
CA ASN C 253 28.94 -25.76 34.56
C ASN C 253 28.95 -27.04 35.43
N ASP C 254 27.90 -27.87 35.40
CA ASP C 254 27.93 -29.21 35.98
C ASP C 254 28.36 -30.29 34.97
N GLU C 255 28.12 -30.14 33.65
CA GLU C 255 28.58 -31.10 32.64
C GLU C 255 30.05 -31.39 32.77
N LEU C 256 30.81 -30.38 33.09
CA LEU C 256 32.24 -30.63 33.17
C LEU C 256 32.61 -31.72 34.21
N GLU C 257 31.74 -31.97 35.18
CA GLU C 257 31.92 -33.04 36.14
C GLU C 257 30.99 -34.21 35.81
N ALA C 258 29.77 -33.89 35.34
CA ALA C 258 28.69 -34.85 35.10
C ALA C 258 28.93 -35.71 33.87
N PHE C 259 29.85 -35.27 33.03
CA PHE C 259 30.21 -35.98 31.81
C PHE C 259 31.34 -37.03 32.00
N LYS C 260 32.00 -37.09 33.21
CA LYS C 260 33.12 -38.00 33.56
C LYS C 260 32.71 -39.50 33.61
N ASN D 71 25.58 -33.68 29.38
CA ASN D 71 24.33 -32.90 29.52
C ASN D 71 23.63 -32.77 28.15
N ILE D 72 22.35 -32.40 28.21
CA ILE D 72 21.36 -32.79 27.18
C ILE D 72 21.34 -31.93 25.94
N LEU D 73 20.78 -32.49 24.89
CA LEU D 73 20.29 -31.76 23.72
C LEU D 73 18.98 -31.03 24.09
N LEU D 74 19.03 -29.85 24.59
CA LEU D 74 17.95 -29.03 25.12
C LEU D 74 17.19 -28.30 23.99
N PHE D 75 15.87 -28.15 24.12
CA PHE D 75 15.07 -27.45 23.12
C PHE D 75 15.34 -25.93 23.10
N MET D 76 15.30 -25.36 21.91
CA MET D 76 15.61 -23.97 21.59
C MET D 76 14.31 -23.31 21.16
N GLY D 77 13.73 -22.40 21.95
CA GLY D 77 12.66 -21.59 21.38
C GLY D 77 13.24 -20.71 20.28
N TYR D 78 12.87 -20.99 19.02
CA TYR D 78 13.55 -20.42 17.87
C TYR D 78 13.42 -18.89 17.85
N MET D 79 14.55 -18.22 17.60
CA MET D 79 14.61 -16.80 17.49
C MET D 79 14.09 -16.34 16.15
N THR D 80 12.77 -16.20 16.11
CA THR D 80 11.94 -15.80 14.98
C THR D 80 12.29 -14.43 14.39
N LYS D 81 11.87 -14.25 13.14
CA LYS D 81 11.91 -13.03 12.38
C LYS D 81 10.57 -12.66 11.77
N ASP D 82 10.23 -11.38 11.90
CA ASP D 82 9.01 -10.84 11.33
C ASP D 82 9.28 -9.97 10.12
N ASN D 83 8.91 -10.46 8.93
CA ASN D 83 9.07 -9.72 7.68
C ASN D 83 7.78 -8.93 7.39
N LEU D 84 7.92 -7.60 7.32
CA LEU D 84 6.83 -6.69 7.03
C LEU D 84 7.04 -5.94 5.71
N ALA D 85 7.68 -6.58 4.73
CA ALA D 85 7.84 -6.01 3.39
C ALA D 85 6.47 -5.84 2.70
N ILE D 86 6.40 -4.94 1.71
CA ILE D 86 5.19 -4.67 0.92
C ILE D 86 5.49 -4.82 -0.57
N VAL D 87 4.56 -5.40 -1.32
CA VAL D 87 4.54 -5.32 -2.80
C VAL D 87 3.30 -4.53 -3.20
N THR D 88 3.48 -3.46 -3.96
CA THR D 88 2.37 -2.56 -4.34
C THR D 88 1.34 -3.24 -5.21
N GLN D 89 0.08 -2.89 -5.01
CA GLN D 89 -1.04 -3.30 -5.87
C GLN D 89 -1.68 -2.05 -6.50
N TRP D 90 -2.13 -2.16 -7.76
CA TRP D 90 -2.81 -1.06 -8.45
C TRP D 90 -4.16 -1.48 -9.06
N CYS D 91 -5.17 -0.62 -8.95
CA CYS D 91 -6.51 -0.85 -9.49
C CYS D 91 -6.58 -0.50 -10.98
N GLU D 92 -7.03 -1.43 -11.83
CA GLU D 92 -7.51 -1.13 -13.19
C GLU D 92 -8.91 -0.50 -13.11
N GLY D 93 -8.98 0.79 -12.80
CA GLY D 93 -10.24 1.45 -12.58
C GLY D 93 -10.94 1.75 -13.87
N SER D 94 -12.18 2.21 -13.76
CA SER D 94 -12.94 2.54 -14.93
C SER D 94 -12.33 3.73 -15.59
N SER D 95 -12.40 3.73 -16.90
CA SER D 95 -11.98 4.85 -17.66
C SER D 95 -13.06 5.87 -17.50
N LEU D 96 -12.79 7.12 -17.86
CA LEU D 96 -13.87 8.07 -17.75
C LEU D 96 -14.97 7.67 -18.69
N TYR D 97 -14.62 7.20 -19.87
CA TYR D 97 -15.65 6.83 -20.82
C TYR D 97 -16.57 5.81 -20.20
N LYS D 98 -15.99 4.78 -19.63
CA LYS D 98 -16.80 3.74 -19.07
C LYS D 98 -17.70 4.22 -17.95
N HIS D 99 -17.19 5.02 -17.02
CA HIS D 99 -18.13 5.33 -15.98
C HIS D 99 -19.16 6.34 -16.46
N LEU D 100 -18.83 7.10 -17.50
CA LEU D 100 -19.74 8.14 -17.93
C LEU D 100 -20.82 7.67 -18.89
N HIS D 101 -20.46 6.78 -19.81
CA HIS D 101 -21.40 6.36 -20.82
C HIS D 101 -21.83 4.90 -20.73
N VAL D 102 -21.14 4.08 -19.94
CA VAL D 102 -21.51 2.68 -19.90
C VAL D 102 -22.15 2.36 -18.58
N GLN D 103 -21.46 2.74 -17.52
CA GLN D 103 -21.98 2.48 -16.19
C GLN D 103 -22.86 3.64 -15.80
N GLU D 104 -22.64 4.74 -16.49
CA GLU D 104 -23.37 5.98 -16.31
C GLU D 104 -23.49 6.39 -14.85
N THR D 105 -22.38 6.39 -14.14
CA THR D 105 -22.43 6.75 -12.74
C THR D 105 -22.44 8.26 -12.68
N LYS D 106 -22.78 8.86 -11.55
CA LYS D 106 -22.84 10.31 -11.54
C LYS D 106 -21.98 10.94 -10.48
N PHE D 107 -21.46 12.10 -10.83
CA PHE D 107 -20.66 12.95 -9.97
C PHE D 107 -21.32 14.27 -9.69
N GLN D 108 -20.96 14.85 -8.56
CA GLN D 108 -21.44 16.16 -8.17
C GLN D 108 -20.74 17.15 -9.06
N MET D 109 -21.32 18.31 -9.25
CA MET D 109 -20.64 19.26 -10.11
C MET D 109 -19.26 19.61 -9.59
N PHE D 110 -19.07 19.68 -8.28
CA PHE D 110 -17.77 20.04 -7.78
C PHE D 110 -16.76 18.98 -8.18
N GLN D 111 -17.17 17.72 -8.01
CA GLN D 111 -16.33 16.58 -8.32
C GLN D 111 -16.00 16.51 -9.80
N LEU D 112 -16.98 16.86 -10.65
CA LEU D 112 -16.70 16.85 -12.08
C LEU D 112 -15.64 17.88 -12.41
N ILE D 113 -15.70 19.01 -11.71
CA ILE D 113 -14.70 20.02 -11.90
C ILE D 113 -13.33 19.51 -11.41
N ASP D 114 -13.28 18.86 -10.25
CA ASP D 114 -12.01 18.32 -9.69
C ASP D 114 -11.34 17.40 -10.77
N ILE D 115 -12.13 16.57 -11.45
CA ILE D 115 -11.60 15.67 -12.44
C ILE D 115 -11.06 16.48 -13.61
N ALA D 116 -11.83 17.46 -14.08
CA ALA D 116 -11.37 18.27 -15.20
C ALA D 116 -10.08 19.01 -14.84
N ARG D 117 -9.99 19.45 -13.60
CA ARG D 117 -8.83 20.18 -13.13
C ARG D 117 -7.62 19.32 -13.17
N GLN D 118 -7.67 18.12 -12.60
CA GLN D 118 -6.54 17.20 -12.62
C GLN D 118 -6.15 16.84 -14.07
N THR D 119 -7.14 16.66 -14.93
CA THR D 119 -6.87 16.34 -16.33
C THR D 119 -6.07 17.48 -16.97
N ALA D 120 -6.45 18.73 -16.73
CA ALA D 120 -5.75 19.87 -17.28
C ALA D 120 -4.33 19.97 -16.73
N GLN D 121 -4.18 19.74 -15.42
CA GLN D 121 -2.92 19.79 -14.69
C GLN D 121 -1.91 18.78 -15.26
N GLY D 122 -2.37 17.56 -15.57
CA GLY D 122 -1.57 16.59 -16.30
C GLY D 122 -1.26 17.05 -17.73
N MET D 123 -2.26 17.54 -18.46
CA MET D 123 -2.06 18.00 -19.84
C MET D 123 -1.04 19.13 -19.98
N ASP D 124 -1.00 20.02 -19.00
CA ASP D 124 -0.08 21.14 -19.00
C ASP D 124 1.33 20.60 -18.84
N TYR D 125 1.52 19.67 -17.90
CA TYR D 125 2.80 19.03 -17.66
C TYR D 125 3.32 18.34 -18.92
N LEU D 126 2.49 17.58 -19.64
CA LEU D 126 2.89 17.04 -20.94
C LEU D 126 3.36 18.12 -21.91
N HIS D 127 2.62 19.21 -22.03
CA HIS D 127 2.97 20.24 -22.99
C HIS D 127 4.27 20.92 -22.61
N ALA D 128 4.49 21.09 -21.32
CA ALA D 128 5.71 21.73 -20.83
C ALA D 128 6.94 20.94 -21.27
N LYS D 129 6.82 19.61 -21.24
CA LYS D 129 7.85 18.66 -21.68
C LYS D 129 7.89 18.49 -23.20
N ASN D 130 7.09 19.26 -23.95
CA ASN D 130 6.95 19.19 -25.38
C ASN D 130 6.46 17.85 -25.89
N ILE D 131 5.55 17.22 -25.15
CA ILE D 131 4.90 15.97 -25.52
C ILE D 131 3.49 16.32 -26.02
N ILE D 132 3.16 15.95 -27.26
CA ILE D 132 1.81 16.15 -27.76
C ILE D 132 1.17 14.80 -27.59
N HIS D 133 0.09 14.77 -26.82
CA HIS D 133 -0.58 13.56 -26.38
C HIS D 133 -1.24 12.88 -27.59
N ARG D 134 -1.95 13.65 -28.42
CA ARG D 134 -2.65 13.30 -29.65
C ARG D 134 -3.81 12.34 -29.44
N ASP D 135 -3.56 11.19 -28.82
CA ASP D 135 -4.50 10.12 -28.55
C ASP D 135 -5.43 10.44 -27.36
N MET D 136 -6.04 11.62 -27.32
CA MET D 136 -6.78 12.07 -26.14
C MET D 136 -8.24 11.63 -26.26
N LYS D 137 -8.63 10.69 -25.44
CA LYS D 137 -9.97 10.13 -25.43
C LYS D 137 -10.39 9.95 -23.99
N SER D 138 -11.67 10.04 -23.70
CA SER D 138 -12.15 9.83 -22.35
C SER D 138 -11.96 8.40 -21.92
N ASN D 139 -11.67 7.49 -22.85
CA ASN D 139 -11.44 6.15 -22.39
C ASN D 139 -9.96 5.92 -22.13
N ASN D 140 -9.09 6.92 -22.40
CA ASN D 140 -7.64 6.94 -22.15
C ASN D 140 -7.29 7.66 -20.84
N ILE D 141 -8.29 8.23 -20.17
CA ILE D 141 -8.21 8.84 -18.85
C ILE D 141 -8.87 7.88 -17.87
N PHE D 142 -8.23 7.57 -16.75
CA PHE D 142 -8.68 6.56 -15.79
C PHE D 142 -8.85 7.13 -14.39
N LEU D 143 -9.83 6.64 -13.61
CA LEU D 143 -9.93 7.06 -12.22
C LEU D 143 -9.47 6.00 -11.27
N HIS D 144 -8.81 6.47 -10.24
CA HIS D 144 -8.25 5.66 -9.19
C HIS D 144 -8.76 6.14 -7.85
N GLU D 145 -8.33 5.50 -6.77
CA GLU D 145 -8.81 5.87 -5.45
C GLU D 145 -8.63 7.36 -5.20
N GLY D 146 -9.65 7.97 -4.62
CA GLY D 146 -9.63 9.38 -4.30
C GLY D 146 -9.94 10.23 -5.51
N LEU D 147 -10.29 9.55 -6.61
CA LEU D 147 -10.56 10.14 -7.91
C LEU D 147 -9.30 10.71 -8.49
N THR D 148 -8.16 10.06 -8.19
CA THR D 148 -6.94 10.49 -8.82
C THR D 148 -7.08 10.21 -10.30
N VAL D 149 -6.79 11.18 -11.13
CA VAL D 149 -6.82 11.04 -12.59
C VAL D 149 -5.48 10.50 -13.05
N LYS D 150 -5.44 9.41 -13.82
CA LYS D 150 -4.24 8.98 -14.54
C LYS D 150 -4.50 9.07 -16.03
N ILE D 151 -3.79 9.94 -16.74
CA ILE D 151 -3.83 10.03 -18.20
C ILE D 151 -2.81 9.03 -18.78
N GLY D 152 -3.10 8.39 -19.90
CA GLY D 152 -2.14 7.53 -20.59
C GLY D 152 -2.52 7.17 -22.02
N ASP D 153 -1.67 6.39 -22.69
CA ASP D 153 -1.96 5.65 -23.94
C ASP D 153 -2.52 4.23 -23.66
N PHE D 154 -2.90 3.96 -22.40
CA PHE D 154 -3.19 2.61 -21.87
C PHE D 154 -4.51 1.98 -22.38
N GLY D 155 -5.45 2.78 -22.91
CA GLY D 155 -6.79 2.32 -23.33
C GLY D 155 -6.82 1.52 -24.62
N THR D 173 -18.04 6.64 -32.74
CA THR D 173 -16.96 5.63 -32.85
C THR D 173 -15.80 5.87 -31.86
N GLY D 174 -15.15 7.05 -31.85
CA GLY D 174 -13.94 7.30 -31.10
C GLY D 174 -12.73 7.22 -31.99
N SER D 175 -12.85 6.61 -33.17
CA SER D 175 -11.68 6.66 -34.04
C SER D 175 -11.69 8.11 -34.49
N VAL D 176 -12.86 8.74 -34.71
CA VAL D 176 -13.04 10.15 -35.14
C VAL D 176 -13.31 11.14 -34.00
N LEU D 177 -14.25 10.80 -33.11
CA LEU D 177 -15.03 11.76 -32.28
C LEU D 177 -14.22 12.83 -31.54
N TRP D 178 -13.14 12.44 -30.85
CA TRP D 178 -12.35 13.38 -30.04
C TRP D 178 -11.35 14.23 -30.84
N MET D 179 -11.11 13.95 -32.12
CA MET D 179 -10.12 14.67 -32.92
C MET D 179 -10.66 16.00 -33.49
N ALA D 180 -9.76 16.95 -33.74
CA ALA D 180 -10.09 18.27 -34.29
C ALA D 180 -10.54 18.22 -35.77
N PRO D 181 -11.28 19.22 -36.28
CA PRO D 181 -11.81 19.24 -37.65
C PRO D 181 -10.76 19.05 -38.75
N GLU D 182 -9.55 19.60 -38.59
CA GLU D 182 -8.42 19.39 -39.51
C GLU D 182 -7.82 17.96 -39.43
N VAL D 183 -7.84 17.35 -38.25
CA VAL D 183 -7.27 16.02 -38.00
C VAL D 183 -8.21 14.92 -38.48
N ILE D 184 -9.52 15.02 -38.22
CA ILE D 184 -10.49 14.06 -38.76
C ILE D 184 -10.47 14.08 -40.30
N ARG D 185 -10.23 15.25 -40.89
CA ARG D 185 -10.08 15.42 -42.33
C ARG D 185 -8.78 14.86 -42.88
N MET D 186 -7.75 14.61 -42.04
CA MET D 186 -6.40 14.37 -42.54
C MET D 186 -6.07 15.48 -43.50
N GLN D 187 -6.32 16.72 -43.09
CA GLN D 187 -6.16 17.93 -43.90
C GLN D 187 -4.69 18.24 -44.22
N ASP D 188 -3.76 17.72 -43.42
CA ASP D 188 -2.34 17.91 -43.61
C ASP D 188 -1.58 16.73 -43.01
N ASN D 189 -0.27 16.74 -43.09
CA ASN D 189 0.49 15.60 -42.63
C ASN D 189 0.70 15.55 -41.13
N ASN D 190 -0.27 14.92 -40.46
CA ASN D 190 -0.21 14.79 -39.02
C ASN D 190 0.04 16.12 -38.35
N PRO D 191 -0.88 17.08 -38.48
CA PRO D 191 -0.76 18.43 -38.01
C PRO D 191 -1.02 18.47 -36.53
N PHE D 192 -0.17 17.83 -35.77
CA PHE D 192 -0.40 17.79 -34.36
C PHE D 192 0.22 18.98 -33.69
N SER D 193 -0.51 19.52 -32.74
CA SER D 193 -0.13 20.68 -31.99
C SER D 193 -0.81 20.65 -30.66
N PHE D 194 -0.40 21.54 -29.77
CA PHE D 194 -1.03 21.59 -28.46
C PHE D 194 -2.50 21.91 -28.59
N GLN D 195 -2.86 22.75 -29.54
CA GLN D 195 -4.25 23.07 -29.72
C GLN D 195 -5.08 21.88 -30.14
N SER D 196 -4.46 20.89 -30.76
CA SER D 196 -5.19 19.70 -31.17
C SER D 196 -5.59 19.01 -29.88
N ASP D 197 -4.62 18.94 -28.96
CA ASP D 197 -4.94 18.34 -27.67
C ASP D 197 -6.00 19.15 -26.95
N VAL D 198 -5.97 20.45 -27.13
CA VAL D 198 -6.96 21.28 -26.49
C VAL D 198 -8.33 20.95 -27.03
N TYR D 199 -8.43 20.81 -28.34
CA TYR D 199 -9.71 20.48 -28.91
C TYR D 199 -10.26 19.23 -28.26
N SER D 200 -9.45 18.17 -28.23
CA SER D 200 -9.90 16.91 -27.65
C SER D 200 -10.27 17.10 -26.18
N TYR D 201 -9.55 17.97 -25.46
CA TYR D 201 -9.87 18.27 -24.09
C TYR D 201 -11.23 18.88 -23.98
N GLY D 202 -11.52 19.84 -24.85
CA GLY D 202 -12.80 20.50 -24.87
C GLY D 202 -13.93 19.52 -25.10
N ILE D 203 -13.68 18.53 -25.95
CA ILE D 203 -14.69 17.54 -26.18
C ILE D 203 -14.91 16.74 -24.92
N VAL D 204 -13.83 16.43 -24.23
CA VAL D 204 -13.97 15.71 -22.99
C VAL D 204 -14.74 16.56 -21.99
N LEU D 205 -14.47 17.85 -21.93
CA LEU D 205 -15.22 18.64 -20.99
C LEU D 205 -16.69 18.59 -21.33
N TYR D 206 -17.04 18.69 -22.61
CA TYR D 206 -18.42 18.65 -23.06
C TYR D 206 -19.11 17.38 -22.53
N GLU D 207 -18.55 16.20 -22.77
CA GLU D 207 -19.19 14.97 -22.28
C GLU D 207 -19.25 14.95 -20.74
N LEU D 208 -18.26 15.52 -20.03
CA LEU D 208 -18.36 15.52 -18.57
C LEU D 208 -19.53 16.34 -18.13
N MET D 209 -19.76 17.47 -18.81
CA MET D 209 -20.80 18.48 -18.55
C MET D 209 -22.16 18.18 -19.20
N THR D 210 -22.33 17.05 -19.89
CA THR D 210 -23.63 16.57 -20.39
C THR D 210 -24.01 15.18 -19.88
N GLY D 211 -23.05 14.29 -19.61
CA GLY D 211 -23.31 12.86 -19.48
C GLY D 211 -23.71 12.18 -20.79
N GLU D 212 -23.41 12.79 -21.93
CA GLU D 212 -23.94 12.40 -23.25
C GLU D 212 -23.00 12.84 -24.38
N LEU D 213 -22.68 11.93 -25.32
CA LEU D 213 -21.70 12.21 -26.37
C LEU D 213 -22.11 13.38 -27.27
N PRO D 214 -21.15 14.15 -27.81
CA PRO D 214 -21.40 15.26 -28.72
C PRO D 214 -22.08 14.78 -30.02
N TYR D 215 -22.85 15.66 -30.66
CA TYR D 215 -23.56 15.38 -31.92
C TYR D 215 -24.59 14.22 -31.86
N SER D 216 -24.85 13.64 -30.69
CA SER D 216 -25.48 12.31 -30.55
C SER D 216 -26.97 12.21 -30.94
N HIS D 217 -27.60 13.29 -31.40
CA HIS D 217 -28.83 13.20 -32.20
C HIS D 217 -28.61 12.62 -33.61
N ILE D 218 -27.34 12.53 -34.05
CA ILE D 218 -26.84 11.96 -35.31
C ILE D 218 -25.72 10.94 -35.00
N ASN D 219 -25.54 9.93 -35.86
CA ASN D 219 -24.49 8.91 -35.74
C ASN D 219 -23.90 8.39 -37.07
N ASN D 220 -24.25 8.99 -38.22
CA ASN D 220 -23.70 8.60 -39.54
C ASN D 220 -22.23 9.04 -39.69
N ARG D 221 -21.35 8.11 -40.08
CA ARG D 221 -19.88 8.28 -40.14
C ARG D 221 -19.46 9.38 -41.12
N ASP D 222 -19.98 9.34 -42.34
CA ASP D 222 -19.68 10.33 -43.38
C ASP D 222 -20.30 11.69 -43.06
N GLN D 223 -21.48 11.72 -42.44
CA GLN D 223 -22.09 12.97 -41.97
C GLN D 223 -21.23 13.65 -40.91
N ILE D 224 -20.62 12.90 -39.99
CA ILE D 224 -19.68 13.46 -39.00
C ILE D 224 -18.46 14.08 -39.71
N ILE D 225 -17.82 13.34 -40.63
CA ILE D 225 -16.70 13.86 -41.43
C ILE D 225 -17.09 15.11 -42.22
N PHE D 226 -18.27 15.15 -42.84
CA PHE D 226 -18.82 16.34 -43.50
C PHE D 226 -19.07 17.48 -42.51
N MET D 227 -19.99 17.30 -41.57
CA MET D 227 -20.53 18.39 -40.78
C MET D 227 -19.49 18.95 -39.80
N VAL D 228 -18.54 18.15 -39.32
CA VAL D 228 -17.56 18.67 -38.41
C VAL D 228 -16.44 19.31 -39.24
N GLY D 229 -15.96 18.57 -40.23
CA GLY D 229 -14.85 18.95 -41.08
C GLY D 229 -15.08 20.23 -41.84
N ARG D 230 -16.33 20.49 -42.23
CA ARG D 230 -16.60 21.68 -42.99
C ARG D 230 -17.22 22.79 -42.15
N GLY D 231 -17.31 22.58 -40.84
CA GLY D 231 -17.85 23.62 -39.98
C GLY D 231 -19.37 23.83 -40.01
N TYR D 232 -20.16 22.78 -40.19
CA TYR D 232 -21.61 22.95 -40.26
C TYR D 232 -22.36 22.47 -39.02
N ALA D 233 -21.64 22.13 -37.93
CA ALA D 233 -22.23 21.89 -36.62
C ALA D 233 -21.19 22.02 -35.48
N SER D 234 -21.51 22.77 -34.44
CA SER D 234 -20.88 22.64 -33.11
C SER D 234 -21.42 21.39 -32.39
N PRO D 235 -20.77 20.92 -31.31
CA PRO D 235 -21.49 20.14 -30.29
C PRO D 235 -22.68 20.96 -29.74
N ASP D 236 -23.73 20.29 -29.29
CA ASP D 236 -24.94 20.96 -28.77
C ASP D 236 -24.75 21.45 -27.33
N LEU D 237 -24.22 22.66 -27.12
CA LEU D 237 -24.04 23.21 -25.76
C LEU D 237 -25.38 23.48 -25.04
N SER D 238 -26.50 23.45 -25.76
CA SER D 238 -27.85 23.38 -25.17
C SER D 238 -28.10 22.11 -24.35
N LYS D 239 -27.32 21.03 -24.55
CA LYS D 239 -27.39 19.78 -23.77
C LYS D 239 -26.67 19.83 -22.41
N LEU D 240 -25.92 20.89 -22.12
CA LEU D 240 -25.11 20.98 -20.89
C LEU D 240 -25.98 21.00 -19.61
N TYR D 241 -25.41 20.51 -18.51
CA TYR D 241 -25.99 20.56 -17.17
C TYR D 241 -26.48 21.96 -16.82
N LYS D 242 -27.67 22.07 -16.22
CA LYS D 242 -28.16 23.32 -15.63
C LYS D 242 -27.29 23.84 -14.49
N ASN D 243 -26.49 22.97 -13.87
CA ASN D 243 -25.64 23.37 -12.76
C ASN D 243 -24.23 23.73 -13.21
N CYS D 244 -24.01 23.74 -14.52
CA CYS D 244 -22.73 24.06 -15.10
C CYS D 244 -22.44 25.55 -14.98
N PRO D 245 -21.33 25.98 -14.36
CA PRO D 245 -20.99 27.37 -14.22
C PRO D 245 -20.96 27.97 -15.59
N LYS D 246 -21.41 29.22 -15.74
CA LYS D 246 -21.38 29.83 -17.07
C LYS D 246 -19.97 29.90 -17.59
N ALA D 247 -19.02 30.09 -16.69
CA ALA D 247 -17.62 30.13 -17.06
C ALA D 247 -17.19 28.83 -17.69
N MET D 248 -17.78 27.71 -17.24
CA MET D 248 -17.44 26.41 -17.76
C MET D 248 -18.11 26.26 -19.09
N LYS D 249 -19.32 26.80 -19.21
CA LYS D 249 -19.97 26.65 -20.49
C LYS D 249 -19.11 27.35 -21.54
N ARG D 250 -18.56 28.50 -21.15
CA ARG D 250 -17.69 29.21 -22.04
C ARG D 250 -16.42 28.43 -22.25
N LEU D 251 -15.86 27.84 -21.20
CA LEU D 251 -14.63 27.12 -21.40
C LEU D 251 -14.81 25.99 -22.38
N VAL D 252 -15.96 25.32 -22.33
CA VAL D 252 -16.18 24.24 -23.26
C VAL D 252 -16.22 24.81 -24.66
N ALA D 253 -16.99 25.89 -24.83
CA ALA D 253 -17.13 26.54 -26.13
C ALA D 253 -15.82 27.04 -26.68
N ASP D 254 -14.96 27.51 -25.80
CA ASP D 254 -13.70 28.07 -26.19
C ASP D 254 -12.74 27.01 -26.63
N CYS D 255 -12.72 25.91 -25.88
CA CYS D 255 -11.81 24.83 -26.18
C CYS D 255 -12.17 24.15 -27.49
N VAL D 256 -13.43 24.26 -27.92
CA VAL D 256 -13.79 23.63 -29.17
C VAL D 256 -14.02 24.65 -30.26
N LYS D 257 -13.50 25.87 -30.11
CA LYS D 257 -13.63 26.80 -31.21
C LYS D 257 -12.95 26.20 -32.39
N LYS D 258 -13.57 26.38 -33.55
CA LYS D 258 -13.16 25.80 -34.82
C LYS D 258 -11.73 26.10 -35.26
N VAL D 259 -11.26 27.32 -35.08
CA VAL D 259 -9.92 27.62 -35.54
C VAL D 259 -8.89 27.39 -34.45
N LYS D 260 -7.76 26.75 -34.76
CA LYS D 260 -6.79 26.50 -33.70
C LYS D 260 -6.27 27.78 -33.08
N GLU D 261 -6.20 28.82 -33.88
CA GLU D 261 -5.75 30.12 -33.44
C GLU D 261 -6.74 30.77 -32.47
N GLU D 262 -7.96 30.26 -32.41
CA GLU D 262 -9.00 30.77 -31.55
C GLU D 262 -9.11 30.07 -30.20
N ARG D 263 -8.39 28.95 -30.00
CA ARG D 263 -8.66 28.25 -28.75
C ARG D 263 -7.46 28.41 -27.81
N PRO D 264 -7.69 28.44 -26.48
CA PRO D 264 -6.71 28.63 -25.42
C PRO D 264 -5.78 27.47 -25.19
N LEU D 265 -4.63 27.75 -24.62
CA LEU D 265 -3.69 26.71 -24.24
C LEU D 265 -3.91 26.35 -22.80
N PHE D 266 -3.42 25.19 -22.41
CA PHE D 266 -3.62 24.72 -21.07
C PHE D 266 -3.34 25.70 -19.96
N PRO D 267 -2.27 26.47 -19.93
CA PRO D 267 -2.06 27.41 -18.86
C PRO D 267 -3.28 28.32 -18.64
N GLN D 268 -3.99 28.64 -19.73
CA GLN D 268 -5.14 29.52 -19.67
C GLN D 268 -6.35 28.75 -19.22
N ILE D 269 -6.40 27.51 -19.65
CA ILE D 269 -7.51 26.65 -19.34
C ILE D 269 -7.49 26.32 -17.88
N LEU D 270 -6.33 25.96 -17.39
CA LEU D 270 -6.17 25.59 -16.02
C LEU D 270 -6.38 26.79 -15.15
N SER D 271 -5.83 27.94 -15.54
CA SER D 271 -6.06 29.11 -14.71
C SER D 271 -7.55 29.36 -14.60
N SER D 272 -8.25 29.25 -15.72
CA SER D 272 -9.66 29.45 -15.69
C SER D 272 -10.33 28.44 -14.79
N ILE D 273 -9.94 27.16 -14.86
CA ILE D 273 -10.59 26.16 -14.03
C ILE D 273 -10.38 26.44 -12.57
N GLU D 274 -9.19 26.80 -12.15
CA GLU D 274 -9.06 27.02 -10.74
C GLU D 274 -9.91 28.19 -10.28
N LEU D 275 -9.96 29.26 -11.08
CA LEU D 275 -10.74 30.43 -10.71
C LEU D 275 -12.21 30.12 -10.69
N LEU D 276 -12.62 29.30 -11.63
CA LEU D 276 -13.97 28.84 -11.84
C LEU D 276 -14.41 28.00 -10.65
N GLN D 277 -13.55 27.11 -10.17
CA GLN D 277 -13.84 26.19 -9.06
C GLN D 277 -13.95 26.91 -7.72
N HIS D 278 -13.14 27.95 -7.48
CA HIS D 278 -13.12 28.71 -6.22
C HIS D 278 -14.36 29.64 -6.03
N GLY E 27 -76.24 -66.25 24.85
CA GLY E 27 -75.41 -65.05 25.11
C GLY E 27 -75.43 -64.10 23.91
N ALA E 28 -75.24 -62.80 24.16
CA ALA E 28 -75.35 -61.73 23.15
C ALA E 28 -74.40 -61.86 21.95
N LEU E 29 -73.31 -62.64 22.08
CA LEU E 29 -72.36 -62.98 21.01
C LEU E 29 -73.06 -63.50 19.74
N LYS E 30 -74.15 -64.28 19.88
CA LYS E 30 -74.93 -64.83 18.76
C LYS E 30 -75.39 -63.75 17.76
N ARG E 31 -75.90 -62.62 18.26
CA ARG E 31 -76.29 -61.46 17.43
C ARG E 31 -75.13 -60.51 17.17
N ALA E 32 -74.14 -60.40 18.05
CA ALA E 32 -72.95 -59.58 17.78
C ALA E 32 -72.15 -60.10 16.56
N GLU E 33 -72.05 -61.42 16.41
CA GLU E 33 -71.49 -62.08 15.22
C GLU E 33 -72.22 -61.65 13.94
N GLU E 34 -73.54 -61.70 13.92
CA GLU E 34 -74.33 -61.25 12.77
C GLU E 34 -74.12 -59.75 12.50
N LEU E 35 -74.18 -58.92 13.55
CA LEU E 35 -73.99 -57.47 13.43
C LEU E 35 -72.62 -57.12 12.83
N LYS E 36 -71.54 -57.68 13.37
CA LYS E 36 -70.17 -57.50 12.84
C LYS E 36 -70.06 -58.02 11.41
N THR E 37 -70.66 -59.17 11.11
CA THR E 37 -70.65 -59.78 9.76
C THR E 37 -71.34 -58.86 8.76
N GLN E 38 -72.59 -58.46 9.05
CA GLN E 38 -73.34 -57.52 8.24
C GLN E 38 -72.60 -56.18 8.11
N ALA E 39 -71.96 -55.68 9.17
CA ALA E 39 -71.20 -54.45 9.12
C ALA E 39 -69.90 -54.54 8.29
N ASN E 40 -69.15 -55.64 8.39
CA ASN E 40 -68.01 -55.89 7.49
C ASN E 40 -68.48 -56.00 6.03
N ASP E 41 -69.60 -56.66 5.78
CA ASP E 41 -70.20 -56.74 4.45
C ASP E 41 -70.65 -55.36 3.94
N TYR E 42 -71.27 -54.53 4.78
CA TYR E 42 -71.58 -53.15 4.45
C TYR E 42 -70.32 -52.33 4.17
N PHE E 43 -69.27 -52.46 4.98
CA PHE E 43 -67.98 -51.79 4.75
C PHE E 43 -67.38 -52.16 3.39
N LYS E 44 -67.32 -53.47 3.05
CA LYS E 44 -66.88 -53.96 1.73
C LYS E 44 -67.78 -53.45 0.59
N ALA E 45 -69.09 -53.38 0.80
CA ALA E 45 -70.08 -52.83 -0.12
C ALA E 45 -70.12 -51.28 -0.18
N LYS E 46 -69.20 -50.60 0.51
CA LYS E 46 -69.11 -49.12 0.60
C LYS E 46 -70.34 -48.45 1.25
N ASP E 47 -71.15 -49.22 1.97
CA ASP E 47 -72.36 -48.78 2.69
C ASP E 47 -72.00 -48.28 4.10
N TYR E 48 -71.15 -47.25 4.17
CA TYR E 48 -70.38 -46.91 5.36
C TYR E 48 -71.24 -46.56 6.60
N GLU E 49 -72.28 -45.76 6.45
CA GLU E 49 -73.20 -45.43 7.54
C GLU E 49 -73.78 -46.70 8.18
N ASN E 50 -74.26 -47.62 7.35
CA ASN E 50 -74.85 -48.88 7.77
C ASN E 50 -73.80 -49.77 8.45
N ALA E 51 -72.57 -49.81 7.92
CA ALA E 51 -71.44 -50.47 8.55
C ALA E 51 -71.20 -49.90 9.96
N ILE E 52 -71.03 -48.58 10.09
CA ILE E 52 -70.79 -47.91 11.38
C ILE E 52 -71.92 -48.18 12.38
N LYS E 53 -73.18 -48.11 11.95
CA LYS E 53 -74.32 -48.42 12.81
C LYS E 53 -74.28 -49.86 13.32
N PHE E 54 -74.11 -50.85 12.45
CA PHE E 54 -74.06 -52.25 12.86
C PHE E 54 -72.77 -52.58 13.64
N TYR E 55 -71.65 -51.91 13.36
CA TYR E 55 -70.45 -51.98 14.20
C TYR E 55 -70.71 -51.44 15.61
N SER E 56 -71.31 -50.26 15.72
CA SER E 56 -71.70 -49.69 17.01
C SER E 56 -72.60 -50.66 17.77
N GLN E 57 -73.60 -51.25 17.11
CA GLN E 57 -74.49 -52.25 17.69
C GLN E 57 -73.76 -53.54 18.10
N ALA E 58 -72.76 -53.99 17.35
CA ALA E 58 -71.91 -55.11 17.78
C ALA E 58 -71.14 -54.76 19.06
N ILE E 59 -70.62 -53.55 19.20
CA ILE E 59 -70.01 -53.09 20.46
C ILE E 59 -71.06 -52.95 21.57
N GLU E 60 -72.28 -52.50 21.27
CA GLU E 60 -73.37 -52.46 22.26
C GLU E 60 -73.69 -53.85 22.84
N LEU E 61 -73.55 -54.93 22.06
CA LEU E 61 -73.69 -56.31 22.54
C LEU E 61 -72.40 -56.90 23.15
N ASN E 62 -71.21 -56.44 22.75
CA ASN E 62 -69.94 -56.80 23.39
C ASN E 62 -69.03 -55.55 23.51
N PRO E 63 -68.96 -54.88 24.68
CA PRO E 63 -68.14 -53.68 24.86
C PRO E 63 -66.62 -53.92 24.83
N SER E 64 -66.15 -55.17 24.77
CA SER E 64 -64.75 -55.55 25.04
C SER E 64 -64.14 -56.56 24.05
N ASN E 65 -64.77 -56.86 22.91
CA ASN E 65 -64.13 -57.63 21.83
C ASN E 65 -63.16 -56.75 21.03
N ALA E 66 -61.85 -56.97 21.14
CA ALA E 66 -60.91 -56.04 20.49
C ALA E 66 -61.05 -55.94 18.95
N ILE E 67 -61.47 -57.03 18.29
CA ILE E 67 -61.66 -57.12 16.83
C ILE E 67 -62.66 -56.08 16.32
N TYR E 68 -63.74 -55.82 17.06
CA TYR E 68 -64.81 -54.90 16.63
C TYR E 68 -64.29 -53.47 16.52
N TYR E 69 -63.57 -53.00 17.54
CA TYR E 69 -62.88 -51.71 17.54
C TYR E 69 -61.81 -51.62 16.44
N GLY E 70 -61.10 -52.72 16.17
CA GLY E 70 -60.16 -52.84 15.04
C GLY E 70 -60.84 -52.53 13.70
N ASN E 71 -61.81 -53.34 13.29
CA ASN E 71 -62.50 -53.15 12.00
C ASN E 71 -63.29 -51.82 11.92
N ARG E 72 -63.90 -51.37 13.02
CA ARG E 72 -64.54 -50.05 13.10
C ARG E 72 -63.56 -48.91 12.81
N SER E 73 -62.33 -49.00 13.33
CA SER E 73 -61.28 -48.03 13.01
C SER E 73 -60.91 -48.02 11.51
N LEU E 74 -61.02 -49.14 10.79
CA LEU E 74 -60.75 -49.21 9.34
C LEU E 74 -61.81 -48.48 8.51
N ALA E 75 -63.09 -48.62 8.84
CA ALA E 75 -64.13 -47.79 8.24
C ALA E 75 -63.86 -46.31 8.51
N TYR E 76 -63.38 -45.96 9.70
CA TYR E 76 -62.95 -44.60 10.01
C TYR E 76 -61.65 -44.13 9.33
N LEU E 77 -60.77 -45.02 8.86
CA LEU E 77 -59.76 -44.65 7.85
C LEU E 77 -60.44 -44.32 6.52
N ARG E 78 -61.30 -45.22 6.04
CA ARG E 78 -61.93 -45.16 4.71
C ARG E 78 -62.82 -43.93 4.50
N THR E 79 -63.53 -43.50 5.54
CA THR E 79 -64.36 -42.29 5.56
C THR E 79 -63.61 -41.03 6.00
N GLU E 80 -62.30 -41.11 6.24
CA GLU E 80 -61.48 -40.09 6.85
C GLU E 80 -62.03 -39.56 8.18
N CYS E 81 -62.80 -40.38 8.91
CA CYS E 81 -63.32 -40.10 10.26
C CYS E 81 -62.23 -40.34 11.31
N TYR E 82 -61.10 -39.69 11.11
CA TYR E 82 -59.90 -39.95 11.79
C TYR E 82 -59.95 -39.78 13.27
N GLY E 83 -60.80 -38.91 13.77
CA GLY E 83 -60.84 -38.76 15.21
C GLY E 83 -61.19 -40.10 15.84
N TYR E 84 -62.10 -40.87 15.26
CA TYR E 84 -62.49 -42.19 15.80
C TYR E 84 -61.69 -43.35 15.23
N ALA E 85 -60.92 -43.15 14.15
CA ALA E 85 -59.82 -44.05 13.81
C ALA E 85 -58.79 -44.09 14.94
N LEU E 86 -58.31 -42.93 15.41
CA LEU E 86 -57.36 -42.83 16.52
C LEU E 86 -57.93 -43.40 17.83
N GLY E 87 -59.17 -43.01 18.18
CA GLY E 87 -59.83 -43.51 19.39
C GLY E 87 -59.99 -45.02 19.36
N ASP E 88 -60.68 -45.58 18.38
CA ASP E 88 -61.01 -47.01 18.38
C ASP E 88 -59.80 -47.91 18.13
N ALA E 89 -58.78 -47.43 17.39
CA ALA E 89 -57.50 -48.13 17.32
C ALA E 89 -56.84 -48.21 18.71
N THR E 90 -56.87 -47.12 19.49
CA THR E 90 -56.29 -47.16 20.79
C THR E 90 -57.06 -48.12 21.67
N ARG E 91 -58.41 -48.06 21.64
CA ARG E 91 -59.27 -48.96 22.41
C ARG E 91 -59.00 -50.42 22.08
N ALA E 92 -58.91 -50.78 20.80
CA ALA E 92 -58.64 -52.15 20.38
C ALA E 92 -57.38 -52.72 21.04
N ILE E 93 -56.31 -51.93 21.08
CA ILE E 93 -55.04 -52.33 21.67
C ILE E 93 -55.08 -52.31 23.21
N GLU E 94 -55.72 -51.32 23.83
CA GLU E 94 -55.82 -51.33 25.28
C GLU E 94 -56.60 -52.53 25.75
N LEU E 95 -57.67 -52.89 25.02
CA LEU E 95 -58.57 -54.01 25.28
C LEU E 95 -57.91 -55.38 25.10
N ASP E 96 -56.93 -55.49 24.22
CA ASP E 96 -56.10 -56.67 24.09
C ASP E 96 -54.68 -56.29 23.67
N LYS E 97 -53.77 -56.27 24.64
CA LYS E 97 -52.36 -55.97 24.38
C LYS E 97 -51.70 -56.98 23.45
N LYS E 98 -52.26 -58.18 23.24
CA LYS E 98 -51.75 -59.21 22.32
C LYS E 98 -52.53 -59.28 20.98
N TYR E 99 -53.41 -58.33 20.70
CA TYR E 99 -53.99 -58.16 19.35
C TYR E 99 -52.96 -57.52 18.40
N ILE E 100 -52.00 -58.32 17.91
CA ILE E 100 -50.89 -57.87 17.02
C ILE E 100 -51.42 -57.07 15.83
N LYS E 101 -52.49 -57.53 15.18
CA LYS E 101 -53.08 -56.85 14.01
C LYS E 101 -53.81 -55.55 14.39
N GLY E 102 -54.20 -55.37 15.65
CA GLY E 102 -54.62 -54.07 16.19
C GLY E 102 -53.50 -53.04 16.11
N TYR E 103 -52.25 -53.41 16.44
CA TYR E 103 -51.12 -52.50 16.35
C TYR E 103 -50.89 -52.20 14.91
N TYR E 104 -51.07 -53.22 14.08
CA TYR E 104 -50.90 -53.00 12.67
C TYR E 104 -51.88 -51.95 12.18
N ARG E 105 -53.16 -52.02 12.42
CA ARG E 105 -54.15 -51.07 12.03
C ARG E 105 -53.94 -49.74 12.73
N ARG E 106 -53.35 -49.72 13.95
CA ARG E 106 -53.03 -48.45 14.50
C ARG E 106 -51.96 -47.78 13.68
N ALA E 107 -50.97 -48.56 13.22
CA ALA E 107 -49.92 -47.99 12.39
C ALA E 107 -50.50 -47.44 11.10
N ALA E 108 -51.47 -48.12 10.48
CA ALA E 108 -52.14 -47.60 9.29
C ALA E 108 -52.81 -46.24 9.57
N SER E 109 -53.47 -46.09 10.73
CA SER E 109 -53.99 -44.80 11.19
C SER E 109 -52.88 -43.77 11.39
N ASN E 110 -51.74 -44.18 11.94
CA ASN E 110 -50.66 -43.28 12.23
C ASN E 110 -50.06 -42.75 10.94
N MET E 111 -49.97 -43.60 9.92
CA MET E 111 -49.39 -43.10 8.68
C MET E 111 -50.32 -42.14 8.01
N ALA E 112 -51.63 -42.44 8.05
CA ALA E 112 -52.59 -41.54 7.44
C ALA E 112 -52.48 -40.17 8.07
N LEU E 113 -52.19 -40.17 9.37
CA LEU E 113 -52.12 -38.97 10.16
C LEU E 113 -50.74 -38.41 10.57
N GLY E 114 -49.65 -38.95 10.04
CA GLY E 114 -48.31 -38.41 10.35
C GLY E 114 -47.65 -38.77 11.70
N LYS E 115 -48.14 -39.80 12.37
CA LYS E 115 -47.55 -40.15 13.68
C LYS E 115 -46.45 -41.18 13.39
N PHE E 116 -45.34 -40.66 12.91
CA PHE E 116 -44.35 -41.55 12.35
C PHE E 116 -43.58 -42.47 13.27
N ARG E 117 -43.15 -42.01 14.45
CA ARG E 117 -42.38 -42.86 15.39
C ARG E 117 -43.22 -44.05 15.87
N ALA E 118 -44.48 -43.80 16.21
CA ALA E 118 -45.43 -44.83 16.59
C ALA E 118 -45.64 -45.85 15.45
N ALA E 119 -45.77 -45.38 14.21
CA ALA E 119 -45.89 -46.26 13.05
C ALA E 119 -44.69 -47.22 12.92
N LEU E 120 -43.45 -46.74 13.06
CA LEU E 120 -42.26 -47.60 13.03
C LEU E 120 -42.36 -48.75 14.05
N ARG E 121 -42.66 -48.41 15.30
CA ARG E 121 -42.67 -49.39 16.41
C ARG E 121 -43.75 -50.44 16.24
N ASP E 122 -44.95 -50.00 15.88
CA ASP E 122 -46.04 -50.91 15.56
C ASP E 122 -45.66 -51.80 14.36
N TYR E 123 -45.21 -51.23 13.24
CA TYR E 123 -44.83 -52.02 12.05
C TYR E 123 -43.70 -53.01 12.31
N GLU E 124 -42.64 -52.62 13.01
CA GLU E 124 -41.56 -53.53 13.39
C GLU E 124 -42.09 -54.76 14.10
N THR E 125 -42.96 -54.55 15.09
CA THR E 125 -43.48 -55.67 15.84
C THR E 125 -44.25 -56.60 14.94
N VAL E 126 -45.07 -56.03 14.09
CA VAL E 126 -45.90 -56.87 13.27
C VAL E 126 -45.09 -57.74 12.34
N VAL E 127 -44.09 -57.16 11.70
CA VAL E 127 -43.33 -57.93 10.75
C VAL E 127 -42.53 -59.02 11.40
N LYS E 128 -41.88 -58.75 12.53
CA LYS E 128 -41.08 -59.83 13.08
C LYS E 128 -41.98 -60.99 13.49
N VAL E 129 -43.21 -60.67 13.89
CA VAL E 129 -44.14 -61.70 14.27
C VAL E 129 -44.62 -62.44 13.03
N LYS E 130 -44.95 -61.68 11.98
CA LYS E 130 -45.46 -62.23 10.75
C LYS E 130 -44.67 -61.86 9.49
N PRO E 131 -43.52 -62.50 9.23
CA PRO E 131 -42.90 -62.47 7.91
C PRO E 131 -43.89 -62.95 6.83
N HIS E 132 -43.93 -62.25 5.70
CA HIS E 132 -44.94 -62.45 4.64
C HIS E 132 -44.42 -61.94 3.28
N ASP E 133 -45.19 -62.15 2.20
CA ASP E 133 -44.88 -61.71 0.84
C ASP E 133 -45.80 -60.57 0.34
N LYS E 134 -47.11 -60.67 0.60
CA LYS E 134 -48.07 -59.57 0.47
C LYS E 134 -48.11 -58.81 1.79
N ASP E 135 -46.97 -58.19 2.09
CA ASP E 135 -46.55 -57.90 3.45
C ASP E 135 -46.98 -56.54 4.01
N ALA E 136 -47.02 -56.48 5.34
CA ALA E 136 -46.89 -55.27 6.14
C ALA E 136 -45.59 -54.50 5.86
N LYS E 137 -44.57 -55.20 5.36
CA LYS E 137 -43.22 -54.68 5.16
C LYS E 137 -43.12 -53.69 3.99
N MET E 138 -43.87 -53.72 2.87
CA MET E 138 -43.84 -52.56 1.99
C MET E 138 -44.25 -51.28 2.74
N LYS E 139 -45.30 -51.31 3.55
CA LYS E 139 -45.73 -50.16 4.36
C LYS E 139 -44.65 -49.76 5.38
N TYR E 140 -43.99 -50.72 6.01
CA TYR E 140 -42.85 -50.42 6.86
C TYR E 140 -41.71 -49.75 6.08
N GLN E 141 -41.38 -50.20 4.86
CA GLN E 141 -40.36 -49.56 4.05
C GLN E 141 -40.76 -48.15 3.60
N GLU E 142 -42.03 -47.89 3.31
CA GLU E 142 -42.49 -46.51 3.10
C GLU E 142 -42.27 -45.66 4.34
N CYS E 143 -42.66 -46.16 5.53
CA CYS E 143 -42.40 -45.48 6.78
C CYS E 143 -40.89 -45.20 6.96
N ASN E 144 -40.03 -46.20 6.73
CA ASN E 144 -38.58 -46.11 6.76
C ASN E 144 -38.07 -44.97 5.86
N LYS E 145 -38.48 -44.95 4.59
CA LYS E 145 -38.04 -43.96 3.60
C LYS E 145 -38.49 -42.54 3.97
N ILE E 146 -39.72 -42.40 4.46
CA ILE E 146 -40.24 -41.12 4.94
C ILE E 146 -39.43 -40.62 6.13
N VAL E 147 -39.29 -41.41 7.20
CA VAL E 147 -38.59 -40.93 8.40
C VAL E 147 -37.10 -40.68 8.13
N LYS E 148 -36.46 -41.49 7.29
CA LYS E 148 -35.08 -41.26 6.85
C LYS E 148 -34.95 -39.86 6.26
N GLN E 149 -35.83 -39.48 5.32
CA GLN E 149 -35.66 -38.19 4.70
C GLN E 149 -35.98 -37.08 5.67
N LYS E 150 -37.03 -37.23 6.51
CA LYS E 150 -37.39 -36.18 7.50
C LYS E 150 -36.28 -35.97 8.53
N ALA E 151 -35.62 -37.02 9.01
CA ALA E 151 -34.45 -36.90 9.87
C ALA E 151 -33.31 -36.15 9.18
N PHE E 152 -32.98 -36.48 7.94
CA PHE E 152 -31.99 -35.73 7.15
C PHE E 152 -32.35 -34.25 7.04
N GLU E 153 -33.61 -33.93 6.77
CA GLU E 153 -34.10 -32.55 6.74
C GLU E 153 -33.93 -31.83 8.10
N ARG E 154 -34.27 -32.47 9.22
CA ARG E 154 -34.03 -31.89 10.56
C ARG E 154 -32.55 -31.59 10.83
N ALA E 155 -31.65 -32.43 10.33
CA ALA E 155 -30.21 -32.24 10.48
C ALA E 155 -29.68 -31.05 9.65
N ILE E 156 -30.02 -30.96 8.37
CA ILE E 156 -29.50 -29.91 7.49
C ILE E 156 -30.18 -28.55 7.68
N ALA E 157 -31.35 -28.56 8.32
CA ALA E 157 -32.10 -27.37 8.67
C ALA E 157 -31.29 -26.35 9.47
N GLY E 158 -31.08 -25.19 8.86
CA GLY E 158 -30.87 -23.96 9.59
C GLY E 158 -32.22 -23.26 9.66
N ASP E 159 -32.34 -22.04 9.17
CA ASP E 159 -33.55 -21.37 8.75
C ASP E 159 -34.57 -21.22 9.84
N GLU E 160 -34.21 -21.46 11.10
CA GLU E 160 -34.77 -20.88 12.32
C GLU E 160 -33.81 -19.75 12.77
N HIS E 161 -33.08 -19.20 11.78
CA HIS E 161 -31.76 -18.57 11.88
C HIS E 161 -31.72 -17.22 12.59
N LYS E 162 -32.87 -16.70 13.02
CA LYS E 162 -33.03 -15.29 13.34
C LYS E 162 -32.47 -14.99 14.75
N ARG E 163 -31.18 -15.25 15.04
CA ARG E 163 -30.45 -14.60 16.14
C ARG E 163 -30.61 -13.07 16.03
N SER E 164 -30.94 -12.43 17.16
CA SER E 164 -31.30 -11.01 17.27
C SER E 164 -30.11 -10.10 16.97
N VAL E 165 -30.40 -8.88 16.51
CA VAL E 165 -29.41 -7.80 16.50
C VAL E 165 -28.81 -7.61 17.91
N VAL E 166 -29.60 -7.83 18.98
CA VAL E 166 -29.15 -7.55 20.37
C VAL E 166 -28.98 -8.81 21.24
N ASP E 167 -28.77 -9.98 20.63
CA ASP E 167 -28.41 -11.17 21.40
C ASP E 167 -27.18 -10.93 22.28
N SER E 168 -27.13 -11.66 23.40
CA SER E 168 -26.32 -11.43 24.61
C SER E 168 -26.75 -10.24 25.48
N LEU E 169 -27.88 -9.64 25.13
CA LEU E 169 -28.62 -8.63 25.91
C LEU E 169 -27.71 -7.49 26.37
N ASP E 170 -27.21 -6.74 25.39
CA ASP E 170 -26.22 -5.66 25.58
C ASP E 170 -26.65 -4.63 26.64
N ILE E 171 -27.96 -4.44 26.83
CA ILE E 171 -28.52 -3.55 27.86
C ILE E 171 -28.17 -4.03 29.28
N GLU E 172 -28.25 -5.34 29.54
CA GLU E 172 -27.93 -5.95 30.84
C GLU E 172 -26.43 -6.20 31.03
N SER E 173 -25.56 -5.81 30.08
CA SER E 173 -24.11 -5.73 30.33
C SER E 173 -23.70 -4.53 31.23
N MET E 174 -24.68 -3.78 31.78
CA MET E 174 -24.45 -2.58 32.59
C MET E 174 -23.60 -1.56 31.83
N THR E 175 -22.39 -1.24 32.29
CA THR E 175 -21.54 -0.20 31.66
C THR E 175 -22.29 1.14 31.56
N ILE E 176 -23.09 1.42 32.58
CA ILE E 176 -23.81 2.69 32.75
C ILE E 176 -22.83 3.83 33.06
N GLU E 177 -23.15 5.05 32.64
CA GLU E 177 -22.25 6.20 32.83
C GLU E 177 -22.93 7.39 33.48
N ASP E 178 -24.13 7.78 33.03
CA ASP E 178 -24.86 8.95 33.54
C ASP E 178 -23.99 10.24 33.56
N GLU E 179 -23.08 10.39 32.59
CA GLU E 179 -22.32 11.64 32.37
C GLU E 179 -23.25 12.82 32.06
N TYR E 180 -24.40 12.49 31.48
CA TYR E 180 -25.56 13.36 31.24
C TYR E 180 -26.40 13.63 32.49
N SER E 181 -26.07 13.01 33.64
CA SER E 181 -26.92 12.93 34.84
C SER E 181 -28.31 12.33 34.56
N GLY E 182 -28.41 11.40 33.59
CA GLY E 182 -29.68 10.92 33.05
C GLY E 182 -30.48 10.04 34.01
N PRO E 183 -31.78 10.24 34.23
CA PRO E 183 -32.56 9.27 35.00
C PRO E 183 -32.55 7.89 34.31
N LYS E 184 -32.66 6.82 35.08
CA LYS E 184 -32.91 5.49 34.49
C LYS E 184 -34.26 5.51 33.77
N LEU E 185 -34.25 5.10 32.51
CA LEU E 185 -35.47 4.89 31.74
C LEU E 185 -35.68 3.36 31.67
N GLU E 186 -36.76 2.91 32.28
CA GLU E 186 -37.11 1.49 32.42
C GLU E 186 -37.68 0.91 31.12
N ASP E 187 -37.93 -0.40 31.08
CA ASP E 187 -38.69 -1.04 29.99
C ASP E 187 -40.20 -0.68 30.02
N GLY E 188 -40.70 -0.21 31.18
CA GLY E 188 -41.99 0.50 31.28
C GLY E 188 -42.00 1.85 30.54
N LYS E 189 -43.17 2.42 30.29
CA LYS E 189 -43.33 3.64 29.47
C LYS E 189 -42.53 4.80 30.04
N VAL E 190 -41.70 5.42 29.19
CA VAL E 190 -40.89 6.59 29.55
C VAL E 190 -41.76 7.70 30.12
N THR E 191 -41.37 8.20 31.30
CA THR E 191 -42.10 9.25 31.99
C THR E 191 -42.11 10.54 31.19
N ILE E 192 -43.26 11.25 31.17
CA ILE E 192 -43.34 12.51 30.52
C ILE E 192 -42.34 13.48 31.08
N SER E 193 -42.02 13.35 32.38
CA SER E 193 -41.11 14.29 32.94
C SER E 193 -39.76 14.22 32.31
N PHE E 194 -39.37 13.04 31.84
CA PHE E 194 -38.10 12.98 31.24
C PHE E 194 -38.28 13.46 29.87
N MET E 195 -39.38 13.10 29.24
CA MET E 195 -39.47 13.53 27.88
C MET E 195 -39.37 15.04 27.81
N LYS E 196 -39.94 15.74 28.79
CA LYS E 196 -39.81 17.18 28.78
C LYS E 196 -38.33 17.52 28.94
N GLU E 197 -37.64 16.77 29.81
CA GLU E 197 -36.23 16.99 29.97
C GLU E 197 -35.45 16.71 28.70
N LEU E 198 -35.87 15.74 27.91
CA LEU E 198 -35.17 15.40 26.70
C LEU E 198 -35.32 16.56 25.75
N MET E 199 -36.51 17.15 25.70
CA MET E 199 -36.70 18.29 24.82
C MET E 199 -35.74 19.38 25.29
N GLN E 200 -35.55 19.55 26.60
CA GLN E 200 -34.56 20.48 27.12
C GLN E 200 -33.13 20.05 26.75
N TRP E 201 -32.81 18.76 26.74
CA TRP E 201 -31.52 18.28 26.29
C TRP E 201 -31.34 18.58 24.80
N TYR E 202 -32.38 18.85 24.00
CA TYR E 202 -32.20 19.42 22.65
C TYR E 202 -32.03 20.95 22.59
N LYS E 203 -32.67 21.72 23.48
CA LYS E 203 -32.41 23.14 23.75
C LYS E 203 -30.94 23.31 24.18
N ASP E 204 -30.32 22.24 24.72
CA ASP E 204 -28.95 22.26 25.25
C ASP E 204 -27.96 21.34 24.50
N GLN E 205 -28.33 20.79 23.34
CA GLN E 205 -27.49 19.96 22.45
C GLN E 205 -26.85 18.73 23.13
N LYS E 206 -27.64 18.08 23.98
CA LYS E 206 -27.32 16.99 24.89
C LYS E 206 -28.07 15.72 24.48
N LYS E 207 -27.45 14.57 24.73
CA LYS E 207 -27.75 13.26 24.12
C LYS E 207 -28.07 12.20 25.18
N LEU E 208 -28.82 11.15 24.86
CA LEU E 208 -29.07 10.02 25.77
C LEU E 208 -27.83 9.14 26.06
N HIS E 209 -27.79 8.49 27.23
CA HIS E 209 -26.91 7.36 27.50
C HIS E 209 -27.25 6.11 26.71
N ARG E 210 -26.23 5.33 26.36
CA ARG E 210 -26.33 4.20 25.45
C ARG E 210 -27.24 3.10 25.95
N LYS E 211 -27.23 2.68 27.22
CA LYS E 211 -28.06 1.51 27.62
C LYS E 211 -29.55 1.82 27.57
N CYS E 212 -29.94 3.02 27.95
CA CYS E 212 -31.27 3.51 27.81
C CYS E 212 -31.65 3.58 26.33
N ALA E 213 -30.77 4.12 25.48
CA ALA E 213 -31.02 4.23 24.04
C ALA E 213 -31.22 2.85 23.39
N TYR E 214 -30.36 1.88 23.68
CA TYR E 214 -30.54 0.50 23.26
C TYR E 214 -31.86 -0.07 23.77
N GLN E 215 -32.18 0.13 25.06
CA GLN E 215 -33.39 -0.43 25.65
C GLN E 215 -34.67 0.13 24.99
N ILE E 216 -34.73 1.44 24.72
CA ILE E 216 -35.88 1.98 23.99
C ILE E 216 -35.91 1.42 22.58
N LEU E 217 -34.79 1.30 21.86
CA LEU E 217 -34.82 0.76 20.51
C LEU E 217 -35.34 -0.69 20.48
N VAL E 218 -34.98 -1.52 21.46
CA VAL E 218 -35.55 -2.85 21.62
C VAL E 218 -37.07 -2.79 21.78
N GLN E 219 -37.55 -1.97 22.70
CA GLN E 219 -38.99 -1.89 22.95
C GLN E 219 -39.75 -1.33 21.74
N VAL E 220 -39.19 -0.29 21.09
CA VAL E 220 -39.76 0.32 19.90
C VAL E 220 -39.93 -0.71 18.78
N LYS E 221 -38.92 -1.55 18.54
CA LYS E 221 -39.03 -2.69 17.62
C LYS E 221 -40.22 -3.57 17.99
N GLU E 222 -40.28 -4.00 19.25
CA GLU E 222 -41.28 -4.95 19.75
C GLU E 222 -42.72 -4.47 19.55
N VAL E 223 -43.01 -3.19 19.76
CA VAL E 223 -44.35 -2.65 19.53
C VAL E 223 -44.62 -2.42 18.04
N LEU E 224 -43.69 -1.80 17.32
CA LEU E 224 -43.92 -1.30 15.97
C LEU E 224 -44.10 -2.42 14.94
N SER E 225 -43.38 -3.52 15.14
CA SER E 225 -43.39 -4.66 14.27
C SER E 225 -44.72 -5.39 14.26
N LYS E 226 -45.59 -5.15 15.26
CA LYS E 226 -46.93 -5.75 15.41
C LYS E 226 -48.06 -4.87 14.87
N LEU E 227 -47.87 -3.56 14.80
CA LEU E 227 -48.84 -2.60 14.26
C LEU E 227 -49.15 -2.92 12.78
N SER E 228 -50.41 -2.84 12.37
CA SER E 228 -50.85 -3.14 11.00
C SER E 228 -50.18 -2.26 9.94
N THR E 229 -49.78 -2.83 8.79
CA THR E 229 -49.02 -2.13 7.74
C THR E 229 -49.77 -0.93 7.13
N LEU E 230 -51.11 -1.03 7.04
CA LEU E 230 -52.04 0.11 6.98
C LEU E 230 -52.67 0.28 8.36
N VAL E 231 -52.49 1.44 8.98
CA VAL E 231 -53.07 1.76 10.30
C VAL E 231 -54.54 2.11 10.13
N GLU E 232 -55.43 1.55 10.95
CA GLU E 232 -56.86 1.89 10.94
C GLU E 232 -57.28 2.56 12.26
N THR E 233 -57.92 3.73 12.19
CA THR E 233 -58.38 4.48 13.37
C THR E 233 -59.75 5.10 13.12
N THR E 234 -60.67 5.01 14.08
CA THR E 234 -61.96 5.72 14.05
C THR E 234 -61.89 6.95 14.95
N LEU E 235 -62.04 8.12 14.34
CA LEU E 235 -62.15 9.43 14.95
C LEU E 235 -63.63 9.75 15.21
N LYS E 236 -64.01 9.82 16.49
CA LYS E 236 -65.38 10.14 16.92
C LYS E 236 -65.74 11.56 16.51
N GLU E 237 -67.02 11.85 16.35
CA GLU E 237 -67.47 13.14 15.90
C GLU E 237 -66.95 14.32 16.67
N THR E 238 -66.81 14.13 17.97
CA THR E 238 -66.42 15.16 18.88
C THR E 238 -64.92 15.27 19.06
N GLU E 239 -64.15 14.36 18.44
CA GLU E 239 -62.71 14.27 18.57
C GLU E 239 -62.04 14.97 17.38
N LYS E 240 -60.88 15.59 17.62
CA LYS E 240 -60.07 16.23 16.59
C LYS E 240 -58.61 15.75 16.60
N ILE E 241 -58.06 15.47 15.43
CA ILE E 241 -56.67 15.00 15.18
C ILE E 241 -55.86 16.11 14.49
N THR E 242 -54.63 16.35 14.94
CA THR E 242 -53.69 17.22 14.26
C THR E 242 -52.74 16.34 13.44
N VAL E 243 -52.65 16.58 12.13
CA VAL E 243 -51.83 15.82 11.16
C VAL E 243 -50.63 16.64 10.70
N CYS E 244 -49.48 15.97 10.67
CA CYS E 244 -48.15 16.52 10.49
C CYS E 244 -47.47 15.90 9.25
N GLY E 245 -46.54 16.64 8.62
CA GLY E 245 -45.83 16.17 7.41
C GLY E 245 -44.31 16.18 7.58
N ASP E 246 -43.57 16.20 6.46
CA ASP E 246 -42.10 16.15 6.44
C ASP E 246 -41.47 17.14 7.43
N THR E 247 -40.49 16.66 8.21
CA THR E 247 -39.79 17.46 9.24
C THR E 247 -38.31 17.65 8.94
N HIS E 248 -37.78 16.91 7.96
CA HIS E 248 -36.36 16.94 7.57
C HIS E 248 -35.39 16.82 8.75
N GLY E 249 -35.74 16.08 9.82
CA GLY E 249 -34.82 15.81 10.93
C GLY E 249 -34.43 17.02 11.78
N GLN E 250 -35.20 18.10 11.71
CA GLN E 250 -35.14 19.24 12.63
C GLN E 250 -36.25 19.13 13.67
N PHE E 251 -35.87 19.01 14.95
CA PHE E 251 -36.87 18.94 16.01
C PHE E 251 -37.54 20.28 16.33
N TYR E 252 -36.91 21.43 16.05
CA TYR E 252 -37.42 22.75 16.41
C TYR E 252 -38.89 22.95 16.03
N ASP E 253 -39.30 22.42 14.87
CA ASP E 253 -40.65 22.66 14.44
C ASP E 253 -41.67 21.87 15.27
N LEU E 254 -41.34 20.61 15.58
CA LEU E 254 -42.20 19.77 16.39
C LEU E 254 -42.10 20.19 17.86
N LEU E 255 -40.99 20.80 18.26
CA LEU E 255 -40.84 21.30 19.58
C LEU E 255 -41.95 22.28 19.76
N ASN E 256 -42.04 23.18 18.78
CA ASN E 256 -43.06 24.16 18.86
C ASN E 256 -44.42 23.60 18.64
N ILE E 257 -44.66 22.65 17.74
CA ILE E 257 -46.06 22.33 17.66
C ILE E 257 -46.55 21.62 18.92
N PHE E 258 -45.68 20.85 19.54
CA PHE E 258 -46.06 20.16 20.74
C PHE E 258 -46.34 21.17 21.79
N GLU E 259 -45.52 22.19 21.87
CA GLU E 259 -45.80 23.19 22.86
C GLU E 259 -47.05 24.05 22.50
N LEU E 260 -47.27 24.31 21.20
CA LEU E 260 -48.33 25.17 20.66
C LEU E 260 -49.74 24.58 20.59
N ASN E 261 -49.88 23.39 19.99
CA ASN E 261 -51.14 22.68 19.81
C ASN E 261 -51.40 21.67 20.94
N GLY E 262 -50.62 21.71 22.01
CA GLY E 262 -50.73 20.80 23.12
C GLY E 262 -49.73 19.70 22.97
N LEU E 263 -49.15 19.30 24.08
CA LEU E 263 -48.17 18.29 23.99
C LEU E 263 -48.86 17.08 23.47
N PRO E 264 -48.16 16.19 22.77
CA PRO E 264 -48.66 14.98 22.16
C PRO E 264 -49.00 13.92 23.17
N SER E 265 -50.01 14.24 23.94
CA SER E 265 -50.61 13.44 24.96
C SER E 265 -51.85 12.85 24.36
N GLU E 266 -52.67 12.22 25.16
CA GLU E 266 -53.87 11.59 24.64
C GLU E 266 -54.87 12.60 24.12
N THR E 267 -54.68 13.88 24.46
CA THR E 267 -55.58 14.94 24.04
C THR E 267 -55.09 15.55 22.76
N ASN E 268 -53.93 15.10 22.28
CA ASN E 268 -53.30 15.52 21.04
C ASN E 268 -52.84 14.26 20.30
N PRO E 269 -53.80 13.50 19.75
CA PRO E 269 -53.54 12.30 19.01
C PRO E 269 -53.00 12.64 17.64
N TYR E 270 -51.76 13.12 17.56
CA TYR E 270 -51.10 13.50 16.33
C TYR E 270 -50.90 12.32 15.38
N ILE E 271 -50.93 12.58 14.07
CA ILE E 271 -50.39 11.65 13.06
C ILE E 271 -49.28 12.33 12.26
N PHE E 272 -48.10 11.73 12.17
CA PHE E 272 -46.92 12.26 11.49
C PHE E 272 -46.60 11.48 10.21
N ASN E 273 -46.62 12.14 9.06
CA ASN E 273 -46.38 11.54 7.75
C ASN E 273 -44.88 11.35 7.45
N GLY E 274 -44.11 10.84 8.42
CA GLY E 274 -42.72 10.46 8.22
C GLY E 274 -41.76 11.58 7.82
N ASP E 275 -40.65 11.18 7.19
CA ASP E 275 -39.63 12.06 6.63
C ASP E 275 -38.89 12.88 7.71
N PHE E 276 -38.28 12.10 8.60
CA PHE E 276 -37.53 12.44 9.80
C PHE E 276 -36.02 12.25 9.61
N VAL E 277 -35.63 11.16 8.94
CA VAL E 277 -34.27 10.89 8.42
C VAL E 277 -34.15 11.34 6.96
N ASP E 278 -35.19 11.98 6.44
CA ASP E 278 -35.19 12.79 5.22
C ASP E 278 -33.93 13.69 5.11
N ARG E 279 -33.52 14.37 6.19
CA ARG E 279 -32.18 14.99 6.37
C ARG E 279 -31.72 14.82 7.82
N GLY E 280 -30.41 14.96 8.08
CA GLY E 280 -29.76 14.47 9.30
C GLY E 280 -29.70 15.40 10.52
N SER E 281 -29.95 16.71 10.38
CA SER E 281 -29.43 17.76 11.29
C SER E 281 -29.59 17.51 12.81
N PHE E 282 -30.80 17.20 13.28
CA PHE E 282 -31.14 16.75 14.65
C PHE E 282 -31.91 15.40 14.61
N SER E 283 -31.74 14.66 13.52
CA SER E 283 -32.59 13.58 13.04
C SER E 283 -32.58 12.36 13.97
N VAL E 284 -31.40 11.98 14.46
CA VAL E 284 -31.26 10.98 15.53
C VAL E 284 -32.12 11.41 16.70
N GLU E 285 -31.93 12.64 17.16
CA GLU E 285 -32.62 13.25 18.27
C GLU E 285 -34.16 13.34 18.05
N VAL E 286 -34.60 13.56 16.81
CA VAL E 286 -35.98 13.61 16.35
C VAL E 286 -36.63 12.25 16.52
N ILE E 287 -36.11 11.21 15.87
CA ILE E 287 -36.71 9.89 16.00
C ILE E 287 -36.60 9.43 17.46
N LEU E 288 -35.49 9.73 18.14
CA LEU E 288 -35.26 9.41 19.54
C LEU E 288 -36.35 10.03 20.44
N THR E 289 -36.81 11.26 20.18
CA THR E 289 -37.97 11.77 20.94
C THR E 289 -39.28 11.19 20.45
N LEU E 290 -39.51 11.13 19.13
CA LEU E 290 -40.77 10.57 18.64
C LEU E 290 -41.02 9.16 19.18
N PHE E 291 -40.01 8.30 19.13
CA PHE E 291 -39.99 6.95 19.66
C PHE E 291 -40.12 6.89 21.18
N GLY E 292 -39.74 7.96 21.88
CA GLY E 292 -40.08 8.11 23.29
C GLY E 292 -41.59 8.33 23.46
N PHE E 293 -42.15 9.34 22.81
CA PHE E 293 -43.58 9.64 22.86
C PHE E 293 -44.45 8.46 22.40
N LYS E 294 -44.04 7.74 21.36
CA LYS E 294 -44.78 6.59 20.84
C LYS E 294 -44.99 5.52 21.90
N LEU E 295 -44.03 5.29 22.81
CA LEU E 295 -44.22 4.35 23.90
C LEU E 295 -45.22 4.87 24.93
N LEU E 296 -45.20 6.17 25.28
CA LEU E 296 -46.11 6.70 26.29
C LEU E 296 -47.56 6.82 25.77
N TYR E 297 -47.80 7.18 24.50
CA TYR E 297 -49.13 7.34 23.98
C TYR E 297 -49.31 6.68 22.62
N PRO E 298 -49.17 5.36 22.51
CA PRO E 298 -49.15 4.61 21.28
C PRO E 298 -50.44 4.60 20.51
N ASP E 299 -51.49 4.90 21.22
CA ASP E 299 -52.82 4.86 20.69
C ASP E 299 -53.17 6.16 20.04
N HIS E 300 -52.46 7.19 20.45
CA HIS E 300 -52.81 8.51 20.02
C HIS E 300 -51.79 9.07 19.07
N PHE E 301 -50.56 8.63 19.23
CA PHE E 301 -49.41 9.15 18.50
C PHE E 301 -49.06 8.20 17.36
N HIS E 302 -49.22 8.59 16.10
CA HIS E 302 -49.03 7.67 14.95
C HIS E 302 -47.98 8.14 13.97
N LEU E 303 -46.96 7.32 13.68
CA LEU E 303 -45.82 7.64 12.82
C LEU E 303 -45.86 6.82 11.53
N LEU E 304 -45.83 7.46 10.36
CA LEU E 304 -45.64 6.80 9.06
C LEU E 304 -44.19 6.89 8.58
N ARG E 305 -43.78 6.06 7.61
CA ARG E 305 -42.52 6.23 6.87
C ARG E 305 -42.63 7.34 5.82
N GLY E 306 -41.62 8.19 5.74
CA GLY E 306 -41.46 9.22 4.73
C GLY E 306 -40.97 8.68 3.39
N ASN E 307 -41.05 9.46 2.31
CA ASN E 307 -40.57 9.01 1.02
C ASN E 307 -39.09 9.25 0.72
N ALA E 308 -38.34 10.05 1.53
CA ALA E 308 -36.89 10.20 1.36
C ALA E 308 -36.16 9.28 2.31
N GLU E 309 -36.62 8.20 2.81
CA GLU E 309 -36.25 7.36 3.88
C GLU E 309 -35.91 5.94 3.43
N THR E 310 -34.62 5.64 3.20
CA THR E 310 -34.01 4.31 3.01
C THR E 310 -32.51 4.44 3.32
N ASP E 311 -31.78 3.33 3.55
CA ASP E 311 -30.30 3.35 3.70
C ASP E 311 -29.60 4.22 2.67
N ASN E 312 -30.10 4.16 1.43
CA ASN E 312 -29.58 4.92 0.30
C ASN E 312 -29.49 6.42 0.57
N MET E 313 -30.47 6.99 1.28
CA MET E 313 -30.51 8.40 1.68
C MET E 313 -29.99 8.64 3.10
N ASN E 314 -30.11 7.65 4.01
CA ASN E 314 -29.41 7.65 5.30
C ASN E 314 -27.89 7.83 5.10
N GLN E 315 -27.36 7.31 4.00
CA GLN E 315 -25.99 7.52 3.54
C GLN E 315 -25.78 8.89 2.89
N ILE E 316 -26.57 9.25 1.88
CA ILE E 316 -26.38 10.51 1.12
C ILE E 316 -26.41 11.76 2.02
N TYR E 317 -27.32 11.80 2.99
CA TYR E 317 -27.48 12.92 3.92
C TYR E 317 -26.81 12.69 5.30
N GLY E 318 -25.88 11.75 5.39
CA GLY E 318 -24.94 11.67 6.52
C GLY E 318 -25.52 11.22 7.86
N PHE E 319 -26.77 10.77 7.90
CA PHE E 319 -27.38 10.22 9.12
C PHE E 319 -26.62 8.98 9.58
N GLU E 320 -26.21 8.11 8.64
CA GLU E 320 -25.37 6.97 8.96
C GLU E 320 -24.06 7.42 9.64
N GLY E 321 -23.49 8.53 9.18
CA GLY E 321 -22.32 9.15 9.80
C GLY E 321 -22.59 9.72 11.19
N GLU E 322 -23.72 10.37 11.43
CA GLU E 322 -24.13 10.83 12.76
C GLU E 322 -24.17 9.66 13.74
N VAL E 323 -24.81 8.56 13.34
CA VAL E 323 -24.87 7.35 14.16
C VAL E 323 -23.47 6.83 14.41
N LYS E 324 -22.66 6.62 13.37
CA LYS E 324 -21.29 6.11 13.49
C LYS E 324 -20.33 7.05 14.22
N ALA E 325 -20.64 8.34 14.27
CA ALA E 325 -19.90 9.32 15.06
C ALA E 325 -20.26 9.18 16.55
N LYS E 326 -21.55 9.17 16.86
CA LYS E 326 -22.06 9.12 18.25
C LYS E 326 -21.99 7.72 18.87
N TYR E 327 -21.95 6.66 18.08
CA TYR E 327 -22.07 5.27 18.53
C TYR E 327 -21.34 4.26 17.63
N THR E 328 -20.92 3.11 18.17
CA THR E 328 -20.38 2.00 17.37
C THR E 328 -21.42 1.42 16.41
N ALA E 329 -20.99 0.88 15.26
CA ALA E 329 -21.84 0.54 14.11
C ALA E 329 -23.03 -0.37 14.40
N GLN E 330 -22.95 -1.26 15.39
CA GLN E 330 -24.08 -2.12 15.81
C GLN E 330 -25.33 -1.31 16.16
N MET E 331 -25.15 -0.07 16.65
CA MET E 331 -26.24 0.87 16.84
C MET E 331 -26.99 1.15 15.53
N TYR E 332 -26.26 1.32 14.42
CA TYR E 332 -26.86 1.51 13.10
C TYR E 332 -27.62 0.25 12.64
N GLU E 333 -27.14 -0.95 12.97
CA GLU E 333 -27.91 -2.17 12.70
C GLU E 333 -29.22 -2.22 13.47
N LEU E 334 -29.21 -1.83 14.74
CA LEU E 334 -30.42 -1.74 15.54
C LEU E 334 -31.37 -0.67 15.00
N PHE E 335 -30.89 0.52 14.66
CA PHE E 335 -31.71 1.57 14.05
C PHE E 335 -32.29 1.11 12.71
N SER E 336 -31.54 0.34 11.91
CA SER E 336 -32.05 -0.24 10.67
C SER E 336 -33.23 -1.15 10.95
N GLU E 337 -33.07 -2.10 11.88
CA GLU E 337 -34.15 -3.00 12.28
C GLU E 337 -35.41 -2.24 12.73
N VAL E 338 -35.23 -1.29 13.65
CA VAL E 338 -36.29 -0.44 14.16
C VAL E 338 -36.99 0.31 13.02
N PHE E 339 -36.23 0.99 12.17
CA PHE E 339 -36.75 1.78 11.05
C PHE E 339 -37.58 0.93 10.07
N GLU E 340 -37.10 -0.29 9.76
CA GLU E 340 -37.76 -1.17 8.81
C GLU E 340 -39.18 -1.55 9.19
N TRP E 341 -39.61 -1.44 10.44
CA TRP E 341 -41.02 -1.67 10.77
C TRP E 341 -41.95 -0.47 10.55
N LEU E 342 -41.52 0.73 10.08
CA LEU E 342 -42.51 1.82 9.94
C LEU E 342 -43.66 1.52 8.95
N PRO E 343 -44.94 1.80 9.29
CA PRO E 343 -46.06 1.65 8.34
C PRO E 343 -46.00 2.65 7.17
N LEU E 344 -46.65 2.36 6.05
CA LEU E 344 -46.71 3.29 4.90
C LEU E 344 -47.95 4.19 4.88
N ALA E 345 -49.06 3.78 5.50
CA ALA E 345 -50.36 4.44 5.37
C ALA E 345 -51.21 4.39 6.65
N GLN E 346 -52.19 5.29 6.73
CA GLN E 346 -53.24 5.28 7.75
C GLN E 346 -54.59 5.66 7.12
N CYS E 347 -55.67 5.01 7.54
CA CYS E 347 -57.05 5.35 7.14
C CYS E 347 -57.89 5.80 8.35
N ILE E 348 -58.53 6.96 8.24
CA ILE E 348 -59.41 7.56 9.25
C ILE E 348 -60.86 7.28 8.84
N ASN E 349 -61.59 6.59 9.70
CA ASN E 349 -63.01 6.27 9.53
C ASN E 349 -63.36 5.46 8.26
N GLY E 350 -62.36 4.91 7.57
CA GLY E 350 -62.50 4.38 6.20
C GLY E 350 -62.85 5.44 5.14
N LYS E 351 -62.71 6.74 5.46
CA LYS E 351 -63.10 7.89 4.63
C LYS E 351 -61.93 8.78 4.22
N VAL E 352 -60.84 8.87 4.97
CA VAL E 352 -59.64 9.62 4.54
C VAL E 352 -58.42 8.73 4.62
N LEU E 353 -57.64 8.64 3.53
CA LEU E 353 -56.43 7.81 3.45
C LEU E 353 -55.18 8.67 3.32
N ILE E 354 -54.25 8.46 4.25
CA ILE E 354 -53.00 9.19 4.35
C ILE E 354 -51.92 8.35 3.73
N MET E 355 -51.21 8.96 2.79
CA MET E 355 -50.14 8.37 1.98
C MET E 355 -49.00 9.40 1.88
N HIS E 356 -47.81 9.02 1.44
CA HIS E 356 -46.73 9.99 1.31
C HIS E 356 -46.68 10.62 -0.09
N GLY E 357 -46.57 9.76 -1.08
CA GLY E 357 -46.35 10.12 -2.48
C GLY E 357 -47.64 10.46 -3.21
N GLY E 358 -48.52 9.47 -3.42
CA GLY E 358 -49.77 9.68 -4.14
C GLY E 358 -50.50 8.41 -4.56
N LEU E 359 -51.29 8.50 -5.64
CA LEU E 359 -52.25 7.50 -6.09
C LEU E 359 -51.62 6.21 -6.64
N PHE E 360 -52.36 5.10 -6.52
CA PHE E 360 -52.00 3.77 -7.02
C PHE E 360 -52.07 3.66 -8.54
N SER E 361 -51.22 2.80 -9.10
CA SER E 361 -51.14 2.48 -10.54
C SER E 361 -52.48 2.05 -11.17
N GLU E 362 -53.45 1.55 -10.39
CA GLU E 362 -54.82 1.25 -10.82
C GLU E 362 -55.85 1.60 -9.75
N ASP E 363 -57.09 1.84 -10.16
CA ASP E 363 -58.21 2.15 -9.26
C ASP E 363 -58.75 0.93 -8.48
N GLY E 364 -58.36 -0.31 -8.83
CA GLY E 364 -58.87 -1.55 -8.23
C GLY E 364 -58.20 -1.97 -6.90
N VAL E 365 -57.21 -1.22 -6.40
CA VAL E 365 -56.49 -1.56 -5.17
C VAL E 365 -57.47 -1.61 -3.97
N THR E 366 -57.45 -2.73 -3.25
CA THR E 366 -58.48 -3.15 -2.29
C THR E 366 -57.90 -3.26 -0.87
N LEU E 367 -58.64 -2.86 0.16
CA LEU E 367 -58.10 -2.62 1.50
C LEU E 367 -57.42 -3.85 2.13
N ASP E 368 -58.01 -5.04 2.03
CA ASP E 368 -57.37 -6.26 2.54
C ASP E 368 -56.09 -6.62 1.76
N ASP E 369 -56.03 -6.31 0.46
CA ASP E 369 -54.81 -6.47 -0.33
C ASP E 369 -53.69 -5.53 0.16
N ILE E 370 -54.04 -4.32 0.64
CA ILE E 370 -53.08 -3.44 1.34
C ILE E 370 -52.62 -4.10 2.65
N ARG E 371 -53.50 -4.74 3.43
CA ARG E 371 -53.11 -5.51 4.64
C ARG E 371 -52.19 -6.70 4.32
N LYS E 372 -52.18 -7.18 3.08
CA LYS E 372 -51.33 -8.27 2.56
C LYS E 372 -50.02 -7.80 1.90
N ILE E 373 -49.75 -6.50 1.83
CA ILE E 373 -48.40 -5.97 1.50
C ILE E 373 -47.36 -6.43 2.54
N GLU E 374 -46.25 -6.96 2.02
CA GLU E 374 -45.15 -7.56 2.80
C GLU E 374 -44.14 -6.50 3.26
N ARG E 375 -44.10 -6.23 4.57
CA ARG E 375 -43.09 -5.42 5.27
C ARG E 375 -41.76 -6.21 5.40
N ASN E 376 -40.75 -5.66 6.08
CA ASN E 376 -39.41 -6.27 6.22
C ASN E 376 -38.65 -6.39 4.87
N ARG E 377 -38.80 -5.36 4.01
CA ARG E 377 -38.15 -5.17 2.71
C ARG E 377 -37.95 -3.66 2.46
N GLN E 378 -37.02 -3.27 1.59
CA GLN E 378 -36.98 -1.90 1.06
C GLN E 378 -38.16 -1.65 0.07
N PRO E 379 -38.70 -0.42 -0.03
CA PRO E 379 -39.65 -0.10 -1.07
C PRO E 379 -39.08 -0.27 -2.49
N PRO E 380 -39.85 -0.84 -3.44
CA PRO E 380 -39.60 -1.01 -4.85
C PRO E 380 -39.94 0.27 -5.57
N ASP E 381 -39.48 0.30 -6.82
CA ASP E 381 -39.78 1.30 -7.83
C ASP E 381 -40.99 0.94 -8.72
N SER E 382 -41.89 0.12 -8.21
CA SER E 382 -43.13 -0.30 -8.85
C SER E 382 -44.07 -0.94 -7.82
N GLY E 383 -45.37 -0.91 -8.09
CA GLY E 383 -46.36 -1.56 -7.21
C GLY E 383 -46.77 -0.63 -6.07
N PRO E 384 -47.75 -1.02 -5.23
CA PRO E 384 -48.33 -0.24 -4.15
C PRO E 384 -47.32 0.41 -3.21
N MET E 385 -46.17 -0.22 -2.92
CA MET E 385 -45.26 0.46 -2.01
C MET E 385 -44.64 1.71 -2.64
N CYS E 386 -44.32 1.82 -3.90
CA CYS E 386 -43.94 3.19 -4.32
C CYS E 386 -44.94 3.90 -5.15
N ASP E 387 -46.14 3.40 -5.02
CA ASP E 387 -47.23 4.35 -5.20
C ASP E 387 -47.40 5.17 -3.92
N LEU E 388 -47.40 4.47 -2.77
CA LEU E 388 -47.52 5.04 -1.44
C LEU E 388 -46.41 6.03 -1.09
N LEU E 389 -45.17 5.79 -1.51
CA LEU E 389 -44.03 6.66 -1.24
C LEU E 389 -43.66 7.57 -2.42
N TRP E 390 -43.67 7.09 -3.66
CA TRP E 390 -43.15 7.90 -4.79
C TRP E 390 -44.11 8.18 -5.95
N SER E 391 -45.39 7.80 -5.87
CA SER E 391 -46.38 8.51 -6.69
C SER E 391 -46.38 10.00 -6.32
N ASP E 392 -46.96 10.90 -7.13
CA ASP E 392 -46.65 12.34 -7.02
C ASP E 392 -47.72 13.18 -7.75
N PRO E 393 -48.85 13.54 -7.10
CA PRO E 393 -50.01 13.98 -7.88
C PRO E 393 -49.88 15.25 -8.73
N GLN E 394 -50.43 15.15 -9.94
CA GLN E 394 -50.53 16.18 -10.97
C GLN E 394 -51.84 16.98 -10.90
N PRO E 395 -51.92 18.08 -11.68
CA PRO E 395 -53.19 18.59 -12.18
C PRO E 395 -53.79 17.71 -13.31
N GLN E 396 -53.05 17.35 -14.37
CA GLN E 396 -53.62 16.69 -15.57
C GLN E 396 -53.99 15.21 -15.37
N ASN E 397 -55.04 14.75 -16.04
CA ASN E 397 -55.90 13.62 -15.63
C ASN E 397 -55.26 12.25 -15.35
N GLY E 398 -54.37 11.84 -16.24
CA GLY E 398 -54.02 10.43 -16.43
C GLY E 398 -52.95 9.96 -15.45
N ARG E 399 -51.92 9.31 -16.02
CA ARG E 399 -51.07 8.28 -15.41
C ARG E 399 -49.62 8.36 -15.90
N SER E 400 -48.62 8.22 -15.03
CA SER E 400 -47.19 8.29 -15.43
C SER E 400 -46.55 6.91 -15.68
N ILE E 401 -45.27 6.92 -16.08
CA ILE E 401 -44.46 5.77 -16.52
C ILE E 401 -43.18 5.64 -15.66
N SER E 402 -42.60 4.44 -15.57
CA SER E 402 -41.75 4.03 -14.46
C SER E 402 -40.36 4.69 -14.32
N LYS E 403 -40.13 5.43 -13.22
CA LYS E 403 -38.93 6.17 -12.78
C LYS E 403 -39.02 6.54 -11.28
N ARG E 404 -37.97 7.09 -10.63
CA ARG E 404 -38.06 7.88 -9.38
C ARG E 404 -38.60 7.10 -8.18
N GLY E 405 -38.29 5.80 -8.13
CA GLY E 405 -38.87 4.90 -7.13
C GLY E 405 -40.30 4.49 -7.48
N VAL E 406 -40.66 4.38 -8.75
CA VAL E 406 -42.00 4.36 -9.36
C VAL E 406 -42.32 3.63 -10.62
N SER E 407 -43.62 3.29 -10.70
CA SER E 407 -44.32 3.10 -11.97
C SER E 407 -45.22 4.26 -12.39
N CYS E 408 -46.11 4.77 -11.51
CA CYS E 408 -47.14 5.75 -11.93
C CYS E 408 -47.45 6.90 -10.93
N GLN E 409 -47.92 8.03 -11.46
CA GLN E 409 -48.32 9.31 -10.82
C GLN E 409 -49.53 9.92 -11.61
N PHE E 410 -50.37 10.78 -11.01
CA PHE E 410 -51.77 10.93 -11.51
C PHE E 410 -52.49 12.29 -11.40
N GLY E 411 -53.48 12.53 -12.28
CA GLY E 411 -54.60 13.46 -12.04
C GLY E 411 -55.90 12.78 -11.55
N PRO E 412 -57.03 13.52 -11.55
CA PRO E 412 -58.29 13.10 -10.93
C PRO E 412 -58.88 11.76 -11.35
N ASP E 413 -58.74 11.34 -12.61
CA ASP E 413 -59.63 10.32 -13.18
C ASP E 413 -59.59 8.93 -12.52
N VAL E 414 -58.39 8.40 -12.25
CA VAL E 414 -58.26 7.13 -11.53
C VAL E 414 -58.74 7.26 -10.09
N THR E 415 -58.62 8.45 -9.49
CA THR E 415 -59.05 8.68 -8.10
C THR E 415 -60.55 8.70 -7.98
N LYS E 416 -61.28 9.21 -8.98
CA LYS E 416 -62.74 9.09 -8.99
C LYS E 416 -63.14 7.63 -8.79
N ALA E 417 -62.52 6.71 -9.53
CA ALA E 417 -62.81 5.28 -9.44
C ALA E 417 -62.16 4.56 -8.24
N PHE E 418 -60.99 5.02 -7.76
CA PHE E 418 -60.36 4.43 -6.58
C PHE E 418 -61.13 4.74 -5.30
N LEU E 419 -61.47 6.01 -5.09
CA LEU E 419 -62.22 6.48 -3.93
C LEU E 419 -63.61 5.85 -3.85
N GLU E 420 -64.21 5.53 -5.00
CA GLU E 420 -65.46 4.78 -5.04
C GLU E 420 -65.32 3.33 -4.57
N GLU E 421 -64.17 2.63 -4.70
CA GLU E 421 -64.04 1.23 -4.23
C GLU E 421 -64.12 1.09 -2.71
N ASN E 422 -63.35 1.92 -2.03
CA ASN E 422 -62.97 1.90 -0.64
C ASN E 422 -63.85 2.82 0.23
N ASN E 423 -64.78 3.59 -0.36
CA ASN E 423 -65.63 4.62 0.25
C ASN E 423 -64.89 5.87 0.79
N LEU E 424 -63.70 6.19 0.26
CA LEU E 424 -62.94 7.40 0.63
C LEU E 424 -63.56 8.72 0.12
N ASP E 425 -63.25 9.82 0.79
CA ASP E 425 -63.59 11.20 0.45
C ASP E 425 -62.46 11.89 -0.33
N TYR E 426 -61.24 11.87 0.22
CA TYR E 426 -60.02 12.45 -0.33
C TYR E 426 -58.77 11.80 0.28
N ILE E 427 -57.59 12.11 -0.27
CA ILE E 427 -56.29 11.57 0.11
C ILE E 427 -55.37 12.65 0.68
N ILE E 428 -54.55 12.33 1.67
CA ILE E 428 -53.54 13.24 2.23
C ILE E 428 -52.15 12.84 1.74
N ARG E 429 -51.33 13.80 1.32
CA ARG E 429 -49.94 13.62 0.84
C ARG E 429 -48.95 14.59 1.52
N SER E 430 -47.66 14.24 1.50
CA SER E 430 -46.58 15.04 2.13
C SER E 430 -45.32 15.15 1.26
N HIS E 431 -45.39 14.83 -0.04
CA HIS E 431 -44.20 14.92 -0.91
C HIS E 431 -43.77 16.35 -1.30
N GLU E 432 -44.71 17.29 -1.48
CA GLU E 432 -44.45 18.58 -2.12
C GLU E 432 -44.75 19.77 -1.22
N VAL E 433 -43.81 20.68 -1.09
CA VAL E 433 -43.92 21.99 -0.45
C VAL E 433 -45.00 22.93 -1.02
N LYS E 434 -45.83 23.60 -0.22
CA LYS E 434 -46.80 24.56 -0.77
C LYS E 434 -46.96 25.77 0.16
N ALA E 435 -47.33 26.92 -0.39
CA ALA E 435 -47.08 28.25 0.19
C ALA E 435 -47.55 28.42 1.65
N GLU E 436 -48.78 28.00 1.95
CA GLU E 436 -49.38 28.10 3.29
C GLU E 436 -49.08 26.86 4.17
N GLY E 437 -48.21 25.97 3.72
CA GLY E 437 -47.93 24.68 4.30
C GLY E 437 -48.78 23.52 3.75
N TYR E 438 -49.72 23.81 2.85
CA TYR E 438 -50.72 22.88 2.33
C TYR E 438 -51.32 23.40 1.01
N GLU E 439 -52.10 22.55 0.33
CA GLU E 439 -53.08 22.94 -0.69
C GLU E 439 -54.15 21.85 -0.77
N VAL E 440 -55.38 22.17 -1.18
CA VAL E 440 -56.37 21.18 -1.62
C VAL E 440 -56.41 21.18 -3.15
N ALA E 441 -56.21 20.01 -3.75
CA ALA E 441 -55.78 19.83 -5.14
C ALA E 441 -56.42 18.57 -5.77
N HIS E 442 -56.01 18.20 -6.99
CA HIS E 442 -56.38 16.92 -7.62
C HIS E 442 -57.90 16.77 -7.85
N GLY E 443 -58.52 17.78 -8.46
CA GLY E 443 -59.99 17.90 -8.59
C GLY E 443 -60.71 18.12 -7.25
N GLY E 444 -60.01 18.62 -6.23
CA GLY E 444 -60.48 18.72 -4.85
C GLY E 444 -60.41 17.41 -4.05
N ARG E 445 -59.92 16.31 -4.65
CA ARG E 445 -59.87 14.97 -4.04
C ARG E 445 -58.55 14.64 -3.34
N CYS E 446 -57.59 15.57 -3.23
CA CYS E 446 -56.35 15.35 -2.48
C CYS E 446 -55.93 16.63 -1.75
N VAL E 447 -55.11 16.50 -0.69
CA VAL E 447 -54.55 17.62 0.09
C VAL E 447 -53.07 17.40 0.42
N THR E 448 -52.34 18.50 0.57
CA THR E 448 -50.92 18.57 1.04
C THR E 448 -50.79 18.89 2.55
N VAL E 449 -49.77 18.42 3.24
CA VAL E 449 -49.33 19.06 4.49
C VAL E 449 -47.86 18.82 4.76
N PHE E 450 -47.12 19.81 5.27
CA PHE E 450 -45.95 19.48 6.10
C PHE E 450 -45.50 20.50 7.15
N SER E 451 -44.74 19.93 8.10
CA SER E 451 -44.34 20.50 9.38
C SER E 451 -43.21 21.52 9.27
N ALA E 452 -42.24 21.34 8.38
CA ALA E 452 -41.17 22.34 8.30
C ALA E 452 -41.53 23.56 7.43
N PRO E 453 -41.48 24.79 7.93
CA PRO E 453 -41.40 25.97 7.09
C PRO E 453 -39.92 26.20 6.67
N ASN E 454 -39.65 26.79 5.52
CA ASN E 454 -38.30 26.84 4.92
C ASN E 454 -37.64 25.43 4.84
N TYR E 455 -38.30 24.47 4.22
CA TYR E 455 -37.81 23.12 3.97
C TYR E 455 -36.37 23.07 3.37
N CYS E 456 -36.04 23.87 2.35
CA CYS E 456 -34.85 23.54 1.55
C CYS E 456 -34.37 24.69 0.65
N ASP E 457 -33.39 24.41 -0.19
CA ASP E 457 -33.00 25.22 -1.36
C ASP E 457 -34.14 25.39 -2.39
N GLN E 458 -35.19 24.56 -2.24
CA GLN E 458 -36.28 24.30 -3.17
C GLN E 458 -37.61 24.94 -2.73
N MET E 459 -37.92 25.00 -1.43
CA MET E 459 -38.93 25.95 -0.93
C MET E 459 -38.64 26.63 0.41
N GLY E 460 -38.85 27.95 0.42
CA GLY E 460 -38.98 28.83 1.60
C GLY E 460 -40.42 28.89 2.12
N ASN E 461 -41.10 27.74 2.20
CA ASN E 461 -42.54 27.62 2.47
C ASN E 461 -42.92 28.08 3.90
N LYS E 462 -44.17 28.52 4.14
CA LYS E 462 -44.77 28.37 5.48
C LYS E 462 -45.14 26.91 5.71
N ALA E 463 -45.44 26.53 6.95
CA ALA E 463 -45.91 25.20 7.26
C ALA E 463 -47.31 25.26 7.88
N SER E 464 -47.92 24.08 7.99
CA SER E 464 -49.19 23.89 8.66
C SER E 464 -49.41 22.48 9.13
N TYR E 465 -50.39 22.34 9.99
CA TYR E 465 -50.89 21.06 10.44
C TYR E 465 -52.36 20.95 10.04
N ILE E 466 -52.79 19.84 9.44
CA ILE E 466 -54.22 19.64 9.18
C ILE E 466 -54.90 19.31 10.50
N HIS E 467 -56.03 19.94 10.78
CA HIS E 467 -56.93 19.56 11.85
C HIS E 467 -58.18 18.92 11.26
N LEU E 468 -58.50 17.72 11.73
CA LEU E 468 -59.61 16.89 11.23
C LEU E 468 -60.55 16.59 12.37
N GLN E 469 -61.86 16.79 12.23
CA GLN E 469 -62.81 16.40 13.24
C GLN E 469 -63.60 15.24 12.76
N GLY E 470 -63.98 14.29 13.62
CA GLY E 470 -64.87 13.22 13.15
C GLY E 470 -66.18 13.77 12.56
N SER E 471 -66.61 14.94 13.03
CA SER E 471 -67.78 15.64 12.52
C SER E 471 -67.54 16.48 11.28
N ASP E 472 -66.28 16.75 10.96
CA ASP E 472 -65.90 17.60 9.86
C ASP E 472 -64.48 17.33 9.40
N LEU E 473 -64.35 16.48 8.37
CA LEU E 473 -63.08 16.09 7.80
C LEU E 473 -62.58 17.05 6.71
N ARG E 474 -63.18 18.23 6.47
CA ARG E 474 -62.60 19.22 5.54
C ARG E 474 -61.32 19.67 6.23
N PRO E 475 -60.12 19.57 5.62
CA PRO E 475 -58.93 20.02 6.29
C PRO E 475 -59.06 21.43 6.86
N GLN E 476 -58.75 21.59 8.15
CA GLN E 476 -58.78 22.86 8.83
C GLN E 476 -57.32 23.11 9.12
N PHE E 477 -56.86 24.35 9.27
CA PHE E 477 -55.43 24.47 9.50
C PHE E 477 -54.90 25.35 10.61
N HIS E 478 -53.76 24.89 11.12
CA HIS E 478 -52.93 25.67 12.02
C HIS E 478 -51.82 26.21 11.17
N GLN E 479 -51.58 27.50 11.22
CA GLN E 479 -50.53 28.17 10.42
C GLN E 479 -49.26 28.30 11.26
N PHE E 480 -48.18 27.71 10.76
CA PHE E 480 -46.92 27.60 11.47
C PHE E 480 -45.84 28.42 10.76
N THR E 481 -45.43 29.55 11.36
CA THR E 481 -44.47 30.48 10.77
C THR E 481 -43.17 30.51 11.55
N ALA E 482 -43.03 29.60 12.48
CA ALA E 482 -41.85 29.58 13.33
C ALA E 482 -40.70 28.96 12.57
N VAL E 483 -40.06 29.79 11.74
CA VAL E 483 -38.97 29.35 10.90
C VAL E 483 -37.60 29.24 11.53
N PRO E 484 -36.98 28.05 11.58
CA PRO E 484 -35.64 27.85 12.04
C PRO E 484 -34.83 28.28 10.87
N HIS E 485 -33.65 28.67 10.94
CA HIS E 485 -32.64 28.97 9.97
C HIS E 485 -33.13 30.00 8.92
PB ADP F . 27.94 34.63 2.00
O1B ADP F . 27.81 35.93 2.68
O2B ADP F . 26.62 34.07 1.59
O3B ADP F . 28.60 33.68 2.93
PA ADP F . 28.39 35.13 -0.63
O1A ADP F . 29.39 34.69 -1.64
O2A ADP F . 27.06 34.53 -1.01
O3A ADP F . 28.89 34.78 0.78
O5' ADP F . 28.36 36.71 -0.53
C5' ADP F . 29.59 37.42 -0.40
C4' ADP F . 29.35 38.80 0.24
O4' ADP F . 28.72 39.68 -0.68
C3' ADP F . 28.38 38.78 1.41
O3' ADP F . 28.96 38.27 2.61
C2' ADP F . 27.99 40.25 1.50
O2' ADP F . 28.95 40.88 2.30
C1' ADP F . 28.06 40.74 0.04
N9 ADP F . 26.77 40.96 -0.56
C8 ADP F . 26.12 40.17 -1.51
N7 ADP F . 24.97 40.72 -1.95
C5 ADP F . 24.96 41.90 -1.25
C6 ADP F . 24.04 42.94 -1.32
N6 ADP F . 22.99 42.93 -2.15
N1 ADP F . 24.14 44.03 -0.60
C2 ADP F . 25.20 44.07 0.22
N3 ADP F . 26.14 43.11 0.38
C4 ADP F . 25.99 42.05 -0.40
H5'1 ADP F . 30.28 36.85 0.23
H5'2 ADP F . 30.05 37.54 -1.40
H4' ADP F . 30.31 39.22 0.55
H3' ADP F . 27.48 38.20 1.14
HO3' ADP F . 28.54 37.41 2.71
H2' ADP F . 26.97 40.36 1.93
HO2' ADP F . 29.16 40.14 2.90
H1' ADP F . 28.63 41.68 -0.02
H8 ADP F . 26.53 39.23 -1.85
HN61 ADP F . 22.20 43.46 -1.80
HN62 ADP F . 22.80 42.02 -2.55
H2 ADP F . 25.31 44.95 0.84
MG MG G . 25.50 33.72 -0.12
K K H . 33.19 36.16 -2.16
MG MG I . 46.42 14.50 -3.93
PG ATP J . 43.92 15.85 -5.08
O1G ATP J . 42.88 15.34 -6.01
O2G ATP J . 43.22 16.61 -4.03
O3G ATP J . 44.63 14.68 -4.48
PB ATP J . 46.46 16.76 -5.60
O1B ATP J . 47.05 15.42 -5.45
O2B ATP J . 47.25 17.57 -6.56
O3B ATP J . 44.91 16.79 -5.84
PA ATP J . 47.13 17.13 -3.07
O1A ATP J . 46.95 18.17 -2.05
O2A ATP J . 46.77 15.78 -2.59
O3A ATP J . 46.39 17.56 -4.31
O5' ATP J . 48.61 17.12 -3.61
C5' ATP J . 49.23 18.34 -3.94
C4' ATP J . 50.57 17.99 -4.58
O4' ATP J . 51.44 17.49 -3.58
C3' ATP J . 50.50 16.86 -5.56
O3' ATP J . 49.93 17.24 -6.79
C2' ATP J . 51.96 16.47 -5.64
O2' ATP J . 52.67 17.39 -6.44
C1' ATP J . 52.43 16.69 -4.21
N9 ATP J . 52.58 15.47 -3.48
C8 ATP J . 51.95 15.08 -2.30
N7 ATP J . 52.54 14.01 -1.74
C5 ATP J . 53.56 13.79 -2.59
C6 ATP J . 54.57 12.86 -2.52
N6 ATP J . 54.70 12.00 -1.51
N1 ATP J . 55.52 12.75 -3.42
C2 ATP J . 55.43 13.63 -4.43
N3 ATP J . 54.51 14.58 -4.60
C4 ATP J . 53.59 14.64 -3.64
H5'1 ATP J . 49.40 18.94 -3.04
H5'2 ATP J . 48.63 18.88 -4.67
H4' ATP J . 50.99 18.88 -5.05
H3' ATP J . 49.96 16.00 -5.14
HO3' ATP J . 48.97 17.14 -6.68
H2' ATP J . 52.08 15.43 -5.97
HO2' ATP J . 53.54 17.00 -6.63
H1' ATP J . 53.40 17.20 -4.18
H8 ATP J . 51.11 15.63 -1.90
HN61 ATP J . 53.87 11.92 -0.95
HN62 ATP J . 55.18 11.14 -1.75
H2 ATP J . 56.22 13.57 -5.20
K K K . 47.90 21.46 -3.54
MN MN L . -39.75 13.88 2.62
MN MN M . -40.44 13.69 -0.87
#